data_8SAS
#
_entry.id   8SAS
#
_cell.length_a   1.00
_cell.length_b   1.00
_cell.length_c   1.00
_cell.angle_alpha   90.00
_cell.angle_beta   90.00
_cell.angle_gamma   90.00
#
_symmetry.space_group_name_H-M   'P 1'
#
loop_
_entity.id
_entity.type
_entity.pdbx_description
1 polymer 'CH848.10.17 gp120'
2 polymer 'CH848.10.17 gp41'
3 polymer 'DH270.5 variable heavy chian'
4 polymer 'DH270.5 variable light chain'
5 branched alpha-D-mannopyranose-(1-3)-[alpha-D-mannopyranose-(1-6)]beta-D-mannopyranose-(1-4)-2-acetamido-2-deoxy-beta-D-glucopyranose-(1-4)-2-acetamido-2-deoxy-beta-D-glucopyranose
6 branched alpha-D-mannopyranose-(1-2)-alpha-D-mannopyranose-(1-2)-alpha-D-mannopyranose-(1-3)-[alpha-D-mannopyranose-(1-2)-alpha-D-mannopyranose-(1-6)-alpha-D-mannopyranose-(1-6)]beta-D-mannopyranose-(1-4)-2-acetamido-2-deoxy-beta-D-glucopyranose-(1-4)-2-acetamido-2-deoxy-beta-D-glucopyranose
7 branched beta-D-mannopyranose-(1-4)-2-acetamido-2-deoxy-beta-D-glucopyranose-(1-4)-2-acetamido-2-deoxy-beta-D-glucopyranose
8 branched alpha-D-mannopyranose-(1-2)-alpha-D-mannopyranose-(1-3)-[alpha-D-mannopyranose-(1-6)]beta-D-mannopyranose-(1-4)-2-acetamido-2-deoxy-beta-D-glucopyranose-(1-4)-2-acetamido-2-deoxy-beta-D-glucopyranose
9 branched alpha-D-mannopyranose-(1-2)-alpha-D-mannopyranose-(1-2)-alpha-D-mannopyranose-(1-3)-[alpha-D-mannopyranose-(1-2)-alpha-D-mannopyranose-(1-3)-[alpha-D-mannopyranose-(1-2)-alpha-D-mannopyranose-(1-6)]alpha-D-mannopyranose-(1-6)]beta-D-mannopyranose-(1-4)-2-acetamido-2-deoxy-beta-D-glucopyranose-(1-4)-2-acetamido-2-deoxy-beta-D-glucopyranose
10 branched alpha-D-mannopyranose-(1-2)-alpha-D-mannopyranose-(1-2)-alpha-D-mannopyranose-(1-3)-[alpha-D-mannopyranose-(1-3)-[alpha-D-mannopyranose-(1-6)]alpha-D-mannopyranose-(1-6)]beta-D-mannopyranose-(1-4)-2-acetamido-2-deoxy-beta-D-glucopyranose-(1-4)-2-acetamido-2-deoxy-beta-D-glucopyranose
11 branched alpha-D-mannopyranose-(1-6)-beta-D-mannopyranose-(1-4)-2-acetamido-2-deoxy-beta-D-glucopyranose-(1-4)-2-acetamido-2-deoxy-beta-D-glucopyranose
12 branched alpha-D-mannopyranose-(1-3)-beta-D-mannopyranose-(1-4)-2-acetamido-2-deoxy-beta-D-glucopyranose-(1-4)-2-acetamido-2-deoxy-beta-D-glucopyranose
#
loop_
_entity_poly.entity_id
_entity_poly.type
_entity_poly.pdbx_seq_one_letter_code
_entity_poly.pdbx_strand_id
1 'polypeptide(L)'
;AENLWVTVYYGVPVWKEAKTTLFCASDARAYEKEVHNVWATHACVPTDPSPQELVLGNVTENFNMWKNDMVDQMHEDIIS
LWDQSLKPCVKLTPLCVTLICSNATVKNGTVEEMKNCSFNTTTEIRDKEKKEYALFYKPDIVPLSETNNTSEYRLINCNT
SACTQACPKVTFEPIPIHYCAPAGYAILKCNDETFNGTGPCSNVSTVQCTHGIRPVVSTQLLLNGSLAEKEIVIRSENLT
NNAKIIIVHLHTPVEIVCTRPNNNTRKSVRIGPGQTFYATGDIIGDIKQAHCNISEEKWNDTLQKVGIELQKHFPNKTIK
YNQSAGGDMEITTHSFNCGGEFFYCNTSNLFNGTYNGTYISTNSSANSTSTITLQCRIKQIINMWQGVGRCMYAPPIAGN
ITCRSNITGLLLTRDGGTNSNETETFRPAGGDMRDNWRSELYKYKVVKIEPLGVAPTRCKRRV
;
A,F,K
2 'polypeptide(L)'
;AVGIGAVFLGFLGAAGSTMGAASMTLTVQARNLLSGTVWGIKQLQARVLAVERYLRDQQLLGIWGCSGKLICCTNVPWNS
SWSNRNLSEIWDNMTWLQWDKEISNYTQIIYGLLEESQNQQEKNEQDLLALD
;
B,G,L
3 'polypeptide(L)'
;QVQLVQSGAEVKNPGASVKVSCAPSGYTFTDFYIHWVRLAPGQGLEWLGWMNPKTGRTNQGQNFQGRVTMTRDTSIGTAY
MELRSLTSDDTAVYYCVTGAWISDYYDSSYYPNFDHWGQGTLVTVSS
;
C,H,M
4 'polypeptide(L)'
;LPVLTQPASVSGSPGQSITISCTGTIYDVGKFDLVSWYQHHPGKAPKYLIYEVKKWPSGVSHRFSGSKSGNTASLTISGL
QVEDEADYYCCSFGGSAAVVCGGGTKVTVLG
;
D,I,N
#
# COMPACT_ATOMS: atom_id res chain seq x y z
N GLU A 2 1.02 -41.34 55.75
CA GLU A 2 0.85 -41.99 54.42
C GLU A 2 1.98 -41.59 53.48
N ASN A 3 2.58 -42.58 52.82
CA ASN A 3 3.63 -42.32 51.84
C ASN A 3 2.99 -41.82 50.55
N LEU A 4 3.65 -40.88 49.88
CA LEU A 4 3.12 -40.31 48.65
C LEU A 4 4.22 -39.58 47.90
N TRP A 5 4.35 -39.90 46.60
CA TRP A 5 5.36 -39.33 45.73
C TRP A 5 4.76 -38.20 44.89
N VAL A 6 5.61 -37.58 44.07
CA VAL A 6 5.12 -36.55 43.16
C VAL A 6 4.28 -37.21 42.08
N THR A 7 3.31 -36.47 41.56
CA THR A 7 2.40 -37.01 40.56
C THR A 7 1.77 -35.85 39.79
N VAL A 8 1.69 -36.00 38.47
CA VAL A 8 1.37 -34.91 37.56
C VAL A 8 0.04 -35.18 36.88
N TYR A 9 -0.46 -34.15 36.19
CA TYR A 9 -1.73 -34.23 35.47
C TYR A 9 -1.60 -33.44 34.17
N TYR A 10 -2.71 -33.39 33.42
CA TYR A 10 -2.82 -32.54 32.24
C TYR A 10 -4.29 -32.24 31.99
N GLY A 11 -4.54 -31.13 31.30
CA GLY A 11 -5.89 -30.72 30.99
C GLY A 11 -6.65 -30.13 32.16
N VAL A 12 -5.96 -29.79 33.23
CA VAL A 12 -6.64 -29.36 34.46
C VAL A 12 -7.28 -27.99 34.23
N PRO A 13 -8.44 -27.68 34.84
CA PRO A 13 -8.94 -26.30 34.80
C PRO A 13 -8.24 -25.40 35.80
N VAL A 14 -7.34 -24.56 35.31
CA VAL A 14 -6.67 -23.54 36.12
C VAL A 14 -6.37 -22.37 35.18
N TRP A 15 -6.71 -21.16 35.62
CA TRP A 15 -6.71 -20.01 34.74
C TRP A 15 -6.02 -18.82 35.40
N LYS A 16 -5.38 -18.00 34.56
CA LYS A 16 -4.88 -16.69 34.93
C LYS A 16 -5.48 -15.67 33.97
N GLU A 17 -5.70 -14.45 34.45
CA GLU A 17 -6.10 -13.38 33.56
C GLU A 17 -4.94 -13.03 32.63
N ALA A 18 -5.26 -12.70 31.39
CA ALA A 18 -4.21 -12.49 30.39
C ALA A 18 -4.70 -11.61 29.24
N LYS A 19 -3.81 -10.75 28.78
CA LYS A 19 -3.94 -10.11 27.49
C LYS A 19 -3.88 -11.17 26.40
N THR A 20 -4.47 -10.86 25.23
CA THR A 20 -4.37 -11.72 24.06
C THR A 20 -5.01 -11.07 22.85
N THR A 21 -4.74 -11.67 21.67
CA THR A 21 -5.36 -11.26 20.42
C THR A 21 -6.54 -12.18 20.07
N LEU A 22 -7.70 -11.55 19.87
CA LEU A 22 -9.01 -12.16 20.06
C LEU A 22 -9.60 -12.58 18.71
N PHE A 23 -10.72 -13.29 18.79
CA PHE A 23 -11.60 -13.54 17.66
C PHE A 23 -12.91 -12.79 17.82
N CYS A 24 -13.53 -12.49 16.67
CA CYS A 24 -14.93 -12.12 16.57
C CYS A 24 -15.67 -13.23 15.86
N ALA A 25 -16.99 -13.06 15.81
CA ALA A 25 -17.89 -13.92 15.06
C ALA A 25 -19.22 -13.17 14.98
N SER A 26 -20.08 -13.54 14.04
CA SER A 26 -21.35 -12.83 13.90
C SER A 26 -22.35 -13.71 13.18
N ASP A 27 -23.62 -13.28 13.23
CA ASP A 27 -24.59 -13.89 12.35
C ASP A 27 -24.19 -13.64 10.90
N ALA A 28 -24.83 -14.38 9.99
CA ALA A 28 -24.56 -14.22 8.57
C ALA A 28 -25.03 -12.88 8.02
N ARG A 29 -25.57 -11.99 8.84
CA ARG A 29 -26.15 -10.75 8.37
C ARG A 29 -25.14 -9.88 7.62
N ALA A 30 -23.84 -10.15 7.77
CA ALA A 30 -22.80 -9.38 7.12
C ALA A 30 -22.40 -9.89 5.73
N TYR A 31 -22.45 -11.21 5.49
CA TYR A 31 -21.89 -11.83 4.29
C TYR A 31 -22.71 -11.64 3.01
N GLU A 32 -24.00 -11.31 3.08
CA GLU A 32 -24.84 -11.36 1.88
C GLU A 32 -24.61 -10.20 0.92
N LYS A 33 -23.90 -9.15 1.33
CA LYS A 33 -23.71 -7.95 0.52
C LYS A 33 -22.25 -7.80 0.15
N GLU A 34 -21.96 -6.73 -0.59
CA GLU A 34 -20.70 -6.59 -1.32
C GLU A 34 -19.52 -6.39 -0.35
N VAL A 35 -18.34 -6.19 -0.93
CA VAL A 35 -17.09 -6.18 -0.18
C VAL A 35 -16.98 -4.92 0.69
N HIS A 36 -16.58 -5.11 1.95
CA HIS A 36 -16.44 -4.02 2.92
C HIS A 36 -17.72 -3.20 3.05
N ASN A 37 -18.87 -3.88 3.03
CA ASN A 37 -20.20 -3.31 3.26
C ASN A 37 -21.11 -4.40 3.85
N VAL A 38 -21.29 -4.45 5.18
CA VAL A 38 -20.64 -3.74 6.27
C VAL A 38 -19.29 -4.47 6.45
N TRP A 39 -18.38 -3.87 7.22
CA TRP A 39 -17.05 -4.45 7.39
C TRP A 39 -17.08 -5.83 8.05
N ALA A 40 -18.18 -6.18 8.76
CA ALA A 40 -18.31 -7.53 9.32
C ALA A 40 -18.31 -8.60 8.24
N THR A 41 -18.67 -8.24 7.01
CA THR A 41 -18.79 -9.21 5.94
C THR A 41 -17.49 -9.99 5.74
N HIS A 42 -16.35 -9.36 5.99
CA HIS A 42 -15.05 -10.00 5.92
C HIS A 42 -14.36 -10.06 7.27
N ALA A 43 -14.78 -9.27 8.25
CA ALA A 43 -14.01 -9.18 9.49
C ALA A 43 -14.25 -10.35 10.43
N CYS A 44 -15.26 -11.18 10.16
CA CYS A 44 -15.61 -12.28 11.05
C CYS A 44 -15.89 -13.61 10.34
N VAL A 45 -15.97 -14.65 11.17
CA VAL A 45 -16.33 -16.04 10.83
C VAL A 45 -17.75 -16.29 11.35
N PRO A 46 -18.55 -17.21 10.78
CA PRO A 46 -19.86 -17.47 11.37
C PRO A 46 -19.72 -18.03 12.77
N THR A 47 -20.65 -17.64 13.63
CA THR A 47 -20.57 -17.92 15.06
C THR A 47 -21.50 -19.08 15.38
N ASP A 48 -21.23 -19.78 16.49
CA ASP A 48 -22.20 -20.65 17.14
C ASP A 48 -22.25 -20.23 18.61
N PRO A 49 -23.35 -20.41 19.31
CA PRO A 49 -23.28 -20.39 20.78
C PRO A 49 -22.96 -21.76 21.35
N SER A 50 -21.89 -22.40 20.89
CA SER A 50 -21.49 -23.74 21.34
C SER A 50 -20.02 -23.76 21.75
N PRO A 51 -19.65 -24.15 22.99
CA PRO A 51 -20.48 -24.61 24.13
C PRO A 51 -21.35 -23.51 24.73
N GLN A 52 -22.44 -23.90 25.38
CA GLN A 52 -23.42 -22.96 25.87
C GLN A 52 -22.84 -22.12 27.02
N GLU A 53 -23.61 -21.12 27.43
CA GLU A 53 -23.32 -20.36 28.64
C GLU A 53 -23.49 -21.25 29.86
N LEU A 54 -22.37 -21.65 30.46
CA LEU A 54 -22.33 -22.62 31.53
C LEU A 54 -21.99 -21.92 32.84
N VAL A 55 -22.79 -22.16 33.88
CA VAL A 55 -22.47 -21.66 35.21
C VAL A 55 -21.40 -22.54 35.82
N LEU A 56 -20.37 -21.91 36.38
CA LEU A 56 -19.28 -22.65 37.01
C LEU A 56 -19.74 -23.22 38.35
N GLY A 57 -18.92 -24.06 38.94
CA GLY A 57 -19.26 -24.69 40.21
C GLY A 57 -19.19 -23.73 41.39
N ASN A 58 -18.79 -24.24 42.56
CA ASN A 58 -18.68 -23.41 43.75
C ASN A 58 -17.40 -22.57 43.70
N VAL A 59 -17.35 -21.62 42.77
CA VAL A 59 -16.15 -20.81 42.52
C VAL A 59 -16.38 -19.40 43.01
N THR A 60 -15.30 -18.66 43.25
CA THR A 60 -15.36 -17.26 43.61
C THR A 60 -14.16 -16.54 43.01
N GLU A 61 -14.44 -15.44 42.30
CA GLU A 61 -13.38 -14.70 41.62
C GLU A 61 -13.80 -13.24 41.55
N ASN A 62 -12.80 -12.37 41.39
CA ASN A 62 -13.00 -10.92 41.34
C ASN A 62 -12.55 -10.38 39.99
N PHE A 63 -13.19 -9.28 39.58
CA PHE A 63 -12.87 -8.56 38.36
C PHE A 63 -12.48 -7.13 38.69
N ASN A 64 -11.64 -6.54 37.83
CA ASN A 64 -11.34 -5.11 37.84
C ASN A 64 -11.70 -4.54 36.48
N MET A 65 -12.65 -3.62 36.46
CA MET A 65 -13.25 -3.14 35.21
C MET A 65 -12.37 -2.17 34.43
N TRP A 66 -11.44 -1.47 35.09
CA TRP A 66 -10.57 -0.51 34.44
C TRP A 66 -9.14 -1.02 34.25
N LYS A 67 -8.72 -2.06 34.98
CA LYS A 67 -7.45 -2.71 34.74
C LYS A 67 -7.65 -3.86 33.76
N ASN A 68 -8.23 -3.57 32.60
CA ASN A 68 -8.58 -4.56 31.59
C ASN A 68 -8.16 -4.00 30.23
N ASP A 69 -7.21 -4.67 29.56
CA ASP A 69 -6.79 -4.27 28.23
C ASP A 69 -7.55 -5.02 27.13
N MET A 70 -8.71 -5.61 27.45
CA MET A 70 -9.61 -6.02 26.37
C MET A 70 -10.17 -4.80 25.66
N VAL A 71 -10.38 -3.69 26.38
CA VAL A 71 -10.81 -2.43 25.75
C VAL A 71 -9.67 -1.82 24.93
N ASP A 72 -8.41 -1.94 25.40
CA ASP A 72 -7.26 -1.65 24.55
C ASP A 72 -7.34 -2.40 23.23
N GLN A 73 -7.73 -3.68 23.26
CA GLN A 73 -7.85 -4.46 22.03
C GLN A 73 -8.92 -3.85 21.16
N MET A 74 -10.07 -3.54 21.77
CA MET A 74 -11.22 -3.11 20.99
C MET A 74 -10.94 -1.77 20.32
N HIS A 75 -10.25 -0.86 20.99
CA HIS A 75 -10.07 0.45 20.35
C HIS A 75 -9.11 0.38 19.17
N GLU A 76 -7.95 -0.28 19.34
CA GLU A 76 -7.08 -0.41 18.17
C GLU A 76 -7.78 -1.16 17.05
N ASP A 77 -8.60 -2.16 17.38
CA ASP A 77 -9.23 -2.90 16.28
C ASP A 77 -10.25 -2.04 15.55
N ILE A 78 -11.00 -1.20 16.28
CA ILE A 78 -11.95 -0.27 15.64
C ILE A 78 -11.20 0.71 14.74
N ILE A 79 -10.17 1.37 15.28
CA ILE A 79 -9.47 2.40 14.51
C ILE A 79 -8.82 1.78 13.28
N SER A 80 -8.20 0.60 13.42
CA SER A 80 -7.33 0.09 12.36
C SER A 80 -8.12 -0.52 11.19
N LEU A 81 -9.33 -1.05 11.44
CA LEU A 81 -10.17 -1.33 10.27
C LEU A 81 -10.75 -0.05 9.69
N TRP A 82 -11.23 0.87 10.55
CA TRP A 82 -11.93 2.05 10.05
C TRP A 82 -11.02 2.91 9.17
N ASP A 83 -9.71 2.90 9.43
CA ASP A 83 -8.77 3.52 8.51
C ASP A 83 -8.70 2.76 7.19
N GLN A 84 -8.85 1.42 7.23
CA GLN A 84 -8.74 0.63 6.01
C GLN A 84 -9.86 0.96 5.01
N SER A 85 -11.06 1.26 5.53
CA SER A 85 -12.27 1.14 4.72
C SER A 85 -12.45 2.29 3.74
N LEU A 86 -12.00 3.49 4.09
CA LEU A 86 -12.13 4.60 3.15
C LEU A 86 -11.25 4.44 1.93
N LYS A 87 -10.33 3.47 1.94
CA LYS A 87 -9.28 3.37 0.93
C LYS A 87 -9.76 3.15 -0.51
N PRO A 88 -10.70 2.26 -0.81
CA PRO A 88 -11.13 2.09 -2.21
C PRO A 88 -11.95 3.24 -2.82
N CYS A 89 -11.99 4.45 -2.23
CA CYS A 89 -12.75 5.58 -2.74
C CYS A 89 -11.82 6.73 -3.14
N VAL A 90 -12.44 7.88 -3.46
CA VAL A 90 -11.68 9.06 -3.88
C VAL A 90 -11.25 9.87 -2.67
N LYS A 91 -10.19 10.68 -2.84
CA LYS A 91 -9.64 11.52 -1.78
C LYS A 91 -9.92 13.01 -1.97
N LEU A 92 -10.91 13.36 -2.81
CA LEU A 92 -11.22 14.74 -3.20
C LEU A 92 -9.92 15.48 -3.55
N THR A 93 -9.69 16.71 -3.02
CA THR A 93 -8.44 17.49 -2.94
C THR A 93 -8.37 18.62 -3.98
N PRO A 94 -8.79 18.44 -5.24
CA PRO A 94 -9.00 19.62 -6.09
C PRO A 94 -10.07 20.61 -5.58
N LEU A 95 -11.00 20.19 -4.72
CA LEU A 95 -12.03 21.12 -4.27
C LEU A 95 -11.50 22.27 -3.43
N CYS A 96 -10.27 22.20 -2.96
CA CYS A 96 -9.70 23.27 -2.15
C CYS A 96 -9.38 24.49 -3.00
N VAL A 97 -10.39 25.25 -3.37
CA VAL A 97 -10.22 26.45 -4.20
C VAL A 97 -10.79 27.67 -3.48
N THR A 98 -10.71 28.84 -4.13
CA THR A 98 -11.36 30.06 -3.64
C THR A 98 -12.84 30.04 -4.02
N LEU A 99 -13.64 29.37 -3.21
CA LEU A 99 -15.06 29.26 -3.48
C LEU A 99 -15.69 30.63 -3.34
N ILE A 100 -16.50 30.99 -4.32
CA ILE A 100 -17.27 32.23 -4.30
C ILE A 100 -18.73 31.87 -4.04
N CYS A 101 -19.27 32.40 -2.94
CA CYS A 101 -20.51 31.95 -2.37
C CYS A 101 -21.50 33.11 -2.32
N SER A 102 -22.70 32.85 -2.81
CA SER A 102 -23.68 33.89 -3.09
C SER A 102 -24.68 33.94 -1.94
N ASN A 103 -25.52 34.97 -1.91
CA ASN A 103 -26.34 35.29 -0.75
C ASN A 103 -27.84 35.09 -1.00
N ALA A 104 -28.37 33.98 -0.40
CA ALA A 104 -29.79 33.65 -0.34
C ALA A 104 -30.21 33.20 1.05
N THR A 105 -29.99 34.03 2.07
CA THR A 105 -30.29 33.66 3.46
C THR A 105 -31.67 34.17 3.88
N VAL A 106 -32.39 33.37 4.68
CA VAL A 106 -33.61 33.82 5.34
C VAL A 106 -33.22 34.69 6.53
N LYS A 107 -33.44 36.00 6.40
CA LYS A 107 -32.73 36.95 7.25
C LYS A 107 -33.31 37.07 8.65
N ASN A 108 -34.48 36.46 8.93
CA ASN A 108 -35.16 36.60 10.22
C ASN A 108 -35.82 35.31 10.71
N GLY A 109 -35.07 34.19 10.76
CA GLY A 109 -35.65 32.88 10.96
C GLY A 109 -35.41 32.23 12.32
N THR A 110 -35.74 30.93 12.34
CA THR A 110 -35.57 30.02 13.48
C THR A 110 -35.01 28.67 13.00
N VAL A 111 -34.28 28.68 11.89
CA VAL A 111 -33.79 27.47 11.23
C VAL A 111 -32.30 27.65 10.95
N GLU A 112 -31.54 26.56 11.04
CA GLU A 112 -30.11 26.59 10.72
C GLU A 112 -29.90 26.12 9.27
N GLU A 113 -30.01 27.06 8.33
CA GLU A 113 -29.96 26.74 6.90
C GLU A 113 -28.52 26.80 6.38
N MET A 114 -28.37 26.56 5.07
CA MET A 114 -27.08 26.28 4.46
C MET A 114 -26.73 27.31 3.41
N LYS A 115 -25.53 27.14 2.85
CA LYS A 115 -24.85 28.11 2.00
C LYS A 115 -24.78 27.60 0.57
N ASN A 116 -24.82 28.54 -0.36
CA ASN A 116 -24.56 28.27 -1.76
C ASN A 116 -23.16 28.71 -2.08
N CYS A 117 -22.39 27.82 -2.66
CA CYS A 117 -21.07 28.14 -3.19
C CYS A 117 -20.96 27.63 -4.61
N SER A 118 -19.91 28.14 -5.25
CA SER A 118 -19.59 27.84 -6.62
C SER A 118 -18.09 27.72 -6.70
N PHE A 119 -17.59 26.93 -7.66
CA PHE A 119 -16.15 26.83 -7.79
C PHE A 119 -15.76 26.42 -9.20
N ASN A 120 -14.48 26.64 -9.52
CA ASN A 120 -13.89 26.11 -10.73
C ASN A 120 -13.54 24.65 -10.52
N THR A 121 -13.46 23.90 -11.63
CA THR A 121 -13.24 22.46 -11.59
C THR A 121 -12.49 22.00 -12.82
N THR A 122 -11.62 21.01 -12.66
CA THR A 122 -11.15 20.26 -13.81
C THR A 122 -12.22 19.25 -14.22
N THR A 123 -11.93 18.54 -15.31
CA THR A 123 -12.88 17.58 -15.85
C THR A 123 -12.08 16.51 -16.59
N GLU A 124 -12.75 15.75 -17.46
CA GLU A 124 -12.13 14.64 -18.15
C GLU A 124 -10.92 15.05 -19.01
N ILE A 125 -10.82 16.31 -19.44
CA ILE A 125 -9.57 16.89 -19.94
C ILE A 125 -9.05 17.86 -18.87
N ARG A 126 -7.73 17.82 -18.60
CA ARG A 126 -7.18 18.45 -17.41
C ARG A 126 -7.05 19.98 -17.50
N ASP A 127 -7.15 20.57 -18.69
CA ASP A 127 -6.96 22.02 -18.88
C ASP A 127 -8.21 22.67 -19.52
N LYS A 128 -9.36 21.98 -19.42
CA LYS A 128 -10.62 22.44 -20.01
C LYS A 128 -11.54 22.69 -18.82
N GLU A 129 -11.43 23.88 -18.23
CA GLU A 129 -12.15 24.17 -17.00
C GLU A 129 -13.61 24.50 -17.29
N LYS A 130 -14.45 24.17 -16.31
CA LYS A 130 -15.84 24.60 -16.24
C LYS A 130 -16.19 24.81 -14.78
N LYS A 131 -16.83 25.93 -14.45
CA LYS A 131 -17.16 26.12 -13.05
C LYS A 131 -18.26 25.13 -12.64
N GLU A 132 -18.69 25.24 -11.38
CA GLU A 132 -19.64 24.29 -10.84
C GLU A 132 -20.30 24.95 -9.64
N TYR A 133 -21.58 24.61 -9.39
CA TYR A 133 -22.27 25.12 -8.22
C TYR A 133 -22.81 23.95 -7.41
N ALA A 134 -23.14 24.24 -6.14
CA ALA A 134 -23.70 23.25 -5.23
C ALA A 134 -24.40 23.98 -4.08
N LEU A 135 -24.68 23.22 -3.01
CA LEU A 135 -25.02 23.78 -1.71
C LEU A 135 -24.04 23.28 -0.65
N PHE A 136 -23.94 24.03 0.46
CA PHE A 136 -22.96 23.71 1.49
C PHE A 136 -23.45 24.21 2.85
N TYR A 137 -23.26 23.40 3.91
CA TYR A 137 -23.62 23.82 5.27
C TYR A 137 -22.63 24.85 5.83
N LYS A 138 -23.08 25.66 6.81
CA LYS A 138 -22.32 26.82 7.28
C LYS A 138 -21.08 26.51 8.11
N PRO A 139 -21.13 25.63 9.12
CA PRO A 139 -19.90 25.38 9.90
C PRO A 139 -18.71 24.85 9.09
N ASP A 140 -18.93 24.04 8.05
CA ASP A 140 -17.85 23.45 7.25
C ASP A 140 -17.20 24.41 6.26
N ILE A 141 -17.40 25.72 6.38
CA ILE A 141 -16.80 26.69 5.48
C ILE A 141 -16.38 27.91 6.28
N VAL A 142 -15.14 28.36 6.07
CA VAL A 142 -14.50 29.41 6.84
C VAL A 142 -14.29 30.53 5.82
N PRO A 143 -14.18 31.81 6.21
CA PRO A 143 -13.73 32.81 5.23
C PRO A 143 -12.24 32.68 4.92
N LEU A 144 -11.87 32.95 3.66
CA LEU A 144 -10.51 32.69 3.21
C LEU A 144 -9.48 33.57 3.90
N SER A 145 -9.58 34.88 3.68
CA SER A 145 -8.44 35.76 3.85
C SER A 145 -8.55 36.50 5.18
N GLU A 146 -7.38 36.61 5.84
CA GLU A 146 -7.25 37.46 7.02
C GLU A 146 -7.67 38.89 6.73
N THR A 147 -7.47 39.35 5.49
CA THR A 147 -8.14 40.53 5.00
C THR A 147 -9.55 40.13 4.60
N ASN A 148 -10.49 41.06 4.86
CA ASN A 148 -11.91 40.79 4.62
C ASN A 148 -12.12 40.67 3.11
N ASN A 149 -12.30 39.41 2.68
CA ASN A 149 -12.84 39.09 1.36
C ASN A 149 -14.26 38.58 1.59
N THR A 150 -15.21 39.51 1.48
CA THR A 150 -16.57 39.31 1.98
C THR A 150 -17.38 38.30 1.16
N SER A 151 -16.81 37.83 0.04
CA SER A 151 -17.43 36.83 -0.82
C SER A 151 -16.71 35.49 -0.78
N GLU A 152 -15.41 35.48 -0.52
CA GLU A 152 -14.56 34.32 -0.73
C GLU A 152 -14.48 33.42 0.50
N TYR A 153 -14.46 32.11 0.26
CA TYR A 153 -14.62 31.08 1.27
C TYR A 153 -13.83 29.84 0.87
N ARG A 154 -13.50 29.02 1.87
CA ARG A 154 -12.70 27.83 1.71
C ARG A 154 -13.31 26.74 2.59
N LEU A 155 -13.04 25.49 2.24
CA LEU A 155 -13.40 24.39 3.13
C LEU A 155 -12.64 24.50 4.46
N ILE A 156 -13.20 23.86 5.50
CA ILE A 156 -12.59 23.89 6.82
C ILE A 156 -11.17 23.34 6.79
N ASN A 157 -10.98 22.21 6.12
CA ASN A 157 -9.66 21.65 5.89
C ASN A 157 -9.07 22.42 4.70
N CYS A 158 -8.05 21.85 4.05
CA CYS A 158 -7.19 22.53 3.06
C CYS A 158 -6.15 23.40 3.77
N ASN A 159 -6.07 23.27 5.11
CA ASN A 159 -4.96 23.80 5.90
C ASN A 159 -4.37 22.73 6.82
N THR A 160 -5.09 21.63 7.08
CA THR A 160 -4.70 20.62 8.06
C THR A 160 -4.22 19.34 7.40
N SER A 161 -5.11 18.70 6.63
CA SER A 161 -4.85 17.41 6.04
C SER A 161 -5.95 17.13 5.03
N ALA A 162 -5.76 16.07 4.24
CA ALA A 162 -6.72 15.71 3.22
C ALA A 162 -7.92 14.97 3.82
N CYS A 163 -9.07 15.09 3.16
CA CYS A 163 -10.30 14.43 3.55
C CYS A 163 -10.64 13.37 2.50
N THR A 164 -11.79 12.73 2.65
CA THR A 164 -12.19 11.72 1.69
C THR A 164 -13.66 11.39 1.90
N GLN A 165 -14.40 11.27 0.79
CA GLN A 165 -15.83 10.98 0.82
C GLN A 165 -16.03 9.47 0.82
N ALA A 166 -16.64 8.98 1.89
CA ALA A 166 -17.01 7.58 1.99
C ALA A 166 -18.00 7.26 0.87
N CYS A 167 -17.71 6.24 0.09
CA CYS A 167 -18.63 5.83 -0.97
C CYS A 167 -19.97 5.43 -0.35
N PRO A 168 -21.10 5.60 -1.04
CA PRO A 168 -22.39 5.29 -0.40
C PRO A 168 -22.51 3.83 0.01
N LYS A 169 -21.77 2.92 -0.64
CA LYS A 169 -21.82 1.52 -0.26
C LYS A 169 -21.32 1.33 1.16
N VAL A 170 -20.32 2.11 1.57
CA VAL A 170 -19.82 1.94 2.93
C VAL A 170 -20.76 2.70 3.86
N THR A 171 -21.87 2.05 4.23
CA THR A 171 -22.83 2.62 5.16
C THR A 171 -22.39 2.32 6.58
N PHE A 172 -22.69 3.25 7.49
CA PHE A 172 -22.28 3.13 8.89
C PHE A 172 -23.34 2.45 9.74
N GLU A 173 -24.16 1.58 9.14
CA GLU A 173 -25.02 0.60 9.82
C GLU A 173 -24.27 0.02 11.02
N PRO A 174 -24.56 0.44 12.27
CA PRO A 174 -23.80 -0.17 13.38
C PRO A 174 -24.12 -1.64 13.59
N ILE A 175 -23.70 -2.47 12.62
CA ILE A 175 -24.10 -3.87 12.57
C ILE A 175 -23.35 -4.64 13.65
N PRO A 176 -24.01 -5.43 14.51
CA PRO A 176 -23.38 -5.79 15.79
C PRO A 176 -22.14 -6.64 15.62
N ILE A 177 -21.35 -6.68 16.70
CA ILE A 177 -20.12 -7.44 16.74
C ILE A 177 -20.06 -8.26 18.02
N HIS A 178 -19.87 -9.56 17.88
CA HIS A 178 -19.51 -10.43 18.99
C HIS A 178 -18.01 -10.37 19.16
N TYR A 179 -17.53 -11.00 20.21
CA TYR A 179 -16.11 -11.27 20.39
C TYR A 179 -15.91 -12.68 20.90
N CYS A 180 -14.66 -13.12 20.92
CA CYS A 180 -14.32 -14.48 21.31
C CYS A 180 -12.80 -14.54 21.44
N ALA A 181 -12.31 -15.04 22.55
CA ALA A 181 -10.87 -15.13 22.72
C ALA A 181 -10.32 -16.27 21.88
N PRO A 182 -9.00 -16.38 21.73
CA PRO A 182 -8.45 -17.56 21.04
C PRO A 182 -8.47 -18.83 21.88
N ALA A 183 -8.23 -19.94 21.18
CA ALA A 183 -8.13 -21.23 21.85
C ALA A 183 -6.87 -21.28 22.71
N GLY A 184 -6.95 -22.04 23.79
CA GLY A 184 -5.99 -21.96 24.87
C GLY A 184 -6.50 -21.03 25.95
N TYR A 185 -6.89 -19.83 25.53
CA TYR A 185 -7.51 -18.84 26.40
C TYR A 185 -9.01 -19.11 26.54
N ALA A 186 -9.65 -18.42 27.49
CA ALA A 186 -11.07 -18.59 27.74
C ALA A 186 -11.69 -17.25 28.15
N ILE A 187 -13.02 -17.24 28.17
CA ILE A 187 -13.83 -16.11 28.61
C ILE A 187 -14.57 -16.52 29.88
N LEU A 188 -14.66 -15.58 30.81
CA LEU A 188 -15.38 -15.74 32.06
C LEU A 188 -16.49 -14.68 32.10
N LYS A 189 -17.37 -14.80 33.10
CA LYS A 189 -18.52 -13.92 33.25
C LYS A 189 -19.21 -14.29 34.55
N CYS A 190 -19.91 -13.33 35.15
CA CYS A 190 -20.75 -13.63 36.31
C CYS A 190 -21.98 -12.74 36.31
N ASN A 191 -23.10 -13.32 36.74
CA ASN A 191 -24.43 -12.76 36.53
C ASN A 191 -24.89 -11.86 37.67
N ASP A 192 -24.22 -11.86 38.82
CA ASP A 192 -24.63 -11.05 39.95
C ASP A 192 -24.63 -9.57 39.59
N GLU A 193 -25.61 -8.85 40.13
CA GLU A 193 -25.96 -7.50 39.69
C GLU A 193 -25.76 -6.48 40.80
N THR A 194 -24.64 -6.61 41.52
CA THR A 194 -24.23 -5.64 42.54
C THR A 194 -22.77 -5.27 42.39
N PHE A 195 -22.23 -5.28 41.18
CA PHE A 195 -20.79 -5.14 40.92
C PHE A 195 -20.50 -3.70 40.51
N ASN A 196 -20.04 -2.90 41.49
CA ASN A 196 -19.65 -1.52 41.23
C ASN A 196 -18.16 -1.41 40.91
N GLY A 197 -17.69 -2.22 39.94
CA GLY A 197 -16.37 -2.06 39.38
C GLY A 197 -15.29 -2.92 40.00
N THR A 198 -15.48 -3.40 41.23
CA THR A 198 -14.47 -4.20 41.92
C THR A 198 -15.15 -5.14 42.90
N GLY A 199 -14.39 -6.17 43.30
CA GLY A 199 -14.83 -7.11 44.31
C GLY A 199 -15.09 -8.49 43.75
N PRO A 200 -15.30 -9.47 44.63
CA PRO A 200 -15.52 -10.85 44.18
C PRO A 200 -16.91 -11.01 43.58
N CYS A 201 -17.18 -12.22 43.09
CA CYS A 201 -18.47 -12.54 42.50
C CYS A 201 -18.75 -14.02 42.73
N SER A 202 -20.04 -14.38 42.70
CA SER A 202 -20.48 -15.73 43.05
C SER A 202 -21.01 -16.51 41.87
N ASN A 203 -22.03 -16.00 41.17
CA ASN A 203 -22.65 -16.76 40.09
C ASN A 203 -21.80 -16.66 38.83
N VAL A 204 -20.62 -17.29 38.86
CA VAL A 204 -19.67 -17.17 37.76
C VAL A 204 -20.06 -18.11 36.62
N SER A 205 -19.65 -17.74 35.41
CA SER A 205 -20.01 -18.45 34.21
C SER A 205 -18.90 -18.27 33.19
N THR A 206 -19.00 -19.04 32.10
CA THR A 206 -18.16 -18.90 30.93
C THR A 206 -19.03 -18.90 29.69
N VAL A 207 -18.55 -18.24 28.64
CA VAL A 207 -19.25 -18.16 27.36
C VAL A 207 -18.21 -18.25 26.24
N GLN A 208 -18.47 -19.12 25.27
CA GLN A 208 -17.55 -19.34 24.17
C GLN A 208 -17.27 -18.02 23.45
N CYS A 209 -18.31 -17.42 22.85
CA CYS A 209 -18.22 -16.10 22.22
C CYS A 209 -19.45 -15.30 22.66
N THR A 210 -19.23 -14.07 23.15
CA THR A 210 -20.19 -13.31 23.95
C THR A 210 -21.41 -12.90 23.13
N HIS A 211 -22.27 -12.08 23.73
CA HIS A 211 -23.44 -11.56 23.05
C HIS A 211 -23.05 -10.47 22.06
N GLY A 212 -24.04 -9.97 21.33
CA GLY A 212 -23.81 -8.99 20.27
C GLY A 212 -23.69 -7.54 20.73
N ILE A 213 -22.43 -7.07 20.81
CA ILE A 213 -22.10 -5.70 21.17
C ILE A 213 -22.69 -4.76 20.12
N ARG A 214 -22.76 -3.46 20.41
CA ARG A 214 -23.09 -2.44 19.40
C ARG A 214 -22.04 -1.34 19.40
N PRO A 215 -20.93 -1.43 18.60
CA PRO A 215 -20.07 -0.27 18.42
C PRO A 215 -20.70 0.86 17.61
N VAL A 216 -21.59 1.63 18.25
CA VAL A 216 -22.04 2.91 17.69
C VAL A 216 -21.03 3.99 18.09
N VAL A 217 -21.11 5.13 17.44
CA VAL A 217 -20.26 6.28 17.71
C VAL A 217 -21.18 7.37 18.27
N SER A 218 -21.27 7.49 19.60
CA SER A 218 -22.09 8.55 20.20
C SER A 218 -21.42 9.17 21.40
N THR A 219 -21.56 10.48 21.54
CA THR A 219 -20.77 11.18 22.54
C THR A 219 -21.44 11.32 23.92
N GLN A 220 -22.54 12.09 24.01
CA GLN A 220 -23.06 12.40 25.34
C GLN A 220 -23.85 11.25 25.94
N LEU A 221 -25.01 10.94 25.38
CA LEU A 221 -25.94 9.98 25.97
C LEU A 221 -25.93 8.71 25.15
N LEU A 222 -26.16 7.58 25.80
CA LEU A 222 -25.96 6.28 25.15
C LEU A 222 -27.23 5.84 24.42
N LEU A 223 -27.08 5.64 23.12
CA LEU A 223 -28.02 4.96 22.25
C LEU A 223 -27.88 3.44 22.42
N ASN A 224 -28.33 2.69 21.40
CA ASN A 224 -28.28 1.23 21.30
C ASN A 224 -27.15 0.59 22.12
N GLY A 225 -27.56 -0.25 23.07
CA GLY A 225 -26.70 -1.11 23.86
C GLY A 225 -27.51 -2.24 24.51
N SER A 226 -26.95 -2.96 25.48
CA SER A 226 -27.69 -3.94 26.27
C SER A 226 -28.04 -3.32 27.61
N LEU A 227 -29.26 -3.60 28.08
CA LEU A 227 -29.80 -2.97 29.27
C LEU A 227 -29.49 -3.81 30.52
N ALA A 228 -29.56 -3.14 31.67
CA ALA A 228 -29.54 -3.83 32.96
C ALA A 228 -30.80 -4.69 33.10
N GLU A 229 -30.95 -5.32 34.26
CA GLU A 229 -32.01 -6.29 34.48
C GLU A 229 -33.00 -5.89 35.57
N LYS A 230 -32.53 -5.42 36.73
CA LYS A 230 -33.41 -5.20 37.88
C LYS A 230 -33.33 -3.82 38.51
N GLU A 231 -32.29 -3.03 38.27
CA GLU A 231 -32.14 -1.77 38.99
C GLU A 231 -31.11 -0.89 38.31
N ILE A 232 -31.26 0.42 38.48
CA ILE A 232 -30.27 1.36 37.98
C ILE A 232 -28.98 1.18 38.79
N VAL A 233 -27.84 1.17 38.08
CA VAL A 233 -26.54 0.89 38.68
C VAL A 233 -25.58 2.02 38.32
N ILE A 234 -24.61 2.22 39.22
CA ILE A 234 -23.59 3.26 39.10
C ILE A 234 -22.22 2.60 39.06
N ARG A 235 -21.41 2.99 38.08
CA ARG A 235 -20.07 2.47 37.88
C ARG A 235 -19.11 3.62 37.62
N SER A 236 -18.02 3.65 38.38
CA SER A 236 -16.97 4.65 38.18
C SER A 236 -15.76 4.23 39.00
N GLU A 237 -14.59 4.75 38.60
CA GLU A 237 -13.36 4.44 39.30
C GLU A 237 -13.40 4.96 40.73
N ASN A 238 -13.78 6.22 40.90
CA ASN A 238 -13.89 6.83 42.22
C ASN A 238 -14.66 8.13 42.07
N LEU A 239 -15.71 8.31 42.87
CA LEU A 239 -16.52 9.51 42.79
C LEU A 239 -15.78 10.74 43.30
N THR A 240 -14.64 10.56 43.96
CA THR A 240 -13.88 11.69 44.46
C THR A 240 -13.11 12.40 43.35
N ASN A 241 -12.72 11.68 42.28
CA ASN A 241 -11.81 12.22 41.27
C ASN A 241 -12.55 12.88 40.12
N ASN A 242 -13.48 13.77 40.46
CA ASN A 242 -14.14 14.75 39.59
C ASN A 242 -14.25 14.41 38.11
N ALA A 243 -13.17 14.61 37.36
CA ALA A 243 -13.26 14.65 35.90
C ALA A 243 -13.59 13.29 35.29
N LYS A 244 -13.20 12.20 35.95
CA LYS A 244 -13.41 10.87 35.40
C LYS A 244 -14.90 10.58 35.27
N ILE A 245 -15.29 10.00 34.13
CA ILE A 245 -16.71 9.92 33.77
C ILE A 245 -17.42 8.94 34.68
N ILE A 246 -18.70 9.20 34.93
CA ILE A 246 -19.59 8.28 35.62
C ILE A 246 -20.72 7.92 34.66
N ILE A 247 -20.99 6.62 34.53
CA ILE A 247 -21.90 6.08 33.54
C ILE A 247 -23.25 5.89 34.22
N VAL A 248 -24.34 5.91 33.44
CA VAL A 248 -25.67 5.61 33.94
C VAL A 248 -26.33 4.60 33.02
N HIS A 249 -26.71 3.45 33.58
CA HIS A 249 -27.46 2.38 32.90
C HIS A 249 -28.94 2.59 33.15
N LEU A 250 -29.77 2.12 32.20
CA LEU A 250 -31.21 2.13 32.40
C LEU A 250 -31.73 0.77 32.82
N HIS A 251 -32.93 0.79 33.41
CA HIS A 251 -33.68 -0.42 33.72
C HIS A 251 -34.63 -0.76 32.57
N THR A 252 -35.37 0.25 32.08
CA THR A 252 -36.24 0.20 30.92
C THR A 252 -36.02 1.46 30.09
N PRO A 253 -36.35 1.44 28.79
CA PRO A 253 -35.95 2.56 27.93
C PRO A 253 -36.65 3.89 28.23
N VAL A 254 -35.97 4.98 27.85
CA VAL A 254 -36.57 6.32 27.70
C VAL A 254 -36.39 6.77 26.26
N GLU A 255 -37.50 7.03 25.55
CA GLU A 255 -37.52 6.99 24.09
C GLU A 255 -37.00 8.29 23.47
N ILE A 256 -36.12 8.16 22.47
CA ILE A 256 -35.65 9.27 21.63
C ILE A 256 -36.06 9.01 20.17
N VAL A 257 -36.23 10.08 19.40
CA VAL A 257 -36.51 9.99 17.98
C VAL A 257 -36.07 11.30 17.32
N CYS A 258 -35.68 11.23 16.03
CA CYS A 258 -35.16 12.38 15.29
C CYS A 258 -35.54 12.32 13.82
N THR A 259 -35.38 13.46 13.13
CA THR A 259 -35.60 13.58 11.69
C THR A 259 -34.92 14.83 11.17
N ARG A 260 -34.85 14.95 9.84
CA ARG A 260 -34.40 16.14 9.12
C ARG A 260 -35.48 16.53 8.10
N PRO A 261 -36.36 17.50 8.41
CA PRO A 261 -37.57 17.68 7.58
C PRO A 261 -37.35 18.24 6.16
N ASN A 262 -36.12 18.30 5.63
CA ASN A 262 -35.88 19.07 4.40
C ASN A 262 -36.26 18.34 3.11
N ASN A 263 -36.05 17.02 3.02
CA ASN A 263 -36.21 16.28 1.76
C ASN A 263 -35.24 16.78 0.68
N ASN A 264 -33.95 16.53 0.90
CA ASN A 264 -32.89 16.99 0.01
C ASN A 264 -32.76 16.07 -1.20
N THR A 265 -31.77 16.36 -2.07
CA THR A 265 -31.57 15.62 -3.31
C THR A 265 -30.10 15.61 -3.74
N ARG A 266 -29.74 14.63 -4.59
CA ARG A 266 -28.36 14.35 -4.95
C ARG A 266 -28.04 14.83 -6.37
N LYS A 267 -27.21 15.85 -6.45
CA LYS A 267 -26.68 16.43 -7.68
C LYS A 267 -25.32 15.78 -7.93
N SER A 268 -25.01 15.47 -9.18
CA SER A 268 -23.79 14.73 -9.52
C SER A 268 -22.69 15.65 -10.08
N VAL A 269 -21.45 15.31 -9.74
CA VAL A 269 -20.25 15.97 -10.23
C VAL A 269 -19.24 14.88 -10.58
N ARG A 270 -18.32 15.19 -11.50
CA ARG A 270 -17.10 14.39 -11.71
C ARG A 270 -15.89 15.28 -11.46
N ILE A 271 -14.95 14.78 -10.66
CA ILE A 271 -13.74 15.51 -10.31
C ILE A 271 -12.56 14.67 -10.75
N GLY A 272 -11.74 15.20 -11.65
CA GLY A 272 -10.64 14.44 -12.20
C GLY A 272 -11.14 13.19 -12.91
N PRO A 273 -10.21 12.33 -13.32
CA PRO A 273 -10.61 11.19 -14.17
C PRO A 273 -11.24 10.08 -13.35
N GLY A 274 -12.44 9.66 -13.76
CA GLY A 274 -13.01 8.40 -13.31
C GLY A 274 -13.21 8.26 -11.82
N GLN A 275 -13.74 9.30 -11.17
CA GLN A 275 -14.06 9.32 -9.74
C GLN A 275 -15.08 10.42 -9.53
N THR A 276 -15.88 10.30 -8.46
CA THR A 276 -16.98 11.23 -8.24
C THR A 276 -17.22 11.50 -6.76
N PHE A 277 -17.84 12.65 -6.51
CA PHE A 277 -18.31 13.05 -5.19
C PHE A 277 -19.64 13.76 -5.37
N TYR A 278 -20.47 13.75 -4.33
CA TYR A 278 -21.87 14.19 -4.43
C TYR A 278 -22.18 15.30 -3.44
N ALA A 279 -22.91 16.31 -3.92
CA ALA A 279 -23.29 17.49 -3.16
C ALA A 279 -24.78 17.72 -3.30
N THR A 280 -25.42 18.19 -2.22
CA THR A 280 -26.89 18.30 -2.17
C THR A 280 -27.37 19.22 -3.29
N GLY A 281 -28.49 18.85 -3.92
CA GLY A 281 -29.08 19.62 -4.98
C GLY A 281 -30.06 20.66 -4.47
N ASP A 282 -30.98 21.05 -5.35
CA ASP A 282 -31.98 22.06 -5.00
C ASP A 282 -33.03 21.43 -4.09
N ILE A 283 -33.31 22.09 -2.96
CA ILE A 283 -34.17 21.51 -1.94
C ILE A 283 -35.63 21.67 -2.34
N ILE A 284 -36.41 20.63 -2.04
CA ILE A 284 -37.83 20.59 -2.36
C ILE A 284 -38.60 21.07 -1.14
N GLY A 285 -39.57 21.97 -1.37
CA GLY A 285 -40.46 22.39 -0.31
C GLY A 285 -39.87 23.44 0.60
N ASP A 286 -40.53 23.63 1.74
CA ASP A 286 -40.10 24.60 2.73
C ASP A 286 -38.85 24.11 3.46
N ILE A 287 -37.98 25.06 3.77
CA ILE A 287 -36.73 24.75 4.49
C ILE A 287 -37.07 24.89 5.97
N LYS A 288 -37.39 23.75 6.58
CA LYS A 288 -37.64 23.69 8.01
C LYS A 288 -36.34 23.34 8.73
N GLN A 289 -36.42 23.18 10.05
CA GLN A 289 -35.29 22.94 10.91
C GLN A 289 -35.22 21.45 11.28
N ALA A 290 -34.00 20.96 11.51
CA ALA A 290 -33.78 19.57 11.91
C ALA A 290 -33.87 19.46 13.42
N HIS A 291 -34.12 18.24 13.91
CA HIS A 291 -34.43 18.12 15.34
C HIS A 291 -34.47 16.68 15.81
N CYS A 292 -34.52 16.54 17.13
CA CYS A 292 -34.92 15.31 17.83
C CYS A 292 -36.03 15.63 18.83
N ASN A 293 -36.73 14.60 19.28
CA ASN A 293 -37.78 14.79 20.26
C ASN A 293 -37.71 13.71 21.33
N ILE A 294 -37.97 14.12 22.57
CA ILE A 294 -37.97 13.25 23.74
C ILE A 294 -39.20 13.61 24.57
N SER A 295 -40.01 12.61 24.91
CA SER A 295 -41.11 12.84 25.83
C SER A 295 -40.55 13.30 27.17
N GLU A 296 -40.97 14.48 27.63
CA GLU A 296 -40.39 15.05 28.85
C GLU A 296 -40.79 14.26 30.10
N GLU A 297 -41.93 13.55 30.07
CA GLU A 297 -42.31 12.74 31.23
C GLU A 297 -41.35 11.56 31.44
N LYS A 298 -41.01 10.79 30.40
CA LYS A 298 -40.15 9.63 30.60
C LYS A 298 -38.74 10.05 30.96
N TRP A 299 -38.22 11.08 30.27
CA TRP A 299 -36.96 11.69 30.65
C TRP A 299 -36.96 12.16 32.11
N ASN A 300 -38.04 12.80 32.57
CA ASN A 300 -38.06 13.36 33.93
C ASN A 300 -38.14 12.26 34.99
N ASP A 301 -38.97 11.25 34.74
CA ASP A 301 -39.04 10.11 35.65
C ASP A 301 -37.68 9.42 35.75
N THR A 302 -36.96 9.38 34.62
CA THR A 302 -35.59 8.87 34.65
C THR A 302 -34.70 9.76 35.51
N LEU A 303 -34.84 11.08 35.40
CA LEU A 303 -33.98 11.99 36.16
C LEU A 303 -34.18 11.83 37.66
N GLN A 304 -35.44 11.67 38.08
CA GLN A 304 -35.68 11.51 39.51
C GLN A 304 -35.35 10.10 40.00
N LYS A 305 -35.49 9.07 39.14
CA LYS A 305 -35.00 7.76 39.51
C LYS A 305 -33.48 7.73 39.66
N VAL A 306 -32.75 8.55 38.90
CA VAL A 306 -31.29 8.61 39.09
C VAL A 306 -30.95 9.50 40.28
N GLY A 307 -31.76 10.51 40.57
CA GLY A 307 -31.53 11.33 41.75
C GLY A 307 -31.67 10.55 43.04
N ILE A 308 -32.70 9.70 43.14
CA ILE A 308 -32.87 8.91 44.35
C ILE A 308 -31.69 7.96 44.60
N GLU A 309 -31.02 7.50 43.54
CA GLU A 309 -29.81 6.71 43.66
C GLU A 309 -28.58 7.56 43.97
N LEU A 310 -28.47 8.74 43.37
CA LEU A 310 -27.34 9.62 43.69
C LEU A 310 -27.39 10.08 45.14
N GLN A 311 -28.58 10.10 45.75
CA GLN A 311 -28.69 10.38 47.17
C GLN A 311 -28.28 9.20 48.06
N LYS A 312 -27.92 8.06 47.48
CA LYS A 312 -27.44 6.93 48.28
C LYS A 312 -26.01 7.16 48.75
N HIS A 313 -25.12 7.51 47.81
CA HIS A 313 -23.71 7.66 48.15
C HIS A 313 -23.44 9.01 48.82
N PHE A 314 -24.21 10.03 48.44
CA PHE A 314 -24.11 11.38 49.03
C PHE A 314 -25.51 11.76 49.54
N PRO A 315 -25.93 11.22 50.69
CA PRO A 315 -27.19 11.69 51.30
C PRO A 315 -27.08 13.04 51.98
N ASN A 316 -25.88 13.64 52.05
CA ASN A 316 -25.68 14.91 52.73
C ASN A 316 -25.77 16.12 51.79
N LYS A 317 -26.09 15.93 50.51
CA LYS A 317 -26.05 16.98 49.51
C LYS A 317 -27.30 16.89 48.63
N THR A 318 -27.60 17.99 47.93
CA THR A 318 -28.78 18.09 47.07
C THR A 318 -28.36 18.05 45.60
N ILE A 319 -29.35 18.06 44.70
CA ILE A 319 -29.16 17.81 43.28
C ILE A 319 -29.72 18.97 42.49
N LYS A 320 -29.00 19.39 41.45
CA LYS A 320 -29.57 20.18 40.37
C LYS A 320 -28.61 20.16 39.19
N TYR A 321 -29.08 20.60 38.03
CA TYR A 321 -28.38 20.38 36.77
C TYR A 321 -28.24 21.69 35.99
N ASN A 322 -27.06 22.28 36.06
CA ASN A 322 -26.64 23.36 35.19
C ASN A 322 -26.30 22.75 33.83
N GLN A 323 -25.93 23.60 32.87
CA GLN A 323 -25.50 23.12 31.56
C GLN A 323 -24.14 22.40 31.65
N SER A 324 -23.94 21.50 30.69
CA SER A 324 -22.65 20.83 30.50
C SER A 324 -21.53 21.85 30.31
N ALA A 325 -20.29 21.34 30.25
CA ALA A 325 -19.11 22.18 30.34
C ALA A 325 -18.69 22.85 29.04
N GLY A 326 -19.60 23.62 28.43
CA GLY A 326 -19.23 24.63 27.43
C GLY A 326 -18.32 24.14 26.31
N GLY A 327 -17.36 24.98 25.93
CA GLY A 327 -16.31 24.53 25.04
C GLY A 327 -16.73 24.53 23.58
N ASP A 328 -16.00 23.75 22.78
CA ASP A 328 -16.14 23.75 21.32
C ASP A 328 -17.29 22.86 20.85
N MET A 329 -17.62 23.02 19.56
CA MET A 329 -18.70 22.29 18.90
C MET A 329 -18.64 20.79 19.13
N GLU A 330 -17.45 20.18 19.00
CA GLU A 330 -17.36 18.72 19.10
C GLU A 330 -17.05 18.20 20.51
N ILE A 331 -17.34 18.98 21.56
CA ILE A 331 -17.55 18.44 22.90
C ILE A 331 -18.78 19.05 23.58
N THR A 332 -19.27 20.20 23.11
CA THR A 332 -20.36 20.94 23.74
C THR A 332 -21.75 20.49 23.31
N THR A 333 -21.91 19.31 22.73
CA THR A 333 -23.16 18.86 22.14
C THR A 333 -23.19 17.35 22.06
N HIS A 334 -24.39 16.82 21.85
CA HIS A 334 -24.55 15.38 21.64
C HIS A 334 -24.43 15.09 20.13
N SER A 335 -23.57 14.13 19.78
CA SER A 335 -23.46 13.64 18.41
C SER A 335 -23.50 12.12 18.42
N PHE A 336 -24.19 11.58 17.43
CA PHE A 336 -24.25 10.15 17.17
C PHE A 336 -24.75 9.95 15.76
N ASN A 337 -24.19 8.95 15.08
CA ASN A 337 -24.58 8.67 13.71
C ASN A 337 -25.76 7.69 13.70
N CYS A 338 -26.22 7.37 12.50
CA CYS A 338 -27.28 6.40 12.28
C CYS A 338 -27.38 6.12 10.79
N GLY A 339 -26.78 5.04 10.32
CA GLY A 339 -27.04 4.60 8.96
C GLY A 339 -26.34 5.37 7.85
N GLY A 340 -25.63 6.46 8.15
CA GLY A 340 -24.83 7.17 7.17
C GLY A 340 -24.86 8.70 7.19
N GLU A 341 -24.99 9.37 8.34
CA GLU A 341 -24.99 10.84 8.34
C GLU A 341 -24.81 11.30 9.79
N PHE A 342 -24.45 12.59 9.99
CA PHE A 342 -23.93 13.08 11.27
C PHE A 342 -24.67 14.31 11.80
N PHE A 343 -25.36 14.15 12.94
CA PHE A 343 -26.18 15.19 13.54
C PHE A 343 -25.44 15.73 14.77
N TYR A 344 -25.52 17.05 15.00
CA TYR A 344 -24.87 17.71 16.15
C TYR A 344 -25.84 18.63 16.89
N CYS A 345 -26.18 18.24 18.12
CA CYS A 345 -27.45 18.56 18.73
C CYS A 345 -27.27 19.01 20.17
N ASN A 346 -27.96 20.11 20.52
CA ASN A 346 -27.67 20.92 21.71
C ASN A 346 -28.54 20.48 22.89
N THR A 347 -27.93 19.77 23.85
CA THR A 347 -28.66 19.07 24.92
C THR A 347 -28.88 19.91 26.17
N SER A 348 -29.15 21.21 26.02
CA SER A 348 -29.44 22.06 27.18
C SER A 348 -30.91 22.00 27.60
N ASN A 349 -31.83 21.83 26.66
CA ASN A 349 -33.25 21.83 27.01
C ASN A 349 -33.66 20.61 27.84
N LEU A 350 -32.89 19.53 27.79
CA LEU A 350 -33.24 18.36 28.59
C LEU A 350 -33.06 18.61 30.07
N PHE A 351 -31.88 19.13 30.49
CA PHE A 351 -31.44 19.06 31.88
C PHE A 351 -31.81 20.30 32.68
N ASN A 352 -32.97 20.88 32.38
CA ASN A 352 -33.47 22.00 33.14
C ASN A 352 -34.33 21.37 34.25
N GLY A 353 -33.66 20.84 35.28
CA GLY A 353 -34.31 20.02 36.29
C GLY A 353 -33.63 20.19 37.63
N THR A 354 -34.20 19.52 38.64
CA THR A 354 -33.71 19.55 40.01
C THR A 354 -34.45 18.52 40.84
N TYR A 355 -34.14 18.49 42.13
CA TYR A 355 -34.75 17.52 43.04
C TYR A 355 -34.39 17.92 44.45
N ASN A 356 -35.20 17.49 45.43
CA ASN A 356 -34.95 17.80 46.85
C ASN A 356 -34.79 16.53 47.68
N GLY A 357 -35.43 15.43 47.27
CA GLY A 357 -35.43 14.20 48.04
C GLY A 357 -36.70 13.38 47.91
N THR A 358 -37.78 13.97 47.40
CA THR A 358 -39.09 13.31 47.31
C THR A 358 -39.41 12.98 45.86
N TYR A 359 -39.55 11.69 45.56
CA TYR A 359 -39.87 11.20 44.22
C TYR A 359 -41.38 10.94 44.13
N ILE A 360 -42.01 11.53 43.12
CA ILE A 360 -43.47 11.54 42.98
C ILE A 360 -43.87 10.78 41.73
N SER A 361 -44.98 10.05 41.83
CA SER A 361 -45.49 9.25 40.72
C SER A 361 -45.85 10.14 39.54
N THR A 362 -45.59 9.64 38.33
CA THR A 362 -45.85 10.37 37.10
C THR A 362 -47.15 9.94 36.41
N ASN A 363 -47.60 8.69 36.61
CA ASN A 363 -48.78 8.17 35.97
C ASN A 363 -49.98 8.30 36.91
N SER A 364 -51.18 8.46 36.36
CA SER A 364 -51.57 8.52 34.94
C SER A 364 -51.14 9.83 34.30
N SER A 365 -50.80 9.75 33.01
CA SER A 365 -50.18 10.87 32.32
C SER A 365 -51.11 12.07 32.26
N ALA A 366 -50.64 13.20 32.79
CA ALA A 366 -51.36 14.45 32.59
C ALA A 366 -51.24 14.92 31.15
N ASN A 367 -50.05 14.78 30.56
CA ASN A 367 -49.86 15.17 29.16
C ASN A 367 -48.66 14.36 28.63
N SER A 368 -48.96 13.32 27.85
CA SER A 368 -47.91 12.56 27.18
C SER A 368 -47.24 13.35 26.07
N THR A 369 -47.80 14.51 25.68
CA THR A 369 -47.28 15.31 24.58
C THR A 369 -46.32 16.41 25.01
N SER A 370 -46.00 16.54 26.30
CA SER A 370 -45.03 17.56 26.71
C SER A 370 -43.64 17.17 26.25
N THR A 371 -43.20 17.76 25.12
CA THR A 371 -41.96 17.36 24.48
C THR A 371 -40.96 18.50 24.49
N ILE A 372 -39.70 18.07 24.61
CA ILE A 372 -38.55 18.94 24.64
C ILE A 372 -37.61 18.53 23.49
N THR A 373 -37.25 19.47 22.61
CA THR A 373 -36.66 19.17 21.30
C THR A 373 -35.20 19.62 21.24
N LEU A 374 -34.38 18.91 20.47
CA LEU A 374 -32.96 19.23 20.29
C LEU A 374 -32.63 19.69 18.89
N GLN A 375 -32.18 20.93 18.79
CA GLN A 375 -31.87 21.60 17.53
C GLN A 375 -30.61 20.97 16.93
N CYS A 376 -30.71 20.39 15.72
CA CYS A 376 -29.59 19.62 15.14
C CYS A 376 -29.09 20.20 13.82
N ARG A 377 -27.96 20.89 13.89
CA ARG A 377 -27.13 21.18 12.73
C ARG A 377 -26.72 19.85 12.11
N ILE A 378 -26.25 19.89 10.86
CA ILE A 378 -25.91 18.68 10.13
C ILE A 378 -24.65 18.90 9.29
N LYS A 379 -23.64 18.06 9.51
CA LYS A 379 -22.32 18.25 8.92
C LYS A 379 -22.11 17.26 7.80
N GLN A 380 -21.22 17.65 6.90
CA GLN A 380 -20.63 16.76 5.91
C GLN A 380 -19.24 16.31 6.33
N ILE A 381 -18.38 17.24 6.74
CA ILE A 381 -16.99 16.94 7.11
C ILE A 381 -16.94 16.46 8.54
N ILE A 382 -15.97 15.59 8.84
CA ILE A 382 -15.79 15.02 10.18
C ILE A 382 -14.33 15.15 10.59
N ASN A 383 -14.11 15.48 11.88
CA ASN A 383 -12.80 15.43 12.54
C ASN A 383 -12.90 14.51 13.77
N MET A 384 -13.33 13.27 13.55
CA MET A 384 -13.92 12.47 14.63
C MET A 384 -12.94 12.16 15.77
N TRP A 385 -11.75 11.66 15.46
CA TRP A 385 -10.81 11.18 16.48
C TRP A 385 -9.40 11.66 16.16
N GLN A 386 -8.45 11.25 17.02
CA GLN A 386 -7.03 11.48 16.76
C GLN A 386 -6.30 10.17 16.49
N GLY A 387 -5.83 10.03 15.25
CA GLY A 387 -4.99 8.91 14.85
C GLY A 387 -5.68 7.85 14.02
N VAL A 388 -6.56 8.24 13.10
CA VAL A 388 -7.29 7.32 12.24
C VAL A 388 -7.27 7.76 10.79
N GLY A 389 -6.62 8.89 10.49
CA GLY A 389 -6.98 9.62 9.29
C GLY A 389 -8.28 10.37 9.49
N ARG A 390 -8.23 11.46 10.26
CA ARG A 390 -9.44 12.07 10.82
C ARG A 390 -10.40 12.64 9.78
N CYS A 391 -9.92 13.37 8.78
CA CYS A 391 -10.87 14.13 7.96
C CYS A 391 -11.62 13.21 7.01
N MET A 392 -12.95 13.26 7.11
CA MET A 392 -13.88 12.40 6.37
C MET A 392 -15.06 13.28 5.93
N TYR A 393 -15.61 13.01 4.74
CA TYR A 393 -16.68 13.84 4.17
C TYR A 393 -17.93 12.99 3.94
N ALA A 394 -18.96 13.26 4.69
CA ALA A 394 -20.15 12.45 4.64
C ALA A 394 -20.92 12.74 3.36
N PRO A 395 -21.36 11.73 2.60
CA PRO A 395 -22.32 11.99 1.52
C PRO A 395 -23.70 12.31 2.08
N PRO A 396 -24.32 13.45 1.67
CA PRO A 396 -25.56 13.88 2.31
C PRO A 396 -26.70 12.99 1.89
N ILE A 397 -27.13 12.08 2.76
CA ILE A 397 -28.03 11.02 2.35
C ILE A 397 -29.38 11.62 1.93
N ALA A 398 -29.94 11.12 0.83
CA ALA A 398 -31.07 11.77 0.19
C ALA A 398 -32.35 11.58 1.01
N GLY A 399 -33.41 12.25 0.57
CA GLY A 399 -34.71 12.11 1.19
C GLY A 399 -34.79 12.80 2.54
N ASN A 400 -35.76 12.36 3.35
CA ASN A 400 -35.87 12.77 4.75
C ASN A 400 -35.81 11.51 5.61
N ILE A 401 -34.88 11.50 6.57
CA ILE A 401 -34.61 10.29 7.35
C ILE A 401 -35.39 10.31 8.65
N THR A 402 -35.43 9.16 9.30
CA THR A 402 -35.95 9.02 10.66
C THR A 402 -35.18 7.90 11.35
N CYS A 403 -34.73 8.15 12.60
CA CYS A 403 -33.89 7.20 13.35
C CYS A 403 -34.41 6.94 14.76
N ARG A 404 -35.63 6.43 14.89
CA ARG A 404 -36.19 6.15 16.20
C ARG A 404 -35.33 5.12 16.95
N SER A 405 -34.88 5.50 18.15
CA SER A 405 -33.91 4.72 18.91
C SER A 405 -34.13 5.00 20.39
N ASN A 406 -33.50 4.19 21.27
CA ASN A 406 -33.72 4.28 22.72
C ASN A 406 -32.47 4.77 23.45
N ILE A 407 -32.69 5.53 24.52
CA ILE A 407 -31.63 5.93 25.44
C ILE A 407 -31.41 4.81 26.45
N THR A 408 -30.40 3.99 26.20
CA THR A 408 -29.97 2.98 27.13
C THR A 408 -29.27 3.57 28.34
N GLY A 409 -28.63 4.72 28.19
CA GLY A 409 -27.76 5.22 29.25
C GLY A 409 -27.35 6.66 29.12
N LEU A 410 -26.83 7.18 30.23
CA LEU A 410 -26.42 8.56 30.36
C LEU A 410 -25.00 8.64 30.91
N LEU A 411 -24.30 9.68 30.48
CA LEU A 411 -22.94 9.96 30.89
C LEU A 411 -22.90 11.31 31.60
N LEU A 412 -22.48 11.30 32.87
CA LEU A 412 -22.33 12.50 33.68
C LEU A 412 -20.87 12.68 34.10
N THR A 413 -20.64 13.79 34.79
CA THR A 413 -19.31 14.17 35.21
C THR A 413 -19.46 15.04 36.46
N ARG A 414 -18.58 14.85 37.44
CA ARG A 414 -18.75 15.51 38.73
C ARG A 414 -18.13 16.91 38.71
N ASP A 415 -18.77 17.82 39.42
CA ASP A 415 -18.43 19.23 39.48
C ASP A 415 -17.36 19.48 40.53
N GLY A 416 -16.83 20.70 40.57
CA GLY A 416 -15.95 21.11 41.65
C GLY A 416 -16.72 21.44 42.91
N GLY A 417 -16.01 21.39 44.03
CA GLY A 417 -16.63 21.53 45.33
C GLY A 417 -15.74 22.25 46.34
N THR A 418 -16.29 23.27 46.98
CA THR A 418 -15.52 24.17 47.82
C THR A 418 -16.45 24.88 48.79
N ASN A 419 -15.88 25.34 49.90
CA ASN A 419 -16.63 26.12 50.90
C ASN A 419 -17.82 25.35 51.43
N SER A 420 -17.69 24.02 51.53
CA SER A 420 -18.75 23.15 52.06
C SER A 420 -20.06 23.34 51.31
N ASN A 421 -19.99 23.31 49.98
CA ASN A 421 -21.18 23.57 49.17
C ASN A 421 -22.22 22.48 49.38
N GLU A 422 -23.47 22.91 49.57
CA GLU A 422 -24.62 22.02 49.64
C GLU A 422 -25.27 21.78 48.28
N THR A 423 -24.96 22.60 47.28
CA THR A 423 -25.48 22.44 45.93
C THR A 423 -24.49 21.72 45.00
N GLU A 424 -23.80 20.70 45.50
CA GLU A 424 -23.01 19.87 44.60
C GLU A 424 -23.92 19.12 43.64
N THR A 425 -23.37 18.79 42.49
CA THR A 425 -24.11 18.19 41.41
C THR A 425 -23.12 17.49 40.50
N PHE A 426 -23.64 16.70 39.60
CA PHE A 426 -22.87 16.08 38.54
C PHE A 426 -23.42 16.62 37.22
N ARG A 427 -22.52 17.02 36.35
CA ARG A 427 -22.86 17.57 35.04
C ARG A 427 -22.68 16.53 33.93
N PRO A 428 -23.34 16.71 32.78
CA PRO A 428 -23.24 15.70 31.72
C PRO A 428 -21.81 15.56 31.23
N ALA A 429 -21.50 14.36 30.73
CA ALA A 429 -20.15 14.03 30.30
C ALA A 429 -20.00 14.20 28.80
N GLY A 430 -18.86 13.75 28.30
CA GLY A 430 -18.63 13.59 26.89
C GLY A 430 -17.19 13.15 26.78
N GLY A 431 -16.87 12.21 25.91
CA GLY A 431 -15.47 11.89 25.78
C GLY A 431 -15.25 10.80 24.77
N ASP A 432 -14.05 10.23 24.88
CA ASP A 432 -13.58 9.15 24.05
C ASP A 432 -14.58 7.99 24.00
N MET A 433 -14.49 7.20 22.94
CA MET A 433 -15.22 5.95 22.87
C MET A 433 -14.71 4.94 23.88
N ARG A 434 -13.54 5.17 24.48
CA ARG A 434 -13.06 4.30 25.54
C ARG A 434 -14.04 4.26 26.70
N ASP A 435 -14.66 5.41 27.01
CA ASP A 435 -15.61 5.52 28.10
C ASP A 435 -17.06 5.30 27.67
N ASN A 436 -17.32 5.10 26.37
CA ASN A 436 -18.62 4.61 25.92
C ASN A 436 -18.66 3.08 25.97
N TRP A 437 -17.76 2.43 25.25
CA TRP A 437 -17.85 0.99 25.04
C TRP A 437 -17.48 0.18 26.28
N ARG A 438 -16.87 0.82 27.28
CA ARG A 438 -16.57 0.11 28.53
C ARG A 438 -17.82 -0.09 29.38
N SER A 439 -18.89 0.67 29.15
CA SER A 439 -20.17 0.40 29.80
C SER A 439 -20.75 -0.94 29.38
N GLU A 440 -20.34 -1.46 28.21
CA GLU A 440 -20.85 -2.72 27.68
C GLU A 440 -20.07 -3.96 28.12
N LEU A 441 -18.81 -3.81 28.57
CA LEU A 441 -17.95 -4.95 28.88
C LEU A 441 -17.69 -5.11 30.37
N TYR A 442 -18.58 -4.60 31.21
CA TYR A 442 -18.44 -4.76 32.66
C TYR A 442 -18.47 -6.24 33.08
N LYS A 443 -18.97 -7.14 32.21
CA LYS A 443 -19.20 -8.52 32.63
C LYS A 443 -18.01 -9.45 32.40
N TYR A 444 -17.33 -9.34 31.26
CA TYR A 444 -16.41 -10.37 30.77
C TYR A 444 -15.00 -10.14 31.27
N LYS A 445 -14.33 -11.22 31.68
CA LYS A 445 -12.89 -11.22 31.93
C LYS A 445 -12.26 -12.38 31.20
N VAL A 446 -11.20 -12.09 30.45
CA VAL A 446 -10.58 -13.04 29.54
C VAL A 446 -9.34 -13.61 30.22
N VAL A 447 -9.19 -14.94 30.17
CA VAL A 447 -8.21 -15.67 30.96
C VAL A 447 -7.45 -16.65 30.08
N LYS A 448 -6.26 -17.02 30.54
CA LYS A 448 -5.42 -18.01 29.89
C LYS A 448 -5.37 -19.26 30.75
N ILE A 449 -5.48 -20.43 30.12
CA ILE A 449 -5.46 -21.70 30.83
C ILE A 449 -4.01 -22.16 30.97
N GLU A 450 -3.73 -22.88 32.07
CA GLU A 450 -2.46 -23.59 32.26
C GLU A 450 -2.81 -25.06 32.53
N PRO A 451 -2.96 -25.90 31.50
CA PRO A 451 -3.57 -27.21 31.71
C PRO A 451 -2.72 -28.21 32.48
N LEU A 452 -1.47 -27.91 32.77
CA LEU A 452 -0.60 -28.83 33.50
C LEU A 452 -0.65 -28.56 34.99
N GLY A 453 -0.44 -29.61 35.80
CA GLY A 453 -0.50 -29.49 37.24
C GLY A 453 0.18 -30.66 37.93
N VAL A 454 0.30 -30.53 39.25
CA VAL A 454 0.99 -31.50 40.10
C VAL A 454 0.21 -31.66 41.40
N ALA A 455 0.11 -32.90 41.89
CA ALA A 455 -0.43 -33.18 43.22
C ALA A 455 -0.04 -34.59 43.66
N PRO A 456 0.51 -34.78 44.85
CA PRO A 456 1.13 -36.08 45.17
C PRO A 456 0.11 -37.18 45.46
N THR A 457 0.56 -38.43 45.32
CA THR A 457 -0.20 -39.59 45.77
C THR A 457 0.74 -40.78 45.88
N ARG A 458 0.16 -41.97 46.08
CA ARG A 458 0.93 -43.11 46.60
C ARG A 458 1.69 -43.85 45.51
N CYS A 459 1.16 -43.95 44.29
CA CYS A 459 1.63 -44.93 43.34
C CYS A 459 3.06 -44.62 42.87
N LYS A 460 3.60 -45.53 42.06
CA LYS A 460 5.01 -45.53 41.71
C LYS A 460 5.18 -46.15 40.33
N ARG A 461 6.23 -45.73 39.62
CA ARG A 461 6.68 -46.36 38.40
C ARG A 461 7.85 -47.29 38.70
N ARG A 462 7.86 -48.45 38.04
CA ARG A 462 8.82 -49.49 38.35
C ARG A 462 10.24 -49.04 38.02
N VAL A 463 11.21 -49.62 38.73
CA VAL A 463 12.61 -49.32 38.55
C VAL A 463 13.05 -49.75 37.15
N LEU B 9 -19.74 -29.95 29.10
CA LEU B 9 -19.47 -28.79 29.94
C LEU B 9 -18.31 -27.94 29.45
N GLY B 10 -17.58 -28.37 28.42
CA GLY B 10 -16.67 -27.47 27.74
C GLY B 10 -15.39 -27.18 28.50
N PHE B 11 -14.93 -25.94 28.34
CA PHE B 11 -13.56 -25.57 28.70
C PHE B 11 -13.32 -25.58 30.20
N LEU B 12 -14.27 -25.08 30.97
CA LEU B 12 -14.17 -24.95 32.42
C LEU B 12 -15.36 -25.63 33.09
N GLY B 13 -15.62 -26.86 32.70
CA GLY B 13 -16.79 -27.60 33.13
C GLY B 13 -16.78 -28.09 34.56
N ALA B 14 -15.61 -28.05 35.21
CA ALA B 14 -15.51 -28.50 36.60
C ALA B 14 -14.69 -27.55 37.46
N ALA B 15 -14.71 -26.25 37.17
CA ALA B 15 -13.94 -25.30 37.97
C ALA B 15 -14.50 -25.20 39.38
N GLY B 16 -13.60 -25.06 40.35
CA GLY B 16 -13.97 -24.91 41.74
C GLY B 16 -14.19 -26.20 42.50
N SER B 17 -14.27 -27.33 41.81
CA SER B 17 -14.50 -28.61 42.49
C SER B 17 -13.20 -29.12 43.09
N THR B 18 -13.32 -30.15 43.92
CA THR B 18 -12.17 -30.80 44.52
C THR B 18 -11.42 -31.61 43.47
N MET B 19 -10.27 -32.16 43.89
CA MET B 19 -9.38 -32.82 42.93
C MET B 19 -9.99 -34.13 42.45
N GLY B 20 -10.48 -34.94 43.38
CA GLY B 20 -11.07 -36.23 43.04
C GLY B 20 -12.32 -36.09 42.19
N ALA B 21 -13.08 -35.03 42.44
CA ALA B 21 -14.29 -34.77 41.67
C ALA B 21 -14.03 -34.41 40.22
N ALA B 22 -12.78 -34.07 39.87
CA ALA B 22 -12.41 -33.73 38.51
C ALA B 22 -11.09 -34.36 38.07
N SER B 23 -10.63 -35.44 38.71
CA SER B 23 -9.40 -36.10 38.32
C SER B 23 -9.58 -37.06 37.15
N MET B 24 -10.81 -37.25 36.66
CA MET B 24 -11.08 -38.05 35.48
C MET B 24 -12.03 -37.27 34.58
N THR B 25 -12.16 -37.73 33.34
CA THR B 25 -12.82 -37.00 32.27
C THR B 25 -12.13 -35.67 31.97
N LEU B 26 -10.80 -35.64 32.05
CA LEU B 26 -10.06 -34.44 31.64
C LEU B 26 -10.02 -34.28 30.13
N THR B 27 -10.50 -35.29 29.38
CA THR B 27 -10.49 -35.22 27.93
C THR B 27 -11.25 -34.00 27.41
N VAL B 28 -12.37 -33.66 28.06
CA VAL B 28 -13.18 -32.54 27.60
C VAL B 28 -12.45 -31.21 27.67
N GLN B 29 -11.40 -31.12 28.48
CA GLN B 29 -10.53 -29.95 28.51
C GLN B 29 -9.41 -30.04 27.48
N ALA B 30 -8.62 -31.12 27.54
CA ALA B 30 -7.41 -31.21 26.73
C ALA B 30 -7.72 -31.39 25.24
N ARG B 31 -8.92 -31.87 24.90
CA ARG B 31 -9.23 -32.20 23.52
C ARG B 31 -9.39 -30.97 22.63
N ASN B 32 -9.55 -29.76 23.19
CA ASN B 32 -9.88 -28.55 22.44
C ASN B 32 -8.91 -27.43 22.83
N LEU B 33 -7.87 -27.24 22.03
CA LEU B 33 -6.91 -26.14 22.25
C LEU B 33 -6.47 -25.54 20.92
N LEU B 34 -7.41 -25.36 19.99
CA LEU B 34 -7.08 -24.80 18.69
C LEU B 34 -8.34 -24.25 18.05
N SER B 35 -8.22 -23.11 17.36
CA SER B 35 -9.41 -22.46 16.85
C SER B 35 -9.06 -21.33 15.88
N GLY B 36 -10.06 -20.95 15.05
CA GLY B 36 -10.09 -19.69 14.31
C GLY B 36 -9.91 -19.80 12.80
N THR B 37 -10.06 -18.66 12.13
CA THR B 37 -9.75 -18.56 10.71
C THR B 37 -9.45 -17.12 10.31
N VAL B 38 -9.32 -16.91 9.00
CA VAL B 38 -8.50 -15.87 8.34
C VAL B 38 -8.79 -14.43 8.77
N TRP B 39 -7.82 -13.79 9.42
CA TRP B 39 -7.67 -12.33 9.32
C TRP B 39 -6.21 -11.90 9.28
N GLY B 40 -5.42 -12.49 8.39
CA GLY B 40 -4.06 -12.00 8.29
C GLY B 40 -3.22 -12.37 9.50
N ILE B 41 -2.12 -11.62 9.66
CA ILE B 41 -1.16 -11.88 10.73
C ILE B 41 -1.79 -11.69 12.10
N LYS B 42 -2.53 -10.60 12.27
CA LYS B 42 -3.01 -10.20 13.58
C LYS B 42 -3.93 -11.25 14.22
N GLN B 43 -4.56 -12.10 13.41
CA GLN B 43 -5.28 -13.31 13.83
C GLN B 43 -4.42 -14.56 13.76
N LEU B 44 -3.58 -14.66 12.73
CA LEU B 44 -2.79 -15.86 12.51
C LEU B 44 -1.76 -16.06 13.60
N GLN B 45 -1.52 -15.02 14.41
CA GLN B 45 -0.73 -15.20 15.64
C GLN B 45 -1.49 -16.04 16.66
N ALA B 46 -2.81 -16.16 16.49
CA ALA B 46 -3.60 -17.07 17.30
C ALA B 46 -3.70 -18.48 16.72
N ARG B 47 -3.32 -18.69 15.45
CA ARG B 47 -3.32 -20.05 14.89
C ARG B 47 -2.03 -20.79 15.26
N VAL B 48 -0.87 -20.14 15.08
CA VAL B 48 0.40 -20.72 15.52
C VAL B 48 0.63 -20.56 17.01
N LEU B 49 -0.29 -19.91 17.74
CA LEU B 49 -0.24 -19.85 19.20
C LEU B 49 -0.28 -21.25 19.81
N ALA B 50 -0.87 -22.22 19.10
CA ALA B 50 -0.88 -23.59 19.59
C ALA B 50 0.52 -24.13 19.77
N VAL B 51 1.43 -23.85 18.83
CA VAL B 51 2.82 -24.25 18.99
C VAL B 51 3.43 -23.57 20.21
N GLU B 52 3.15 -22.28 20.39
CA GLU B 52 3.76 -21.52 21.48
C GLU B 52 3.28 -22.04 22.84
N ARG B 53 2.05 -22.56 22.89
CA ARG B 53 1.37 -22.95 24.13
C ARG B 53 1.18 -24.45 24.29
N TYR B 54 0.50 -25.11 23.35
CA TYR B 54 0.16 -26.52 23.53
C TYR B 54 1.40 -27.40 23.49
N LEU B 55 2.25 -27.21 22.48
CA LEU B 55 3.39 -28.10 22.30
C LEU B 55 4.42 -27.92 23.41
N ARG B 56 4.52 -26.72 24.00
CA ARG B 56 5.42 -26.52 25.13
C ARG B 56 5.01 -27.40 26.31
N ASP B 57 3.74 -27.33 26.68
CA ASP B 57 3.25 -28.18 27.76
C ASP B 57 3.36 -29.65 27.40
N GLN B 58 3.10 -30.00 26.13
CA GLN B 58 3.18 -31.40 25.71
C GLN B 58 4.60 -31.94 25.87
N GLN B 59 5.61 -31.16 25.46
CA GLN B 59 6.97 -31.66 25.55
C GLN B 59 7.47 -31.64 27.00
N LEU B 60 7.01 -30.69 27.81
CA LEU B 60 7.30 -30.76 29.24
C LEU B 60 6.76 -32.07 29.83
N LEU B 61 5.52 -32.42 29.49
CA LEU B 61 4.93 -33.64 30.02
C LEU B 61 5.63 -34.88 29.47
N GLY B 62 6.04 -34.85 28.21
CA GLY B 62 6.60 -36.05 27.58
C GLY B 62 8.05 -36.30 27.92
N ILE B 63 8.80 -35.26 28.27
CA ILE B 63 10.20 -35.45 28.60
C ILE B 63 10.36 -36.27 29.88
N TRP B 64 9.39 -36.22 30.78
CA TRP B 64 9.45 -36.97 32.03
C TRP B 64 9.09 -38.44 31.87
N GLY B 65 8.73 -38.89 30.67
CA GLY B 65 8.21 -40.22 30.47
C GLY B 65 6.73 -40.37 30.75
N CYS B 66 6.02 -39.28 31.01
CA CYS B 66 4.59 -39.33 31.31
C CYS B 66 3.76 -39.07 30.06
N SER B 67 4.28 -39.47 28.90
CA SER B 67 3.49 -39.38 27.67
C SER B 67 2.25 -40.25 27.80
N GLY B 68 1.13 -39.70 27.35
CA GLY B 68 -0.17 -40.28 27.64
C GLY B 68 -0.73 -39.67 28.90
N LYS B 69 -1.85 -38.99 28.80
CA LYS B 69 -2.36 -38.12 29.87
C LYS B 69 -3.08 -38.89 30.97
N LEU B 70 -2.37 -39.81 31.63
CA LEU B 70 -2.87 -40.48 32.82
C LEU B 70 -2.49 -39.67 34.06
N ILE B 71 -2.77 -40.24 35.23
CA ILE B 71 -2.25 -39.71 36.49
C ILE B 71 -0.87 -40.31 36.69
N CYS B 72 0.15 -39.63 36.14
CA CYS B 72 1.48 -40.21 36.07
C CYS B 72 2.28 -39.92 37.33
N CYS B 73 2.67 -40.98 38.03
CA CYS B 73 3.34 -40.92 39.32
C CYS B 73 4.67 -41.67 39.26
N THR B 74 5.79 -40.93 39.31
CA THR B 74 7.04 -41.49 38.84
C THR B 74 8.12 -41.72 39.88
N ASN B 75 8.72 -40.63 40.40
CA ASN B 75 9.97 -40.77 41.15
C ASN B 75 10.02 -40.11 42.53
N VAL B 76 9.76 -38.81 42.59
CA VAL B 76 10.30 -37.99 43.69
C VAL B 76 9.36 -38.07 44.89
N PRO B 77 9.86 -38.27 46.12
CA PRO B 77 8.96 -38.19 47.27
C PRO B 77 8.49 -36.77 47.52
N TRP B 78 7.28 -36.64 48.06
CA TRP B 78 6.71 -35.35 48.41
C TRP B 78 7.27 -34.91 49.74
N ASN B 79 8.17 -33.92 49.72
CA ASN B 79 8.72 -33.37 50.95
C ASN B 79 7.62 -32.76 51.79
N SER B 80 7.63 -33.06 53.10
CA SER B 80 6.53 -32.66 53.96
C SER B 80 6.46 -31.14 54.13
N SER B 81 7.60 -30.46 54.09
CA SER B 81 7.62 -29.02 54.38
C SER B 81 6.87 -28.20 53.34
N TRP B 82 6.63 -28.75 52.14
CA TRP B 82 5.96 -27.98 51.09
C TRP B 82 4.52 -27.63 51.46
N SER B 83 3.74 -28.58 51.98
CA SER B 83 2.38 -28.32 52.44
C SER B 83 2.20 -28.78 53.89
N ASN B 84 2.75 -29.94 54.22
CA ASN B 84 2.71 -30.49 55.58
C ASN B 84 1.31 -30.92 56.02
N ARG B 85 0.33 -30.86 55.13
CA ARG B 85 -1.02 -31.28 55.46
C ARG B 85 -1.25 -32.72 55.00
N ASN B 86 -2.26 -33.36 55.60
CA ASN B 86 -2.48 -34.79 55.41
C ASN B 86 -2.93 -35.08 53.98
N LEU B 87 -2.86 -36.37 53.61
CA LEU B 87 -3.21 -36.79 52.26
C LEU B 87 -4.65 -36.41 51.92
N SER B 88 -5.57 -36.65 52.86
CA SER B 88 -6.98 -36.35 52.61
C SER B 88 -7.19 -34.87 52.35
N GLU B 89 -6.46 -34.01 53.06
CA GLU B 89 -6.62 -32.56 52.91
C GLU B 89 -6.31 -32.13 51.47
N ILE B 90 -5.09 -32.41 51.00
CA ILE B 90 -4.69 -32.00 49.66
C ILE B 90 -5.55 -32.69 48.61
N TRP B 91 -5.91 -33.96 48.86
CA TRP B 91 -6.62 -34.72 47.83
C TRP B 91 -8.05 -34.25 47.64
N ASP B 92 -8.81 -34.05 48.74
CA ASP B 92 -10.26 -33.84 48.62
C ASP B 92 -10.81 -32.67 49.44
N ASN B 93 -9.97 -31.91 50.16
CA ASN B 93 -10.43 -30.73 50.88
C ASN B 93 -10.03 -29.44 50.16
N MET B 94 -8.89 -29.46 49.47
CA MET B 94 -8.41 -28.29 48.75
C MET B 94 -8.96 -28.28 47.33
N THR B 95 -8.90 -27.09 46.71
CA THR B 95 -9.28 -26.89 45.32
C THR B 95 -8.08 -26.37 44.55
N TRP B 96 -8.23 -26.32 43.22
CA TRP B 96 -7.06 -26.12 42.36
C TRP B 96 -6.47 -24.71 42.45
N LEU B 97 -7.30 -23.71 42.75
CA LEU B 97 -6.85 -22.33 42.63
C LEU B 97 -5.72 -22.02 43.62
N GLN B 98 -6.01 -22.10 44.91
CA GLN B 98 -4.98 -21.78 45.90
C GLN B 98 -3.89 -22.83 45.94
N TRP B 99 -4.21 -24.07 45.55
CA TRP B 99 -3.17 -25.10 45.45
C TRP B 99 -2.14 -24.72 44.39
N ASP B 100 -2.61 -24.27 43.23
CA ASP B 100 -1.69 -23.80 42.20
C ASP B 100 -0.92 -22.58 42.66
N LYS B 101 -1.63 -21.62 43.27
CA LYS B 101 -0.97 -20.40 43.72
C LYS B 101 0.07 -20.68 44.81
N GLU B 102 -0.10 -21.77 45.56
CA GLU B 102 0.85 -22.10 46.62
C GLU B 102 2.04 -22.88 46.08
N ILE B 103 1.80 -23.80 45.15
CA ILE B 103 2.83 -24.72 44.65
C ILE B 103 3.47 -24.25 43.35
N SER B 104 2.89 -23.26 42.67
CA SER B 104 3.49 -22.74 41.44
C SER B 104 4.88 -22.15 41.65
N ASN B 105 5.22 -21.79 42.89
CA ASN B 105 6.54 -21.23 43.18
C ASN B 105 7.66 -22.26 43.01
N TYR B 106 7.36 -23.54 43.15
CA TYR B 106 8.38 -24.60 43.15
C TYR B 106 8.31 -25.54 41.95
N THR B 107 7.42 -25.32 40.97
CA THR B 107 7.31 -26.25 39.84
C THR B 107 8.55 -26.23 38.95
N GLN B 108 9.17 -25.06 38.75
CA GLN B 108 10.37 -25.01 37.91
C GLN B 108 11.48 -25.90 38.46
N ILE B 109 11.56 -26.04 39.77
CA ILE B 109 12.50 -26.97 40.39
C ILE B 109 12.04 -28.41 40.19
N ILE B 110 10.74 -28.66 40.34
CA ILE B 110 10.21 -30.02 40.29
C ILE B 110 10.39 -30.61 38.88
N TYR B 111 10.19 -29.78 37.85
CA TYR B 111 10.36 -30.27 36.48
C TYR B 111 11.82 -30.60 36.20
N GLY B 112 12.73 -29.76 36.71
CA GLY B 112 14.15 -30.05 36.57
C GLY B 112 14.54 -31.35 37.26
N LEU B 113 14.00 -31.57 38.46
CA LEU B 113 14.25 -32.83 39.17
C LEU B 113 13.68 -34.02 38.39
N LEU B 114 12.46 -33.87 37.88
CA LEU B 114 11.80 -34.94 37.14
C LEU B 114 12.56 -35.32 35.87
N GLU B 115 13.03 -34.34 35.11
CA GLU B 115 13.78 -34.61 33.89
C GLU B 115 15.22 -35.05 34.14
N GLU B 116 15.89 -34.55 35.17
CA GLU B 116 17.26 -34.96 35.44
C GLU B 116 17.33 -36.34 36.09
N SER B 117 16.32 -36.72 36.87
CA SER B 117 16.26 -38.05 37.46
C SER B 117 15.61 -39.08 36.54
N GLN B 118 15.20 -38.69 35.33
CA GLN B 118 14.54 -39.63 34.43
C GLN B 118 15.53 -40.60 33.80
N ASN B 119 16.77 -40.16 33.56
CA ASN B 119 17.73 -40.99 32.84
C ASN B 119 18.10 -42.25 33.63
N GLN B 120 17.99 -42.20 34.96
CA GLN B 120 18.35 -43.34 35.80
C GLN B 120 17.28 -44.43 35.82
N GLN B 121 16.10 -44.18 35.24
CA GLN B 121 15.07 -45.20 35.10
C GLN B 121 15.16 -45.94 33.76
N GLU B 122 16.09 -45.56 32.88
CA GLU B 122 16.21 -46.14 31.55
C GLU B 122 17.64 -46.42 31.11
N LYS B 123 18.66 -46.13 31.93
CA LYS B 123 20.03 -46.21 31.47
C LYS B 123 20.46 -47.63 31.14
N ASN B 124 20.01 -48.61 31.93
CA ASN B 124 20.42 -50.00 31.78
C ASN B 124 19.26 -50.97 31.59
N GLU B 125 18.02 -50.48 31.48
CA GLU B 125 16.88 -51.37 31.26
C GLU B 125 16.64 -51.67 29.79
N GLN B 126 17.69 -51.98 29.04
CA GLN B 126 17.58 -52.46 27.67
C GLN B 126 18.47 -53.68 27.44
N ASP B 127 19.66 -53.68 28.03
CA ASP B 127 20.65 -54.74 27.83
C ASP B 127 20.71 -55.72 28.99
N LEU B 128 20.45 -55.27 30.22
CA LEU B 128 20.22 -56.22 31.30
C LEU B 128 18.95 -57.02 31.05
N LEU B 129 17.98 -56.41 30.38
CA LEU B 129 16.82 -57.16 29.90
C LEU B 129 17.22 -58.21 28.86
N ALA B 130 18.24 -57.90 28.04
CA ALA B 130 18.73 -58.88 27.08
C ALA B 130 19.30 -60.10 27.79
N LEU B 131 20.05 -59.89 28.89
CA LEU B 131 20.54 -61.02 29.67
C LEU B 131 19.38 -61.81 30.28
N ASP B 132 18.35 -61.12 30.74
CA ASP B 132 17.16 -61.77 31.31
C ASP B 132 16.41 -62.55 30.22
N GLN C 1 -65.78 34.25 12.95
CA GLN C 1 -65.41 34.02 11.52
C GLN C 1 -64.13 34.75 11.17
N VAL C 2 -63.25 34.08 10.41
CA VAL C 2 -61.98 34.67 10.02
C VAL C 2 -62.20 35.73 8.93
N GLN C 3 -61.46 36.83 9.03
CA GLN C 3 -61.56 37.95 8.10
C GLN C 3 -60.59 37.74 6.95
N LEU C 4 -61.07 37.92 5.72
CA LEU C 4 -60.28 37.61 4.54
C LEU C 4 -60.82 38.37 3.34
N VAL C 5 -59.94 39.13 2.67
CA VAL C 5 -60.31 39.99 1.54
C VAL C 5 -59.18 39.95 0.52
N GLN C 6 -59.55 40.04 -0.76
CA GLN C 6 -58.64 40.19 -1.88
C GLN C 6 -58.76 41.61 -2.45
N SER C 7 -57.95 41.89 -3.47
CA SER C 7 -58.23 43.02 -4.35
C SER C 7 -59.44 42.68 -5.22
N GLY C 8 -60.24 43.69 -5.54
CA GLY C 8 -61.43 43.48 -6.36
C GLY C 8 -61.07 43.04 -7.77
N ALA C 9 -62.12 42.97 -8.60
CA ALA C 9 -61.95 42.59 -9.99
C ALA C 9 -61.07 43.60 -10.72
N GLU C 10 -60.28 43.10 -11.68
CA GLU C 10 -59.23 43.88 -12.32
C GLU C 10 -59.36 43.75 -13.83
N VAL C 11 -58.76 44.71 -14.54
CA VAL C 11 -58.77 44.74 -15.99
C VAL C 11 -57.38 45.09 -16.50
N LYS C 12 -56.96 44.39 -17.55
CA LYS C 12 -55.65 44.59 -18.16
C LYS C 12 -55.79 44.40 -19.66
N ASN C 13 -54.68 44.65 -20.37
CA ASN C 13 -54.54 44.24 -21.76
C ASN C 13 -53.82 42.89 -21.81
N PRO C 14 -54.05 42.08 -22.84
CA PRO C 14 -53.36 40.78 -22.92
C PRO C 14 -51.85 40.95 -23.01
N GLY C 15 -51.13 40.08 -22.31
CA GLY C 15 -49.69 40.14 -22.21
C GLY C 15 -49.16 41.05 -21.12
N ALA C 16 -50.03 41.76 -20.41
CA ALA C 16 -49.60 42.65 -19.34
C ALA C 16 -49.40 41.84 -18.05
N SER C 17 -49.21 42.55 -16.93
CA SER C 17 -48.99 41.95 -15.63
C SER C 17 -50.13 42.33 -14.68
N VAL C 18 -50.28 41.53 -13.62
CA VAL C 18 -51.33 41.70 -12.62
C VAL C 18 -50.67 41.74 -11.24
N LYS C 19 -51.36 42.34 -10.25
CA LYS C 19 -50.86 42.46 -8.87
C LYS C 19 -52.00 42.20 -7.88
N VAL C 20 -52.71 41.09 -8.07
CA VAL C 20 -53.84 40.70 -7.22
C VAL C 20 -53.37 40.59 -5.76
N SER C 21 -54.26 40.94 -4.83
CA SER C 21 -53.96 41.11 -3.41
C SER C 21 -54.60 40.03 -2.53
N CYS C 22 -54.13 39.99 -1.29
CA CYS C 22 -54.82 39.31 -0.21
C CYS C 22 -54.40 39.90 1.12
N ALA C 23 -55.36 40.38 1.90
CA ALA C 23 -55.07 41.05 3.17
C ALA C 23 -55.97 40.56 4.29
N PRO C 24 -55.75 39.34 4.77
CA PRO C 24 -56.61 38.78 5.82
C PRO C 24 -56.19 39.26 7.20
N SER C 25 -57.09 39.05 8.15
CA SER C 25 -56.81 39.21 9.56
C SER C 25 -57.69 38.22 10.33
N GLY C 26 -57.80 38.41 11.64
CA GLY C 26 -58.41 37.43 12.52
C GLY C 26 -57.44 36.41 13.06
N TYR C 27 -56.36 36.13 12.33
CA TYR C 27 -55.23 35.36 12.81
C TYR C 27 -53.98 36.14 12.45
N THR C 28 -52.91 35.95 13.23
CA THR C 28 -51.66 36.60 12.89
C THR C 28 -51.16 36.07 11.56
N PHE C 29 -50.71 36.97 10.69
CA PHE C 29 -50.50 36.63 9.29
C PHE C 29 -49.42 35.58 9.08
N THR C 30 -48.54 35.37 10.07
CA THR C 30 -47.49 34.37 9.99
C THR C 30 -47.90 33.03 10.61
N ASP C 31 -49.20 32.75 10.68
CA ASP C 31 -49.69 31.48 11.23
C ASP C 31 -49.93 30.42 10.16
N PHE C 32 -50.58 30.80 9.05
CA PHE C 32 -51.00 29.86 8.02
C PHE C 32 -50.45 30.30 6.67
N TYR C 33 -50.21 29.32 5.81
CA TYR C 33 -49.72 29.60 4.46
C TYR C 33 -50.81 30.27 3.63
N ILE C 34 -50.42 30.79 2.46
CA ILE C 34 -51.34 31.41 1.52
C ILE C 34 -51.15 30.73 0.17
N HIS C 35 -52.26 30.42 -0.49
CA HIS C 35 -52.27 29.69 -1.76
C HIS C 35 -53.09 30.44 -2.78
N TRP C 36 -52.82 30.16 -4.07
CA TRP C 36 -53.50 30.80 -5.18
C TRP C 36 -53.85 29.76 -6.23
N VAL C 37 -55.01 29.93 -6.87
CA VAL C 37 -55.48 29.01 -7.90
C VAL C 37 -56.16 29.82 -9.00
N ARG C 38 -56.35 29.19 -10.17
CA ARG C 38 -57.00 29.80 -11.32
C ARG C 38 -58.23 28.96 -11.68
N LEU C 39 -59.42 29.53 -11.44
CA LEU C 39 -60.68 28.85 -11.70
C LEU C 39 -61.06 29.09 -13.16
N ALA C 40 -60.86 28.09 -14.00
CA ALA C 40 -61.03 28.27 -15.44
C ALA C 40 -62.50 28.49 -15.78
N PRO C 41 -62.80 29.17 -16.91
CA PRO C 41 -64.21 29.41 -17.27
C PRO C 41 -64.86 28.22 -17.95
N GLY C 42 -65.41 27.32 -17.13
CA GLY C 42 -66.02 26.10 -17.62
C GLY C 42 -65.11 24.92 -17.74
N GLN C 43 -63.92 24.96 -17.13
CA GLN C 43 -62.98 23.86 -17.13
C GLN C 43 -62.41 23.70 -15.73
N GLY C 44 -61.62 22.64 -15.56
CA GLY C 44 -61.01 22.40 -14.26
C GLY C 44 -60.03 23.51 -13.89
N LEU C 45 -59.99 23.82 -12.60
CA LEU C 45 -59.10 24.88 -12.12
C LEU C 45 -57.65 24.43 -12.16
N GLU C 46 -56.75 25.40 -12.02
CA GLU C 46 -55.30 25.16 -12.04
C GLU C 46 -54.66 25.88 -10.86
N TRP C 47 -53.56 25.31 -10.37
CA TRP C 47 -52.89 25.76 -9.15
C TRP C 47 -51.64 26.55 -9.50
N LEU C 48 -51.48 27.71 -8.85
CA LEU C 48 -50.42 28.65 -9.22
C LEU C 48 -49.22 28.61 -8.26
N GLY C 49 -49.43 28.81 -6.96
CA GLY C 49 -48.31 28.87 -6.04
C GLY C 49 -48.78 29.02 -4.61
N TRP C 50 -47.80 29.01 -3.71
CA TRP C 50 -48.02 29.20 -2.28
C TRP C 50 -46.99 30.16 -1.68
N MET C 51 -47.42 30.91 -0.67
CA MET C 51 -46.64 31.85 0.13
C MET C 51 -46.29 31.25 1.48
N ASN C 52 -45.01 31.31 1.85
CA ASN C 52 -44.64 31.30 3.25
C ASN C 52 -44.72 32.73 3.79
N PRO C 53 -45.73 33.08 4.60
CA PRO C 53 -45.83 34.49 5.04
C PRO C 53 -44.68 34.96 5.92
N LYS C 54 -43.91 34.04 6.50
CA LYS C 54 -42.87 34.39 7.47
C LYS C 54 -41.48 34.46 6.87
N THR C 55 -41.25 33.87 5.70
CA THR C 55 -39.93 33.83 5.08
C THR C 55 -40.07 34.15 3.60
N GLY C 56 -38.91 34.24 2.93
CA GLY C 56 -38.83 34.53 1.51
C GLY C 56 -38.94 33.32 0.62
N ARG C 57 -39.12 32.12 1.19
CA ARG C 57 -39.31 30.93 0.40
C ARG C 57 -40.63 31.03 -0.37
N THR C 58 -40.59 30.57 -1.62
CA THR C 58 -41.73 30.54 -2.54
C THR C 58 -41.66 29.27 -3.39
N ASN C 59 -42.81 28.86 -3.91
CA ASN C 59 -42.92 27.77 -4.88
C ASN C 59 -44.15 28.01 -5.73
N GLN C 60 -44.07 27.61 -6.99
CA GLN C 60 -45.17 27.80 -7.93
C GLN C 60 -45.37 26.53 -8.74
N GLY C 61 -46.44 26.52 -9.52
CA GLY C 61 -46.76 25.34 -10.31
C GLY C 61 -45.67 25.02 -11.31
N GLN C 62 -45.56 23.73 -11.63
CA GLN C 62 -44.47 23.28 -12.49
C GLN C 62 -44.59 23.81 -13.92
N ASN C 63 -45.77 24.31 -14.30
CA ASN C 63 -45.97 24.92 -15.62
C ASN C 63 -45.93 26.44 -15.60
N PHE C 64 -46.01 27.07 -14.43
CA PHE C 64 -46.23 28.51 -14.33
C PHE C 64 -45.00 29.31 -13.92
N GLN C 65 -43.88 28.65 -13.61
CA GLN C 65 -42.67 29.39 -13.25
C GLN C 65 -42.18 30.24 -14.43
N GLY C 66 -41.67 31.42 -14.10
CA GLY C 66 -41.32 32.43 -15.09
C GLY C 66 -42.50 33.30 -15.44
N ARG C 67 -43.66 32.67 -15.68
CA ARG C 67 -44.88 33.44 -15.93
C ARG C 67 -45.39 34.10 -14.65
N VAL C 68 -45.24 33.43 -13.51
CA VAL C 68 -45.73 33.92 -12.22
C VAL C 68 -44.56 34.27 -11.31
N THR C 69 -44.74 35.35 -10.56
CA THR C 69 -43.89 35.71 -9.43
C THR C 69 -44.83 36.28 -8.37
N MET C 70 -44.36 36.31 -7.12
CA MET C 70 -45.24 36.58 -6.00
C MET C 70 -44.44 36.88 -4.74
N THR C 71 -44.72 38.03 -4.13
CA THR C 71 -43.90 38.62 -3.08
C THR C 71 -44.77 39.02 -1.90
N ARG C 72 -44.14 39.64 -0.89
CA ARG C 72 -44.81 40.01 0.34
C ARG C 72 -44.05 41.15 1.00
N ASP C 73 -44.79 41.99 1.71
CA ASP C 73 -44.26 43.04 2.56
C ASP C 73 -44.77 42.87 3.98
N THR C 74 -43.95 43.29 4.96
CA THR C 74 -44.30 43.20 6.38
C THR C 74 -44.54 44.56 7.02
N SER C 75 -44.11 45.65 6.39
CA SER C 75 -44.42 46.98 6.91
C SER C 75 -45.93 47.22 6.90
N ILE C 76 -46.59 46.80 5.82
CA ILE C 76 -48.05 46.83 5.71
C ILE C 76 -48.67 45.45 5.91
N GLY C 77 -47.90 44.38 5.77
CA GLY C 77 -48.39 43.03 6.07
C GLY C 77 -49.37 42.46 5.06
N THR C 78 -48.99 42.44 3.80
CA THR C 78 -49.85 42.08 2.68
C THR C 78 -48.96 41.41 1.64
N ALA C 79 -49.54 40.50 0.88
CA ALA C 79 -48.82 39.76 -0.13
C ALA C 79 -49.48 39.99 -1.47
N TYR C 80 -48.66 40.07 -2.49
CA TYR C 80 -49.09 40.37 -3.85
C TYR C 80 -48.69 39.24 -4.78
N MET C 81 -49.61 38.87 -5.67
CA MET C 81 -49.40 37.83 -6.68
C MET C 81 -49.29 38.44 -8.06
N GLU C 82 -48.38 37.92 -8.88
CA GLU C 82 -48.12 38.46 -10.21
C GLU C 82 -48.15 37.35 -11.26
N LEU C 83 -48.51 37.73 -12.50
CA LEU C 83 -48.62 36.78 -13.61
C LEU C 83 -48.47 37.56 -14.92
N ARG C 84 -47.43 37.24 -15.69
CA ARG C 84 -47.22 37.85 -17.00
C ARG C 84 -47.86 36.98 -18.09
N SER C 85 -47.91 37.53 -19.30
CA SER C 85 -48.35 36.79 -20.49
C SER C 85 -49.83 36.40 -20.39
N LEU C 86 -50.68 37.37 -20.09
CA LEU C 86 -52.12 37.11 -20.05
C LEU C 86 -52.67 36.92 -21.46
N THR C 87 -53.73 36.12 -21.55
CA THR C 87 -54.43 35.89 -22.80
C THR C 87 -55.93 35.88 -22.52
N SER C 88 -56.71 36.06 -23.60
CA SER C 88 -58.16 36.06 -23.46
C SER C 88 -58.68 34.70 -23.01
N ASP C 89 -58.00 33.61 -23.37
CA ASP C 89 -58.47 32.27 -23.02
C ASP C 89 -58.30 31.96 -21.54
N ASP C 90 -57.34 32.61 -20.86
CA ASP C 90 -57.07 32.31 -19.46
C ASP C 90 -57.72 33.31 -18.51
N THR C 91 -58.61 34.16 -19.01
CA THR C 91 -59.38 35.03 -18.12
C THR C 91 -60.23 34.18 -17.19
N ALA C 92 -60.10 34.43 -15.89
CA ALA C 92 -60.65 33.52 -14.89
C ALA C 92 -60.75 34.24 -13.56
N VAL C 93 -61.47 33.63 -12.62
CA VAL C 93 -61.57 34.11 -11.26
C VAL C 93 -60.37 33.60 -10.49
N TYR C 94 -59.53 34.51 -10.01
CA TYR C 94 -58.32 34.17 -9.27
C TYR C 94 -58.61 34.32 -7.78
N TYR C 95 -58.39 33.24 -7.02
CA TYR C 95 -58.83 33.12 -5.64
C TYR C 95 -57.63 33.12 -4.71
N CYS C 96 -57.72 33.93 -3.65
CA CYS C 96 -56.80 33.81 -2.53
C CYS C 96 -57.28 32.70 -1.61
N VAL C 97 -56.32 31.90 -1.14
CA VAL C 97 -56.61 30.68 -0.40
C VAL C 97 -55.66 30.60 0.78
N THR C 98 -56.18 30.12 1.91
CA THR C 98 -55.40 29.96 3.14
C THR C 98 -54.93 28.52 3.22
N GLY C 99 -53.66 28.34 3.58
CA GLY C 99 -53.06 27.03 3.69
C GLY C 99 -53.12 26.49 5.11
N ALA C 100 -52.20 25.57 5.39
CA ALA C 100 -52.14 24.93 6.70
C ALA C 100 -51.29 25.77 7.67
N TRP C 101 -51.33 25.37 8.93
CA TRP C 101 -50.55 26.05 9.97
C TRP C 101 -49.07 25.88 9.72
N ILE C 102 -48.28 26.84 10.20
CA ILE C 102 -46.85 26.90 9.96
C ILE C 102 -46.15 26.26 11.15
N SER C 103 -45.52 25.11 10.92
CA SER C 103 -44.69 24.44 11.91
C SER C 103 -43.23 24.48 11.48
N ASP C 104 -42.35 24.72 12.46
CA ASP C 104 -40.92 24.88 12.21
C ASP C 104 -40.18 23.55 12.18
N TYR C 105 -40.81 22.46 12.63
CA TYR C 105 -40.18 21.15 12.70
C TYR C 105 -40.71 20.18 11.66
N TYR C 106 -41.80 20.49 10.97
CA TYR C 106 -42.21 19.69 9.82
C TYR C 106 -42.91 20.60 8.82
N ASP C 107 -42.90 20.16 7.56
CA ASP C 107 -43.37 20.97 6.44
C ASP C 107 -44.84 20.65 6.18
N SER C 108 -45.67 21.68 6.15
CA SER C 108 -47.08 21.57 5.83
C SER C 108 -47.52 22.57 4.77
N SER C 109 -46.60 23.06 3.94
CA SER C 109 -46.96 24.08 2.95
C SER C 109 -47.89 23.52 1.88
N TYR C 110 -47.69 22.24 1.51
CA TYR C 110 -48.45 21.62 0.42
C TYR C 110 -49.71 20.91 0.90
N TYR C 111 -50.02 20.96 2.19
CA TYR C 111 -51.24 20.33 2.69
C TYR C 111 -52.44 21.11 2.16
N PRO C 112 -53.41 20.49 1.42
CA PRO C 112 -54.54 21.26 0.90
C PRO C 112 -55.69 21.35 1.90
N ASN C 113 -55.39 21.79 3.12
CA ASN C 113 -56.39 22.02 4.15
C ASN C 113 -56.98 23.42 4.08
N PHE C 114 -57.58 23.77 2.94
CA PHE C 114 -58.02 25.14 2.69
C PHE C 114 -59.34 25.44 3.38
N ASP C 115 -59.25 25.99 4.61
CA ASP C 115 -60.46 26.28 5.39
C ASP C 115 -61.10 27.61 5.02
N HIS C 116 -60.36 28.53 4.42
CA HIS C 116 -60.86 29.86 4.11
C HIS C 116 -60.51 30.22 2.67
N TRP C 117 -61.42 30.95 2.02
CA TRP C 117 -61.27 31.36 0.63
C TRP C 117 -61.62 32.84 0.49
N GLY C 118 -60.96 33.52 -0.43
CA GLY C 118 -61.29 34.90 -0.72
C GLY C 118 -62.53 35.01 -1.59
N GLN C 119 -62.95 36.25 -1.82
CA GLN C 119 -64.18 36.51 -2.58
C GLN C 119 -64.01 36.32 -4.09
N GLY C 120 -62.78 36.20 -4.58
CA GLY C 120 -62.53 35.94 -5.99
C GLY C 120 -62.21 37.19 -6.78
N THR C 121 -61.02 37.20 -7.40
CA THR C 121 -60.57 38.33 -8.21
C THR C 121 -60.74 37.96 -9.68
N LEU C 122 -61.81 38.46 -10.29
CA LEU C 122 -62.01 38.27 -11.72
C LEU C 122 -61.07 39.19 -12.50
N VAL C 123 -60.45 38.64 -13.55
CA VAL C 123 -59.62 39.41 -14.47
C VAL C 123 -60.05 39.06 -15.89
N THR C 124 -60.28 40.10 -16.69
CA THR C 124 -60.66 39.96 -18.09
C THR C 124 -59.88 40.99 -18.90
N VAL C 125 -59.41 40.57 -20.08
CA VAL C 125 -58.53 41.37 -20.90
C VAL C 125 -59.11 41.51 -22.30
N SER C 126 -58.70 42.59 -22.98
CA SER C 126 -59.14 42.85 -24.35
C SER C 126 -58.10 43.75 -25.01
N SER C 127 -58.17 43.82 -26.34
CA SER C 127 -57.25 44.65 -27.11
C SER C 127 -57.55 46.12 -26.89
N LEU D 1 -49.40 19.68 -16.43
CA LEU D 1 -49.83 19.03 -15.18
C LEU D 1 -50.87 17.94 -15.48
N PRO D 2 -51.00 16.93 -14.60
CA PRO D 2 -52.05 15.93 -14.82
C PRO D 2 -53.41 16.43 -14.39
N VAL D 3 -54.29 16.72 -15.34
CA VAL D 3 -55.67 17.06 -15.01
C VAL D 3 -56.39 15.74 -14.73
N LEU D 4 -56.63 15.48 -13.44
CA LEU D 4 -57.15 14.18 -13.02
C LEU D 4 -58.52 13.93 -13.65
N THR D 5 -58.74 12.68 -14.07
CA THR D 5 -59.90 12.31 -14.87
C THR D 5 -61.13 12.22 -13.99
N GLN D 6 -61.74 13.37 -13.75
CA GLN D 6 -63.06 13.40 -13.11
C GLN D 6 -64.13 13.02 -14.13
N PRO D 7 -65.12 12.20 -13.76
CA PRO D 7 -66.26 12.02 -14.67
C PRO D 7 -67.11 13.29 -14.70
N ALA D 8 -67.35 13.80 -15.90
CA ALA D 8 -67.94 15.12 -16.06
C ALA D 8 -69.32 15.23 -15.41
N SER D 9 -70.06 14.14 -15.29
CA SER D 9 -71.34 14.17 -14.62
C SER D 9 -71.81 12.76 -14.32
N VAL D 10 -72.15 12.53 -13.05
CA VAL D 10 -72.86 11.33 -12.62
C VAL D 10 -74.01 11.79 -11.73
N SER D 11 -75.22 11.36 -12.05
CA SER D 11 -76.39 11.91 -11.39
C SER D 11 -77.61 11.05 -11.68
N GLY D 12 -78.73 11.46 -11.12
CA GLY D 12 -80.02 10.81 -11.34
C GLY D 12 -81.12 11.63 -10.72
N SER D 13 -82.11 10.96 -10.11
CA SER D 13 -83.15 11.67 -9.38
C SER D 13 -82.66 11.99 -7.96
N PRO D 14 -83.39 12.82 -7.22
CA PRO D 14 -83.06 13.01 -5.81
C PRO D 14 -83.14 11.69 -5.04
N GLY D 15 -82.27 11.54 -4.05
CA GLY D 15 -82.16 10.32 -3.29
C GLY D 15 -81.23 9.27 -3.88
N GLN D 16 -80.56 9.56 -4.98
CA GLN D 16 -79.66 8.61 -5.60
C GLN D 16 -78.31 8.61 -4.88
N SER D 17 -77.49 7.60 -5.22
CA SER D 17 -76.14 7.45 -4.69
C SER D 17 -75.16 7.43 -5.85
N ILE D 18 -74.09 8.21 -5.72
CA ILE D 18 -73.07 8.33 -6.75
C ILE D 18 -71.69 8.42 -6.11
N THR D 19 -70.65 8.35 -6.94
CA THR D 19 -69.26 8.38 -6.46
C THR D 19 -68.43 9.18 -7.46
N ILE D 20 -68.12 10.43 -7.12
CA ILE D 20 -67.21 11.25 -7.92
C ILE D 20 -65.78 10.83 -7.64
N SER D 21 -65.14 10.24 -8.65
CA SER D 21 -63.75 9.82 -8.57
C SER D 21 -62.86 10.74 -9.40
N CYS D 22 -61.55 10.64 -9.16
CA CYS D 22 -60.56 11.29 -10.00
C CYS D 22 -59.22 10.57 -9.82
N THR D 23 -58.69 10.09 -10.94
CA THR D 23 -57.57 9.16 -10.95
C THR D 23 -56.33 9.86 -11.49
N GLY D 24 -55.16 9.46 -10.99
CA GLY D 24 -53.90 10.09 -11.35
C GLY D 24 -52.78 9.10 -11.64
N THR D 25 -51.62 9.34 -11.05
CA THR D 25 -50.41 8.57 -11.33
C THR D 25 -49.94 7.86 -10.08
N ILE D 26 -48.97 6.96 -10.25
CA ILE D 26 -48.47 6.14 -9.15
C ILE D 26 -47.77 6.97 -8.08
N TYR D 27 -47.20 8.12 -8.44
CA TYR D 27 -46.38 8.89 -7.51
C TYR D 27 -47.18 9.84 -6.62
N ASP D 28 -48.38 10.25 -7.03
CA ASP D 28 -49.02 11.39 -6.37
C ASP D 28 -49.58 11.04 -5.00
N VAL D 29 -50.58 10.15 -4.94
CA VAL D 29 -51.27 9.86 -3.68
C VAL D 29 -50.76 8.60 -3.01
N GLY D 30 -49.83 7.88 -3.66
CA GLY D 30 -49.33 6.63 -3.10
C GLY D 30 -48.44 6.77 -1.87
N LYS D 31 -48.11 8.01 -1.48
CA LYS D 31 -47.29 8.26 -0.30
C LYS D 31 -47.91 9.26 0.67
N PHE D 32 -49.14 9.72 0.43
CA PHE D 32 -49.78 10.70 1.30
C PHE D 32 -51.28 10.46 1.29
N ASP D 33 -51.94 11.00 2.32
CA ASP D 33 -53.40 11.05 2.42
C ASP D 33 -53.92 12.47 2.30
N LEU D 34 -53.23 13.30 1.52
CA LEU D 34 -53.56 14.72 1.37
C LEU D 34 -54.49 14.90 0.18
N VAL D 35 -55.79 14.81 0.45
CA VAL D 35 -56.83 15.02 -0.54
C VAL D 35 -57.93 15.86 0.09
N SER D 36 -58.47 16.80 -0.69
CA SER D 36 -59.57 17.62 -0.23
C SER D 36 -60.45 17.96 -1.42
N TRP D 37 -61.70 18.31 -1.13
CA TRP D 37 -62.76 18.46 -2.11
C TRP D 37 -63.48 19.77 -1.88
N TYR D 38 -63.95 20.40 -2.96
CA TYR D 38 -64.49 21.76 -2.90
C TYR D 38 -65.73 21.86 -3.77
N GLN D 39 -66.39 23.02 -3.68
CA GLN D 39 -67.69 23.28 -4.30
C GLN D 39 -67.67 24.64 -5.00
N HIS D 40 -68.44 24.77 -6.08
CA HIS D 40 -68.67 26.05 -6.72
C HIS D 40 -70.13 26.14 -7.18
N HIS D 41 -70.73 27.33 -7.04
CA HIS D 41 -72.19 27.46 -7.02
C HIS D 41 -72.62 28.80 -7.60
N PRO D 42 -73.29 28.81 -8.78
CA PRO D 42 -73.21 29.92 -9.76
C PRO D 42 -72.37 31.14 -9.44
N GLY D 43 -71.06 30.94 -9.27
CA GLY D 43 -70.12 32.04 -9.23
C GLY D 43 -69.77 32.54 -7.85
N LYS D 44 -70.39 32.02 -6.80
CA LYS D 44 -70.07 32.46 -5.46
C LYS D 44 -68.72 31.86 -5.02
N ALA D 45 -68.27 32.28 -3.83
CA ALA D 45 -67.01 31.79 -3.33
C ALA D 45 -67.12 30.32 -2.93
N PRO D 46 -66.04 29.52 -3.06
CA PRO D 46 -66.20 28.07 -2.88
C PRO D 46 -66.54 27.63 -1.47
N LYS D 47 -66.79 26.32 -1.32
CA LYS D 47 -67.01 25.68 -0.03
C LYS D 47 -65.98 24.56 0.13
N TYR D 48 -65.80 24.12 1.36
CA TYR D 48 -64.76 23.17 1.73
C TYR D 48 -65.33 22.18 2.74
N LEU D 49 -65.47 20.92 2.31
CA LEU D 49 -66.33 19.97 3.02
C LEU D 49 -65.70 18.62 3.34
N ILE D 50 -64.63 18.19 2.65
CA ILE D 50 -63.91 16.97 3.01
C ILE D 50 -62.43 17.24 2.85
N TYR D 51 -61.63 16.70 3.78
CA TYR D 51 -60.19 16.86 3.74
C TYR D 51 -59.54 15.65 4.39
N GLU D 52 -58.25 15.47 4.10
CA GLU D 52 -57.51 14.27 4.50
C GLU D 52 -58.25 13.02 4.02
N VAL D 53 -58.71 13.06 2.78
CA VAL D 53 -59.45 11.98 2.13
C VAL D 53 -60.83 11.83 2.75
N LYS D 54 -60.89 11.48 4.04
CA LYS D 54 -62.13 11.01 4.68
C LYS D 54 -62.56 11.83 5.88
N LYS D 55 -61.84 12.88 6.26
CA LYS D 55 -62.18 13.66 7.44
C LYS D 55 -63.13 14.80 7.10
N TRP D 56 -64.02 15.14 8.07
CA TRP D 56 -65.00 16.20 7.94
C TRP D 56 -64.52 17.45 8.66
N PRO D 57 -64.48 18.66 8.03
CA PRO D 57 -64.10 19.85 8.80
C PRO D 57 -65.07 20.18 9.92
N SER D 58 -66.34 20.38 9.59
CA SER D 58 -67.33 20.75 10.61
C SER D 58 -68.76 20.68 10.07
N GLY D 59 -69.25 21.78 9.49
CA GLY D 59 -70.63 21.86 9.07
C GLY D 59 -70.90 21.14 7.77
N VAL D 60 -70.82 19.82 7.80
CA VAL D 60 -70.98 18.99 6.62
C VAL D 60 -71.87 17.80 6.98
N SER D 61 -72.90 17.56 6.17
CA SER D 61 -73.69 16.34 6.32
C SER D 61 -72.82 15.15 5.97
N HIS D 62 -72.94 14.08 6.76
CA HIS D 62 -72.09 12.90 6.55
C HIS D 62 -72.54 12.03 5.37
N ARG D 63 -73.45 12.50 4.53
CA ARG D 63 -73.71 11.88 3.23
C ARG D 63 -72.42 11.81 2.44
N PHE D 64 -71.63 12.89 2.50
CA PHE D 64 -70.35 12.94 1.81
C PHE D 64 -69.30 12.20 2.63
N SER D 65 -68.58 11.29 1.98
CA SER D 65 -67.53 10.52 2.62
C SER D 65 -66.47 10.16 1.59
N GLY D 66 -65.27 9.87 2.08
CA GLY D 66 -64.11 9.64 1.23
C GLY D 66 -63.75 8.18 1.09
N SER D 67 -63.06 7.86 0.00
CA SER D 67 -62.52 6.52 -0.24
C SER D 67 -61.26 6.65 -1.09
N LYS D 68 -60.42 5.62 -1.03
CA LYS D 68 -59.11 5.65 -1.64
C LYS D 68 -58.71 4.24 -2.05
N SER D 69 -57.99 4.16 -3.18
CA SER D 69 -57.36 2.91 -3.59
C SER D 69 -56.29 3.24 -4.62
N GLY D 70 -55.02 3.16 -4.21
CA GLY D 70 -53.91 3.40 -5.11
C GLY D 70 -53.92 4.75 -5.79
N ASN D 71 -54.10 4.77 -7.11
CA ASN D 71 -53.99 5.98 -7.91
C ASN D 71 -55.27 6.81 -7.94
N THR D 72 -56.34 6.37 -7.28
CA THR D 72 -57.64 7.01 -7.38
C THR D 72 -58.27 7.14 -6.00
N ALA D 73 -59.01 8.22 -5.82
CA ALA D 73 -59.85 8.46 -4.64
C ALA D 73 -61.24 8.82 -5.14
N SER D 74 -62.18 8.99 -4.20
CA SER D 74 -63.55 9.27 -4.61
C SER D 74 -64.29 10.01 -3.49
N LEU D 75 -65.37 10.68 -3.90
CA LEU D 75 -66.27 11.39 -2.99
C LEU D 75 -67.61 10.66 -2.99
N THR D 76 -67.77 9.78 -2.00
CA THR D 76 -68.98 8.96 -1.93
C THR D 76 -70.18 9.81 -1.50
N ILE D 77 -71.34 9.53 -2.10
CA ILE D 77 -72.56 10.29 -1.86
C ILE D 77 -73.73 9.32 -1.76
N SER D 78 -74.70 9.68 -0.92
CA SER D 78 -76.00 9.03 -0.88
C SER D 78 -77.03 10.03 -0.37
N GLY D 79 -78.23 9.96 -0.95
CA GLY D 79 -79.32 10.83 -0.53
C GLY D 79 -79.22 12.27 -1.01
N LEU D 80 -79.32 12.48 -2.32
CA LEU D 80 -79.15 13.80 -2.91
C LEU D 80 -80.47 14.56 -3.00
N GLN D 81 -80.35 15.88 -3.15
CA GLN D 81 -81.45 16.78 -3.48
C GLN D 81 -80.94 17.79 -4.50
N VAL D 82 -81.84 18.67 -4.95
CA VAL D 82 -81.49 19.62 -6.01
C VAL D 82 -80.42 20.60 -5.56
N GLU D 83 -80.44 21.00 -4.28
CA GLU D 83 -79.46 21.96 -3.79
C GLU D 83 -78.03 21.40 -3.85
N ASP D 84 -77.87 20.08 -3.86
CA ASP D 84 -76.55 19.47 -3.92
C ASP D 84 -75.87 19.64 -5.27
N GLU D 85 -76.58 20.10 -6.29
CA GLU D 85 -75.96 20.36 -7.58
C GLU D 85 -74.90 21.45 -7.45
N ALA D 86 -73.68 21.15 -7.88
CA ALA D 86 -72.59 22.09 -7.78
C ALA D 86 -71.39 21.53 -8.56
N ASP D 87 -70.43 22.41 -8.83
CA ASP D 87 -69.21 22.02 -9.52
C ASP D 87 -68.20 21.52 -8.52
N TYR D 88 -68.11 20.20 -8.36
CA TYR D 88 -67.21 19.57 -7.40
C TYR D 88 -65.85 19.35 -8.02
N TYR D 89 -64.80 19.59 -7.22
CA TYR D 89 -63.42 19.47 -7.64
C TYR D 89 -62.64 18.62 -6.65
N CYS D 90 -61.55 18.03 -7.12
CA CYS D 90 -60.59 17.34 -6.27
C CYS D 90 -59.22 17.96 -6.48
N CYS D 91 -58.55 18.28 -5.37
CA CYS D 91 -57.18 18.79 -5.39
C CYS D 91 -56.39 18.05 -4.33
N SER D 92 -55.22 17.53 -4.72
CA SER D 92 -54.44 16.67 -3.86
C SER D 92 -52.96 16.91 -4.15
N PHE D 93 -52.11 16.26 -3.35
CA PHE D 93 -50.67 16.39 -3.50
C PHE D 93 -50.23 15.93 -4.88
N GLY D 94 -49.44 16.78 -5.55
CA GLY D 94 -48.99 16.52 -6.91
C GLY D 94 -47.49 16.51 -7.10
N GLY D 95 -46.72 16.18 -6.08
CA GLY D 95 -45.27 16.14 -6.20
C GLY D 95 -44.59 17.42 -5.80
N SER D 96 -43.28 17.45 -6.06
CA SER D 96 -42.39 18.52 -5.63
C SER D 96 -42.78 19.89 -6.18
N ALA D 97 -43.25 20.82 -5.33
CA ALA D 97 -43.78 20.73 -3.96
C ALA D 97 -45.08 21.50 -4.00
N ALA D 98 -46.16 20.82 -4.33
CA ALA D 98 -47.37 21.50 -4.81
C ALA D 98 -48.54 20.54 -4.74
N VAL D 99 -49.70 21.03 -5.17
CA VAL D 99 -50.92 20.24 -5.34
C VAL D 99 -51.42 20.45 -6.75
N VAL D 100 -52.13 19.45 -7.27
CA VAL D 100 -52.75 19.51 -8.60
C VAL D 100 -54.21 19.12 -8.47
N CYS D 101 -55.01 19.60 -9.42
CA CYS D 101 -56.46 19.50 -9.35
C CYS D 101 -57.00 18.77 -10.57
N GLY D 102 -58.26 18.32 -10.46
CA GLY D 102 -58.89 17.54 -11.50
C GLY D 102 -59.61 18.39 -12.54
N GLY D 103 -60.35 17.70 -13.41
CA GLY D 103 -61.10 18.32 -14.48
C GLY D 103 -62.45 18.87 -14.12
N GLY D 104 -62.90 18.67 -12.88
CA GLY D 104 -64.20 19.16 -12.46
C GLY D 104 -65.35 18.26 -12.88
N THR D 105 -66.53 18.47 -12.29
CA THR D 105 -67.70 17.69 -12.62
C THR D 105 -68.94 18.40 -12.08
N LYS D 106 -70.07 18.16 -12.75
CA LYS D 106 -71.36 18.71 -12.34
C LYS D 106 -72.29 17.56 -11.97
N VAL D 107 -72.82 17.59 -10.75
CA VAL D 107 -73.84 16.63 -10.34
C VAL D 107 -75.16 17.11 -10.92
N THR D 108 -75.52 16.59 -12.09
CA THR D 108 -76.72 17.03 -12.79
C THR D 108 -77.95 16.33 -12.27
N VAL D 109 -78.24 16.48 -10.97
CA VAL D 109 -79.39 15.81 -10.39
C VAL D 109 -80.66 16.38 -11.03
N LEU D 110 -81.55 15.49 -11.45
CA LEU D 110 -82.69 15.84 -12.28
C LEU D 110 -83.85 16.33 -11.43
N GLY D 111 -84.80 16.99 -12.09
CA GLY D 111 -85.97 17.52 -11.41
C GLY D 111 -86.77 18.44 -12.29
N GLU E 2 31.23 -60.03 17.84
CA GLU E 2 30.11 -59.75 18.79
C GLU E 2 28.87 -59.29 18.06
N ASN E 3 27.71 -59.43 18.71
CA ASN E 3 26.43 -59.07 18.14
C ASN E 3 25.92 -57.78 18.76
N LEU E 4 25.51 -56.84 17.92
CA LEU E 4 24.90 -55.61 18.35
C LEU E 4 23.97 -55.11 17.26
N TRP E 5 23.09 -54.18 17.62
CA TRP E 5 22.02 -53.73 16.74
C TRP E 5 22.08 -52.21 16.61
N VAL E 6 21.62 -51.72 15.46
CA VAL E 6 21.59 -50.27 15.23
C VAL E 6 20.61 -49.65 16.21
N THR E 7 21.03 -48.56 16.85
CA THR E 7 20.28 -47.94 17.93
C THR E 7 20.22 -46.43 17.68
N VAL E 8 19.09 -45.83 18.02
CA VAL E 8 18.76 -44.46 17.64
C VAL E 8 18.81 -43.57 18.88
N TYR E 9 19.41 -42.38 18.72
CA TYR E 9 19.52 -41.38 19.75
C TYR E 9 18.87 -40.09 19.26
N TYR E 10 18.24 -39.36 20.19
CA TYR E 10 17.60 -38.08 19.89
C TYR E 10 18.18 -37.02 20.82
N GLY E 11 18.21 -35.77 20.36
CA GLY E 11 18.92 -34.74 21.07
C GLY E 11 20.40 -34.74 20.82
N VAL E 12 20.83 -35.26 19.68
CA VAL E 12 22.25 -35.45 19.37
C VAL E 12 22.89 -34.09 19.06
N PRO E 13 24.04 -33.72 19.67
CA PRO E 13 24.67 -32.44 19.29
C PRO E 13 25.43 -32.50 17.97
N VAL E 14 24.69 -32.31 16.88
CA VAL E 14 25.22 -32.32 15.52
C VAL E 14 24.63 -31.13 14.78
N TRP E 15 25.43 -30.52 13.90
CA TRP E 15 25.02 -29.31 13.21
C TRP E 15 25.55 -29.29 11.78
N LYS E 16 24.95 -28.41 10.97
CA LYS E 16 25.42 -28.10 9.63
C LYS E 16 25.39 -26.58 9.43
N GLU E 17 26.27 -26.08 8.56
CA GLU E 17 26.22 -24.68 8.19
C GLU E 17 24.90 -24.38 7.47
N ALA E 18 24.37 -23.18 7.72
CA ALA E 18 22.99 -22.87 7.37
C ALA E 18 22.85 -21.48 6.76
N LYS E 19 21.69 -21.29 6.14
CA LYS E 19 21.16 -20.00 5.75
C LYS E 19 19.70 -19.98 6.18
N THR E 20 19.24 -18.84 6.70
CA THR E 20 17.93 -18.84 7.33
C THR E 20 17.43 -17.42 7.56
N THR E 21 16.10 -17.30 7.75
CA THR E 21 15.53 -16.04 8.21
C THR E 21 15.68 -15.90 9.73
N LEU E 22 15.85 -14.64 10.17
CA LEU E 22 16.47 -14.29 11.46
C LEU E 22 15.53 -13.42 12.29
N PHE E 23 15.96 -13.07 13.51
CA PHE E 23 15.32 -12.06 14.35
C PHE E 23 16.15 -10.77 14.37
N CYS E 24 15.72 -9.83 15.24
CA CYS E 24 16.53 -8.75 15.78
C CYS E 24 16.29 -8.63 17.28
N ALA E 25 17.20 -7.94 17.96
CA ALA E 25 17.01 -7.58 19.35
C ALA E 25 17.81 -6.30 19.64
N SER E 26 17.14 -5.31 20.22
CA SER E 26 17.79 -4.09 20.66
C SER E 26 17.37 -3.88 22.10
N ASP E 27 18.19 -3.13 22.83
CA ASP E 27 18.02 -3.10 24.27
C ASP E 27 16.77 -2.23 24.56
N ALA E 28 16.59 -1.73 25.78
CA ALA E 28 15.33 -1.05 26.09
C ALA E 28 15.10 0.19 25.23
N ARG E 29 16.16 0.75 24.66
CA ARG E 29 16.04 1.99 23.92
C ARG E 29 15.62 1.77 22.46
N ALA E 30 14.44 1.16 22.25
CA ALA E 30 13.80 1.06 20.94
C ALA E 30 12.28 1.23 21.02
N TYR E 31 11.80 1.66 22.20
CA TYR E 31 10.39 1.58 22.58
C TYR E 31 9.73 2.84 23.14
N GLU E 32 10.46 3.80 23.73
CA GLU E 32 9.77 4.89 24.43
C GLU E 32 9.03 5.84 23.50
N LYS E 33 9.54 6.09 22.29
CA LYS E 33 9.03 7.18 21.46
C LYS E 33 7.87 6.73 20.57
N GLU E 34 7.49 7.58 19.60
CA GLU E 34 6.25 7.43 18.85
C GLU E 34 6.33 6.23 17.92
N VAL E 35 5.30 6.02 17.11
CA VAL E 35 5.36 5.04 16.04
C VAL E 35 6.28 5.55 14.94
N HIS E 36 6.87 4.61 14.19
CA HIS E 36 7.78 4.92 13.09
C HIS E 36 9.06 5.64 13.54
N ASN E 37 9.36 5.57 14.83
CA ASN E 37 10.65 5.98 15.36
C ASN E 37 10.70 5.57 16.82
N VAL E 38 11.70 4.78 17.22
CA VAL E 38 12.91 4.26 16.56
C VAL E 38 12.46 3.14 15.61
N TRP E 39 13.31 2.76 14.64
CA TRP E 39 12.88 1.92 13.53
C TRP E 39 12.76 0.45 13.90
N ALA E 40 13.00 0.10 15.18
CA ALA E 40 12.82 -1.26 15.72
C ALA E 40 11.57 -1.39 16.59
N THR E 41 10.80 -0.31 16.75
CA THR E 41 9.74 -0.23 17.74
C THR E 41 8.51 -1.06 17.36
N HIS E 42 8.32 -1.34 16.08
CA HIS E 42 7.35 -2.34 15.66
C HIS E 42 7.88 -3.76 15.84
N ALA E 43 9.20 -3.94 15.76
CA ALA E 43 9.80 -5.23 15.46
C ALA E 43 10.58 -5.85 16.61
N CYS E 44 11.64 -5.20 17.08
CA CYS E 44 12.66 -5.93 17.82
C CYS E 44 12.21 -6.28 19.24
N VAL E 45 12.59 -7.48 19.65
CA VAL E 45 12.27 -8.06 20.95
C VAL E 45 13.23 -7.51 22.00
N PRO E 46 12.82 -7.30 23.25
CA PRO E 46 13.81 -7.02 24.30
C PRO E 46 14.76 -8.19 24.45
N THR E 47 16.05 -7.90 24.28
CA THR E 47 17.07 -8.94 24.29
C THR E 47 17.30 -9.43 25.71
N ASP E 48 17.91 -10.59 25.81
CA ASP E 48 18.65 -10.98 26.99
C ASP E 48 19.85 -11.76 26.53
N PRO E 49 21.00 -11.63 27.21
CA PRO E 49 22.16 -12.41 26.77
C PRO E 49 22.00 -13.90 27.03
N SER E 50 20.90 -14.32 27.66
CA SER E 50 20.56 -15.69 27.92
C SER E 50 20.21 -16.41 26.62
N PRO E 51 20.55 -17.71 26.48
CA PRO E 51 21.44 -18.52 27.34
C PRO E 51 22.89 -17.99 27.33
N GLN E 52 23.63 -18.20 28.40
CA GLN E 52 24.93 -17.56 28.56
C GLN E 52 25.96 -18.15 27.59
N GLU E 53 26.98 -17.35 27.29
CA GLU E 53 28.03 -17.78 26.38
C GLU E 53 28.83 -18.91 27.01
N LEU E 54 29.10 -19.95 26.22
CA LEU E 54 29.63 -21.21 26.72
C LEU E 54 30.79 -21.67 25.83
N VAL E 55 31.78 -22.32 26.46
CA VAL E 55 32.93 -22.82 25.75
C VAL E 55 32.63 -24.22 25.20
N LEU E 56 33.35 -24.59 24.14
CA LEU E 56 33.26 -25.89 23.51
C LEU E 56 34.59 -26.63 23.66
N GLY E 57 34.57 -27.93 23.38
CA GLY E 57 35.75 -28.77 23.49
C GLY E 57 36.59 -28.79 22.22
N ASN E 58 36.85 -29.98 21.70
CA ASN E 58 37.68 -30.15 20.50
C ASN E 58 36.83 -29.99 19.22
N VAL E 59 36.23 -28.80 19.11
CA VAL E 59 35.45 -28.46 17.92
C VAL E 59 36.36 -27.79 16.91
N THR E 60 36.14 -28.11 15.62
CA THR E 60 36.97 -27.57 14.54
C THR E 60 36.06 -27.29 13.37
N GLU E 61 35.83 -26.01 13.09
CA GLU E 61 34.99 -25.57 11.99
C GLU E 61 35.66 -24.39 11.31
N ASN E 62 35.45 -24.28 10.00
CA ASN E 62 36.06 -23.23 9.20
C ASN E 62 35.13 -22.02 9.18
N PHE E 63 35.52 -20.95 9.86
CA PHE E 63 34.80 -19.68 9.79
C PHE E 63 35.33 -18.88 8.60
N ASN E 64 34.67 -19.10 7.48
CA ASN E 64 34.87 -18.28 6.29
C ASN E 64 34.13 -16.96 6.46
N MET E 65 34.86 -15.85 6.40
CA MET E 65 34.25 -14.54 6.65
C MET E 65 33.21 -14.20 5.58
N TRP E 66 33.51 -14.45 4.32
CA TRP E 66 32.69 -13.97 3.21
C TRP E 66 31.55 -14.89 2.82
N LYS E 67 31.59 -16.16 3.24
CA LYS E 67 30.52 -17.11 2.97
C LYS E 67 29.52 -17.08 4.13
N ASN E 68 28.70 -16.02 4.17
CA ASN E 68 27.73 -15.83 5.25
C ASN E 68 26.52 -15.08 4.71
N ASP E 69 25.36 -15.27 5.38
CA ASP E 69 24.14 -14.54 5.00
C ASP E 69 23.70 -13.48 6.00
N MET E 70 24.32 -13.35 7.19
CA MET E 70 23.95 -12.21 8.03
C MET E 70 24.32 -10.88 7.36
N VAL E 71 25.46 -10.83 6.66
CA VAL E 71 25.81 -9.61 5.92
C VAL E 71 24.78 -9.35 4.82
N ASP E 72 24.45 -10.38 4.03
CA ASP E 72 23.39 -10.27 3.03
C ASP E 72 22.08 -9.89 3.71
N GLN E 73 21.72 -10.63 4.75
CA GLN E 73 20.52 -10.35 5.52
C GLN E 73 20.52 -8.95 6.05
N MET E 74 21.63 -8.53 6.64
CA MET E 74 21.65 -7.21 7.22
C MET E 74 21.43 -6.16 6.14
N HIS E 75 22.00 -6.36 4.95
CA HIS E 75 21.78 -5.39 3.88
C HIS E 75 20.34 -5.38 3.42
N GLU E 76 19.77 -6.55 3.11
CA GLU E 76 18.37 -6.59 2.67
C GLU E 76 17.45 -6.01 3.73
N ASP E 77 17.72 -6.25 5.01
CA ASP E 77 16.83 -5.76 6.05
C ASP E 77 16.96 -4.25 6.23
N ILE E 78 18.21 -3.75 6.31
CA ILE E 78 18.49 -2.31 6.38
C ILE E 78 17.81 -1.60 5.22
N ILE E 79 17.99 -2.11 4.01
CA ILE E 79 17.46 -1.47 2.81
C ILE E 79 15.94 -1.54 2.80
N SER E 80 15.37 -2.71 3.09
CA SER E 80 13.95 -2.93 2.88
C SER E 80 13.11 -2.27 3.97
N LEU E 81 13.65 -2.17 5.19
CA LEU E 81 12.93 -1.45 6.23
C LEU E 81 13.12 0.06 6.04
N TRP E 82 14.35 0.50 5.66
CA TRP E 82 14.68 1.92 5.52
C TRP E 82 14.21 2.52 4.19
N ASP E 83 13.71 1.70 3.26
CA ASP E 83 13.15 2.16 2.00
C ASP E 83 11.66 2.47 2.17
N GLN E 84 10.95 1.56 2.85
CA GLN E 84 9.54 1.79 3.17
C GLN E 84 9.37 2.81 4.30
N SER E 85 10.41 3.02 5.12
CA SER E 85 10.32 3.88 6.29
C SER E 85 10.40 5.37 5.96
N LEU E 86 10.39 5.75 4.68
CA LEU E 86 10.16 7.13 4.29
C LEU E 86 8.93 7.28 3.41
N LYS E 87 8.16 6.19 3.25
CA LYS E 87 6.84 6.25 2.63
C LYS E 87 5.86 7.14 3.38
N PRO E 88 5.71 7.06 4.73
CA PRO E 88 4.74 7.95 5.39
C PRO E 88 5.25 9.39 5.59
N CYS E 89 5.40 10.13 4.49
CA CYS E 89 5.97 11.48 4.49
C CYS E 89 5.54 12.23 3.24
N VAL E 90 5.77 13.56 3.25
CA VAL E 90 5.59 14.35 2.03
C VAL E 90 6.69 13.98 1.03
N LYS E 91 6.32 13.99 -0.25
CA LYS E 91 7.15 13.37 -1.29
C LYS E 91 7.47 14.33 -2.44
N LEU E 92 7.31 15.63 -2.24
CA LEU E 92 7.74 16.64 -3.20
C LEU E 92 7.04 16.47 -4.55
N THR E 93 7.48 17.24 -5.58
CA THR E 93 6.94 17.46 -6.93
C THR E 93 6.57 18.93 -7.14
N PRO E 94 6.03 19.65 -6.14
CA PRO E 94 5.77 21.08 -6.37
C PRO E 94 7.03 21.91 -6.63
N LEU E 95 8.17 21.56 -6.03
CA LEU E 95 9.34 22.43 -6.02
C LEU E 95 10.20 22.33 -7.28
N CYS E 96 9.83 21.47 -8.23
CA CYS E 96 10.67 21.20 -9.40
C CYS E 96 10.39 22.30 -10.44
N VAL E 97 10.85 23.51 -10.11
CA VAL E 97 10.35 24.75 -10.71
C VAL E 97 11.49 25.56 -11.29
N THR E 98 11.14 26.79 -11.74
CA THR E 98 12.09 27.78 -12.24
C THR E 98 12.44 28.73 -11.12
N LEU E 99 13.37 28.32 -10.27
CA LEU E 99 13.82 29.21 -9.21
C LEU E 99 14.47 30.43 -9.83
N ILE E 100 14.58 31.49 -9.04
CA ILE E 100 15.30 32.70 -9.43
C ILE E 100 16.24 33.08 -8.29
N CYS E 101 17.44 33.49 -8.64
CA CYS E 101 18.55 33.62 -7.72
C CYS E 101 19.00 35.06 -7.62
N SER E 102 20.12 35.27 -6.95
CA SER E 102 20.81 36.55 -6.92
C SER E 102 22.21 36.31 -6.39
N ASN E 103 22.90 37.41 -6.05
CA ASN E 103 24.23 37.39 -5.46
C ASN E 103 24.20 37.82 -4.00
N ALA E 104 24.75 36.95 -3.16
CA ALA E 104 25.21 37.25 -1.80
C ALA E 104 26.58 36.64 -1.61
N THR E 105 27.43 36.77 -2.63
CA THR E 105 28.58 35.90 -2.82
C THR E 105 29.89 36.63 -2.57
N VAL E 106 30.59 36.21 -1.53
CA VAL E 106 31.97 36.62 -1.26
C VAL E 106 32.76 36.17 -2.50
N LYS E 107 33.08 37.14 -3.36
CA LYS E 107 33.46 36.84 -4.73
C LYS E 107 34.75 36.03 -4.84
N ASN E 108 35.60 36.04 -3.81
CA ASN E 108 36.89 35.35 -3.84
C ASN E 108 37.13 34.60 -2.54
N GLY E 109 36.06 34.26 -1.82
CA GLY E 109 36.22 33.67 -0.51
C GLY E 109 36.70 32.22 -0.57
N THR E 110 37.43 31.84 0.47
CA THR E 110 37.92 30.47 0.63
C THR E 110 36.84 29.58 1.25
N VAL E 111 35.65 29.67 0.68
CA VAL E 111 34.42 29.27 1.35
C VAL E 111 33.51 28.63 0.29
N GLU E 112 32.63 27.74 0.75
CA GLU E 112 31.75 26.99 -0.14
C GLU E 112 30.31 27.13 0.36
N GLU E 113 29.90 28.40 0.44
CA GLU E 113 28.60 28.87 0.91
C GLU E 113 27.41 28.38 0.08
N MET E 114 26.22 28.50 0.69
CA MET E 114 24.97 28.05 0.08
C MET E 114 24.23 29.22 -0.53
N LYS E 115 23.38 28.96 -1.51
CA LYS E 115 22.84 30.01 -2.37
C LYS E 115 21.43 30.38 -1.96
N ASN E 116 21.08 31.65 -2.20
CA ASN E 116 19.74 32.20 -1.99
C ASN E 116 19.07 32.32 -3.35
N CYS E 117 17.89 31.72 -3.47
CA CYS E 117 17.08 31.88 -4.66
C CYS E 117 15.64 31.96 -4.17
N SER E 118 14.70 32.11 -5.10
CA SER E 118 13.28 32.21 -4.76
C SER E 118 12.51 31.17 -5.56
N PHE E 119 11.19 31.19 -5.42
CA PHE E 119 10.34 30.38 -6.28
C PHE E 119 8.88 30.72 -6.06
N ASN E 120 8.06 30.44 -7.08
CA ASN E 120 6.62 30.68 -7.06
C ASN E 120 5.94 29.49 -6.41
N THR E 121 5.32 29.72 -5.25
CA THR E 121 4.73 28.64 -4.46
C THR E 121 3.22 28.56 -4.62
N THR E 122 2.75 27.34 -4.94
CA THR E 122 1.32 27.06 -4.91
C THR E 122 0.91 26.91 -3.47
N THR E 123 0.17 27.88 -2.95
CA THR E 123 -0.24 27.79 -1.55
C THR E 123 -1.22 26.62 -1.39
N GLU E 124 -1.65 26.40 -0.15
CA GLU E 124 -2.52 25.27 0.19
C GLU E 124 -3.76 25.19 -0.69
N ILE E 125 -4.29 26.32 -1.12
CA ILE E 125 -5.35 26.38 -2.12
C ILE E 125 -4.68 26.43 -3.49
N ARG E 126 -5.18 25.62 -4.42
CA ARG E 126 -4.40 25.21 -5.59
C ARG E 126 -4.35 26.27 -6.67
N ASP E 127 -5.13 27.35 -6.54
CA ASP E 127 -5.26 28.39 -7.55
C ASP E 127 -4.96 29.80 -7.04
N LYS E 128 -4.43 29.93 -5.82
CA LYS E 128 -3.78 31.14 -5.30
C LYS E 128 -2.26 30.96 -5.19
N GLU E 129 -1.57 31.10 -6.31
CA GLU E 129 -0.11 30.97 -6.28
C GLU E 129 0.55 32.19 -5.64
N LYS E 130 1.69 31.96 -4.96
CA LYS E 130 2.43 33.03 -4.27
C LYS E 130 3.91 32.65 -4.17
N LYS E 131 4.78 33.65 -4.26
CA LYS E 131 6.23 33.49 -4.24
C LYS E 131 6.75 33.21 -2.82
N GLU E 132 7.93 32.61 -2.76
CA GLU E 132 8.62 32.30 -1.51
C GLU E 132 10.09 32.07 -1.85
N TYR E 133 10.91 32.04 -0.79
CA TYR E 133 12.35 31.88 -0.92
C TYR E 133 12.87 31.01 0.22
N ALA E 134 14.01 30.37 -0.04
CA ALA E 134 14.75 29.62 0.97
C ALA E 134 16.12 29.24 0.41
N LEU E 135 17.11 29.17 1.30
CA LEU E 135 18.48 28.87 0.91
C LEU E 135 18.63 27.40 0.51
N PHE E 136 19.73 27.12 -0.20
CA PHE E 136 20.00 25.82 -0.78
C PHE E 136 21.51 25.59 -0.86
N TYR E 137 21.99 24.47 -0.32
CA TYR E 137 23.42 24.13 -0.41
C TYR E 137 23.86 23.99 -1.86
N LYS E 138 25.08 24.50 -2.17
CA LYS E 138 25.52 24.82 -3.54
C LYS E 138 25.63 23.67 -4.54
N PRO E 139 26.14 22.48 -4.18
CA PRO E 139 26.05 21.37 -5.14
C PRO E 139 24.63 21.01 -5.57
N ASP E 140 23.63 21.06 -4.66
CA ASP E 140 22.34 20.43 -4.89
C ASP E 140 21.59 20.93 -6.11
N ILE E 141 21.82 22.17 -6.55
CA ILE E 141 21.05 22.78 -7.62
C ILE E 141 21.86 22.75 -8.92
N VAL E 142 21.17 22.45 -10.01
CA VAL E 142 21.76 22.40 -11.35
C VAL E 142 21.23 23.62 -12.12
N PRO E 143 22.05 24.35 -12.86
CA PRO E 143 21.49 25.42 -13.68
C PRO E 143 20.55 24.86 -14.74
N LEU E 144 19.47 25.60 -15.00
CA LEU E 144 18.38 25.13 -15.87
C LEU E 144 18.83 24.88 -17.31
N SER E 145 19.97 25.45 -17.68
CA SER E 145 20.40 25.56 -19.06
C SER E 145 21.91 25.73 -19.03
N GLU E 146 22.60 25.17 -20.02
CA GLU E 146 24.04 25.43 -20.14
C GLU E 146 24.35 26.75 -20.86
N THR E 147 23.32 27.54 -21.18
CA THR E 147 23.48 28.81 -21.88
C THR E 147 23.82 29.92 -20.88
N ASN E 148 23.59 31.18 -21.30
CA ASN E 148 23.78 32.39 -20.49
C ASN E 148 22.60 32.68 -19.56
N ASN E 149 21.89 31.63 -19.17
CA ASN E 149 20.76 31.69 -18.24
C ASN E 149 21.24 31.55 -16.80
N THR E 150 22.13 32.50 -16.41
CA THR E 150 22.79 32.54 -15.11
C THR E 150 21.84 32.87 -13.96
N SER E 151 20.60 33.26 -14.27
CA SER E 151 19.54 33.42 -13.29
C SER E 151 18.82 32.13 -12.98
N GLU E 152 18.62 31.28 -13.98
CA GLU E 152 17.62 30.21 -13.92
C GLU E 152 18.24 28.93 -13.35
N TYR E 153 17.61 28.38 -12.31
CA TYR E 153 18.18 27.28 -11.54
C TYR E 153 17.08 26.31 -11.09
N ARG E 154 17.45 25.04 -10.90
CA ARG E 154 16.52 23.95 -10.62
C ARG E 154 17.21 22.92 -9.71
N LEU E 155 16.40 22.17 -8.97
CA LEU E 155 16.94 21.08 -8.15
C LEU E 155 17.42 19.92 -9.03
N ILE E 156 18.40 19.16 -8.51
CA ILE E 156 19.07 18.13 -9.29
C ILE E 156 18.18 16.90 -9.43
N ASN E 157 17.04 16.89 -8.76
CA ASN E 157 16.09 15.81 -8.83
C ASN E 157 15.01 16.18 -9.85
N CYS E 158 13.99 15.31 -9.96
CA CYS E 158 12.78 15.51 -10.77
C CYS E 158 13.04 15.30 -12.25
N ASN E 159 14.31 15.18 -12.66
CA ASN E 159 14.71 14.65 -13.95
C ASN E 159 15.01 13.15 -13.86
N THR E 160 15.33 12.65 -12.66
CA THR E 160 15.71 11.26 -12.45
C THR E 160 14.63 10.44 -11.73
N SER E 161 13.89 11.02 -10.79
CA SER E 161 13.07 10.21 -9.90
C SER E 161 12.05 11.11 -9.18
N ALA E 162 11.47 10.57 -8.10
CA ALA E 162 10.69 11.33 -7.13
C ALA E 162 11.19 11.02 -5.72
N CYS E 163 11.41 12.07 -4.90
CA CYS E 163 12.20 12.00 -3.69
C CYS E 163 11.32 12.08 -2.45
N THR E 164 11.92 12.37 -1.28
CA THR E 164 11.15 12.56 -0.05
C THR E 164 11.87 13.44 0.96
N GLN E 165 11.14 14.40 1.56
CA GLN E 165 11.65 15.14 2.71
C GLN E 165 11.61 14.21 3.92
N ALA E 166 12.79 13.90 4.46
CA ALA E 166 12.86 13.05 5.63
C ALA E 166 12.10 13.68 6.77
N CYS E 167 11.04 13.03 7.20
CA CYS E 167 10.23 13.58 8.27
C CYS E 167 11.07 13.79 9.51
N PRO E 168 10.91 14.90 10.24
CA PRO E 168 11.74 15.08 11.45
C PRO E 168 11.47 14.03 12.52
N LYS E 169 10.32 13.36 12.51
CA LYS E 169 10.04 12.36 13.53
C LYS E 169 11.05 11.23 13.47
N VAL E 170 11.50 10.90 12.26
CA VAL E 170 12.52 9.86 12.08
C VAL E 170 13.88 10.52 12.27
N THR E 171 14.58 10.05 13.31
CA THR E 171 15.98 10.38 13.53
C THR E 171 16.86 9.31 12.88
N PHE E 172 17.98 9.76 12.32
CA PHE E 172 18.95 8.91 11.62
C PHE E 172 20.05 8.40 12.52
N GLU E 173 19.92 8.54 13.83
CA GLU E 173 21.06 8.38 14.68
C GLU E 173 21.33 6.87 14.83
N PRO E 174 22.60 6.43 14.86
CA PRO E 174 22.84 4.96 14.89
C PRO E 174 22.67 4.21 16.23
N ILE E 175 21.44 3.75 16.48
CA ILE E 175 21.09 3.02 17.71
C ILE E 175 21.68 1.61 17.64
N PRO E 176 22.28 1.06 18.72
CA PRO E 176 22.91 -0.27 18.60
C PRO E 176 21.91 -1.43 18.53
N ILE E 177 22.15 -2.32 17.55
CA ILE E 177 21.24 -3.38 17.16
C ILE E 177 21.96 -4.73 17.33
N HIS E 178 21.27 -5.70 17.94
CA HIS E 178 21.65 -7.10 17.83
C HIS E 178 20.82 -7.63 16.67
N TYR E 179 21.37 -8.54 15.89
CA TYR E 179 20.55 -9.49 15.13
C TYR E 179 20.62 -10.83 15.83
N CYS E 180 19.63 -11.70 15.58
CA CYS E 180 19.55 -12.97 16.31
C CYS E 180 18.94 -14.03 15.40
N ALA E 181 19.25 -15.30 15.67
CA ALA E 181 18.81 -16.43 14.84
C ALA E 181 17.59 -17.12 15.42
N PRO E 182 16.75 -17.78 14.62
CA PRO E 182 15.53 -18.38 15.18
C PRO E 182 15.85 -19.66 15.94
N ALA E 183 14.94 -20.02 16.85
CA ALA E 183 15.11 -21.22 17.67
C ALA E 183 15.19 -22.47 16.80
N GLY E 184 16.12 -23.36 17.13
CA GLY E 184 16.47 -24.49 16.32
C GLY E 184 17.72 -24.28 15.47
N TYR E 185 18.12 -23.03 15.28
CA TYR E 185 19.42 -22.67 14.76
C TYR E 185 20.26 -22.07 15.88
N ALA E 186 21.58 -22.26 15.78
CA ALA E 186 22.51 -21.80 16.80
C ALA E 186 23.65 -21.03 16.14
N ILE E 187 24.23 -20.11 16.91
CA ILE E 187 25.27 -19.21 16.46
C ILE E 187 26.55 -19.60 17.18
N LEU E 188 27.68 -19.40 16.51
CA LEU E 188 29.00 -19.74 17.01
C LEU E 188 29.88 -18.50 17.00
N LYS E 189 30.98 -18.55 17.74
CA LYS E 189 31.84 -17.39 17.94
C LYS E 189 33.23 -17.86 18.33
N CYS E 190 34.22 -16.99 18.13
CA CYS E 190 35.57 -17.20 18.65
C CYS E 190 35.98 -16.04 19.53
N ASN E 191 36.86 -16.32 20.49
CA ASN E 191 37.39 -15.31 21.41
C ASN E 191 38.78 -14.84 21.02
N ASP E 192 39.52 -15.62 20.25
CA ASP E 192 40.91 -15.29 19.95
C ASP E 192 40.99 -14.06 19.05
N GLU E 193 42.06 -13.28 19.23
CA GLU E 193 42.29 -12.10 18.41
C GLU E 193 43.17 -12.41 17.19
N THR E 194 43.71 -13.62 17.10
CA THR E 194 44.72 -13.93 16.11
C THR E 194 44.10 -14.50 14.83
N PHE E 195 42.87 -14.08 14.53
CA PHE E 195 42.20 -14.54 13.32
C PHE E 195 42.82 -13.89 12.09
N ASN E 196 42.65 -14.57 10.95
CA ASN E 196 43.22 -14.08 9.69
C ASN E 196 42.25 -14.12 8.51
N GLY E 197 41.01 -14.60 8.68
CA GLY E 197 39.98 -14.55 7.66
C GLY E 197 39.33 -15.88 7.36
N THR E 198 40.11 -16.96 7.37
CA THR E 198 39.59 -18.30 7.09
C THR E 198 40.34 -19.29 7.98
N GLY E 199 40.05 -20.58 7.79
CA GLY E 199 40.75 -21.65 8.48
C GLY E 199 40.08 -22.07 9.77
N PRO E 200 40.57 -23.15 10.38
CA PRO E 200 39.97 -23.61 11.65
C PRO E 200 40.36 -22.74 12.84
N CYS E 201 39.35 -22.24 13.54
CA CYS E 201 39.56 -21.42 14.72
C CYS E 201 39.86 -22.30 15.95
N SER E 202 40.59 -21.73 16.90
CA SER E 202 41.07 -22.50 18.05
C SER E 202 40.12 -22.41 19.24
N ASN E 203 39.88 -21.19 19.75
CA ASN E 203 39.03 -20.99 20.92
C ASN E 203 37.59 -20.67 20.49
N VAL E 204 36.91 -21.73 20.05
CA VAL E 204 35.55 -21.58 19.57
C VAL E 204 34.61 -21.42 20.76
N SER E 205 33.52 -20.67 20.55
CA SER E 205 32.54 -20.38 21.58
C SER E 205 31.18 -20.27 20.92
N THR E 206 30.13 -20.36 21.72
CA THR E 206 28.77 -20.26 21.24
C THR E 206 27.97 -19.28 22.11
N VAL E 207 27.13 -18.50 21.45
CA VAL E 207 26.25 -17.52 22.08
C VAL E 207 24.88 -17.70 21.45
N GLN E 208 23.83 -17.40 22.21
CA GLN E 208 22.49 -17.40 21.63
C GLN E 208 22.44 -16.42 20.47
N CYS E 209 22.87 -15.18 20.70
CA CYS E 209 23.17 -14.21 19.64
C CYS E 209 23.98 -13.04 20.19
N THR E 210 24.43 -12.19 19.26
CA THR E 210 25.75 -11.57 19.22
C THR E 210 25.87 -10.43 20.23
N HIS E 211 26.77 -9.47 19.95
CA HIS E 211 26.75 -8.21 20.70
C HIS E 211 26.08 -7.12 19.86
N GLY E 212 26.01 -5.91 20.44
CA GLY E 212 25.36 -4.78 19.80
C GLY E 212 26.08 -4.21 18.59
N ILE E 213 25.51 -4.49 17.41
CA ILE E 213 26.08 -4.00 16.16
C ILE E 213 25.79 -2.49 16.03
N ARG E 214 26.61 -1.80 15.22
CA ARG E 214 26.37 -0.39 14.85
C ARG E 214 26.14 -0.29 13.34
N PRO E 215 24.86 -0.15 12.84
CA PRO E 215 24.63 0.41 11.50
C PRO E 215 24.81 1.92 11.36
N VAL E 216 26.06 2.34 11.05
CA VAL E 216 26.36 3.66 10.49
C VAL E 216 26.61 3.49 8.99
N VAL E 217 26.66 4.61 8.27
CA VAL E 217 26.84 4.61 6.82
C VAL E 217 28.02 5.52 6.49
N SER E 218 29.10 4.95 5.93
CA SER E 218 30.22 5.77 5.46
C SER E 218 31.00 5.01 4.39
N THR E 219 31.99 5.70 3.81
CA THR E 219 32.79 5.15 2.72
C THR E 219 34.26 4.85 3.07
N GLN E 220 35.00 5.85 3.56
CA GLN E 220 36.44 5.64 3.74
C GLN E 220 36.74 5.04 5.12
N LEU E 221 36.45 5.79 6.19
CA LEU E 221 36.87 5.43 7.54
C LEU E 221 35.70 4.74 8.20
N LEU E 222 35.93 4.23 9.41
CA LEU E 222 34.88 3.55 10.16
C LEU E 222 34.75 4.17 11.54
N LEU E 223 33.57 4.70 11.79
CA LEU E 223 33.19 5.31 13.05
C LEU E 223 32.49 4.29 13.96
N ASN E 224 31.77 4.82 14.95
CA ASN E 224 31.10 4.17 16.08
C ASN E 224 30.82 2.67 15.90
N GLY E 225 31.48 1.87 16.74
CA GLY E 225 31.39 0.42 16.68
C GLY E 225 32.36 -0.22 17.64
N SER E 226 32.48 -1.55 17.53
CA SER E 226 33.30 -2.33 18.46
C SER E 226 34.79 -2.07 18.19
N LEU E 227 35.63 -2.96 18.73
CA LEU E 227 37.07 -2.78 18.65
C LEU E 227 37.76 -4.13 18.84
N ALA E 228 39.04 -4.17 18.46
CA ALA E 228 39.94 -5.26 18.83
C ALA E 228 40.44 -5.02 20.24
N GLU E 229 41.47 -5.73 20.70
CA GLU E 229 42.01 -5.48 22.03
C GLU E 229 43.42 -4.89 22.04
N LYS E 230 44.43 -5.64 21.54
CA LYS E 230 45.81 -5.20 21.74
C LYS E 230 46.73 -5.38 20.54
N GLU E 231 46.25 -5.76 19.36
CA GLU E 231 47.08 -5.84 18.17
C GLU E 231 46.29 -5.40 16.94
N ILE E 232 47.00 -4.76 16.01
CA ILE E 232 46.42 -4.37 14.73
C ILE E 232 46.31 -5.61 13.85
N VAL E 233 45.14 -5.79 13.23
CA VAL E 233 44.84 -6.98 12.43
C VAL E 233 44.28 -6.55 11.08
N ILE E 234 44.74 -7.23 10.03
CA ILE E 234 44.35 -6.95 8.65
C ILE E 234 43.59 -8.16 8.12
N ARG E 235 42.45 -7.91 7.48
CA ARG E 235 41.55 -8.95 6.99
C ARG E 235 41.27 -8.68 5.51
N SER E 236 41.49 -9.69 4.68
CA SER E 236 41.21 -9.57 3.25
C SER E 236 41.19 -10.96 2.63
N GLU E 237 40.62 -11.04 1.42
CA GLU E 237 40.54 -12.32 0.73
C GLU E 237 41.87 -12.68 0.06
N ASN E 238 42.32 -11.84 -0.87
CA ASN E 238 43.45 -12.19 -1.75
C ASN E 238 44.30 -10.93 -1.91
N LEU E 239 45.49 -10.97 -1.31
CA LEU E 239 46.45 -9.89 -1.46
C LEU E 239 47.10 -9.85 -2.84
N THR E 240 46.88 -10.87 -3.67
CA THR E 240 47.45 -10.88 -5.01
C THR E 240 46.89 -9.74 -5.85
N ASN E 241 45.58 -9.48 -5.73
CA ASN E 241 44.88 -8.52 -6.58
C ASN E 241 44.62 -7.23 -5.82
N ASN E 242 44.76 -6.11 -6.54
CA ASN E 242 44.42 -4.80 -5.98
C ASN E 242 42.93 -4.51 -6.06
N ALA E 243 42.14 -5.34 -6.74
CA ALA E 243 40.75 -5.02 -6.98
C ALA E 243 39.86 -5.11 -5.74
N LYS E 244 40.37 -5.65 -4.63
CA LYS E 244 39.55 -6.00 -3.47
C LYS E 244 40.02 -5.24 -2.25
N ILE E 245 39.15 -5.18 -1.23
CA ILE E 245 39.32 -4.22 -0.15
C ILE E 245 40.08 -4.84 1.02
N ILE E 246 40.93 -4.02 1.62
CA ILE E 246 41.58 -4.29 2.89
C ILE E 246 40.76 -3.56 3.96
N ILE E 247 40.63 -4.18 5.12
CA ILE E 247 39.90 -3.62 6.25
C ILE E 247 40.85 -3.58 7.43
N VAL E 248 41.02 -2.40 8.03
CA VAL E 248 42.06 -2.17 9.02
C VAL E 248 41.41 -1.91 10.38
N HIS E 249 41.70 -2.79 11.34
CA HIS E 249 41.30 -2.64 12.75
C HIS E 249 42.52 -2.25 13.58
N LEU E 250 42.34 -1.31 14.50
CA LEU E 250 43.40 -0.84 15.37
C LEU E 250 43.20 -1.37 16.80
N HIS E 251 44.30 -1.34 17.57
CA HIS E 251 44.22 -1.68 18.99
C HIS E 251 43.77 -0.48 19.82
N THR E 252 43.94 0.74 19.30
CA THR E 252 43.50 1.98 19.94
C THR E 252 42.84 2.88 18.91
N PRO E 253 41.73 3.54 19.21
CA PRO E 253 41.16 4.51 18.24
C PRO E 253 41.72 5.92 18.36
N VAL E 254 41.71 6.62 17.23
CA VAL E 254 42.22 7.99 17.09
C VAL E 254 41.04 8.95 17.01
N GLU E 255 41.23 10.16 17.54
CA GLU E 255 40.11 10.87 18.15
C GLU E 255 39.66 12.03 17.25
N ILE E 256 38.41 11.95 16.77
CA ILE E 256 37.88 12.79 15.71
C ILE E 256 36.63 13.53 16.17
N VAL E 257 36.46 14.74 15.64
CA VAL E 257 35.33 15.59 15.97
C VAL E 257 35.10 16.56 14.83
N CYS E 258 33.83 16.90 14.62
CA CYS E 258 33.40 17.76 13.53
C CYS E 258 32.38 18.74 14.05
N THR E 259 32.24 19.85 13.32
CA THR E 259 31.28 20.88 13.75
C THR E 259 30.91 21.73 12.54
N ARG E 260 29.75 22.39 12.67
CA ARG E 260 29.23 23.32 11.67
C ARG E 260 29.05 24.62 12.43
N PRO E 261 29.96 25.60 12.28
CA PRO E 261 29.86 26.79 13.14
C PRO E 261 28.87 27.87 12.69
N ASN E 262 27.92 27.59 11.79
CA ASN E 262 27.10 28.66 11.19
C ASN E 262 25.84 29.08 11.96
N ASN E 263 25.37 28.27 12.90
CA ASN E 263 24.08 28.51 13.57
C ASN E 263 22.94 28.62 12.56
N ASN E 264 22.61 27.49 11.92
CA ASN E 264 21.47 27.43 11.02
C ASN E 264 20.17 27.57 11.81
N THR E 265 19.12 28.06 11.15
CA THR E 265 17.79 28.19 11.73
C THR E 265 16.75 27.72 10.72
N ARG E 266 15.59 27.26 11.23
CA ARG E 266 14.54 26.75 10.37
C ARG E 266 13.67 27.87 9.84
N LYS E 267 13.24 27.73 8.59
CA LYS E 267 12.27 28.62 7.95
C LYS E 267 11.15 27.80 7.33
N SER E 268 10.00 27.84 7.97
CA SER E 268 8.91 26.92 7.71
C SER E 268 7.89 27.55 6.79
N VAL E 269 7.47 26.78 5.78
CA VAL E 269 6.46 27.18 4.80
C VAL E 269 5.38 26.09 4.81
N ARG E 270 4.14 26.47 4.51
CA ARG E 270 3.09 25.49 4.23
C ARG E 270 2.93 25.34 2.73
N ILE E 271 3.15 24.12 2.24
CA ILE E 271 3.18 23.83 0.80
C ILE E 271 2.24 22.65 0.57
N GLY E 272 1.26 22.83 -0.29
CA GLY E 272 0.31 21.79 -0.56
C GLY E 272 -0.63 21.60 0.61
N PRO E 273 -1.75 20.93 0.39
CA PRO E 273 -2.78 20.89 1.43
C PRO E 273 -2.34 20.02 2.61
N GLY E 274 -2.26 20.63 3.78
CA GLY E 274 -2.06 19.87 5.00
C GLY E 274 -0.70 19.25 5.17
N GLN E 275 0.33 19.82 4.54
CA GLN E 275 1.69 19.34 4.72
C GLN E 275 2.64 20.53 4.63
N THR E 276 3.80 20.39 5.28
CA THR E 276 4.71 21.52 5.51
C THR E 276 6.13 21.17 5.08
N PHE E 277 6.73 22.09 4.33
CA PHE E 277 8.12 22.05 3.89
C PHE E 277 8.99 22.85 4.86
N TYR E 278 10.19 22.34 5.12
CA TYR E 278 11.19 23.02 5.94
C TYR E 278 12.40 23.38 5.12
N ALA E 279 13.06 24.47 5.49
CA ALA E 279 14.24 24.92 4.76
C ALA E 279 15.11 25.77 5.67
N THR E 280 16.39 25.86 5.31
CA THR E 280 17.34 26.70 6.02
C THR E 280 16.88 28.15 5.92
N GLY E 281 16.79 28.83 7.05
CA GLY E 281 16.31 30.20 7.08
C GLY E 281 17.41 31.22 6.87
N ASP E 282 17.10 32.48 7.17
CA ASP E 282 18.10 33.53 7.16
C ASP E 282 19.21 33.21 8.16
N ILE E 283 20.42 32.98 7.64
CA ILE E 283 21.51 32.48 8.45
C ILE E 283 22.00 33.60 9.37
N ILE E 284 22.06 33.31 10.66
CA ILE E 284 22.43 34.29 11.66
C ILE E 284 23.95 34.29 11.86
N GLY E 285 24.50 35.47 12.09
CA GLY E 285 25.91 35.60 12.38
C GLY E 285 26.76 35.59 11.12
N ASP E 286 28.07 35.68 11.34
CA ASP E 286 29.03 35.68 10.24
C ASP E 286 29.19 34.27 9.68
N ILE E 287 29.32 34.18 8.36
CA ILE E 287 29.45 32.89 7.71
C ILE E 287 30.81 32.30 8.03
N LYS E 288 30.83 31.02 8.41
CA LYS E 288 32.06 30.29 8.66
C LYS E 288 31.95 28.94 7.95
N GLN E 289 33.09 28.24 7.87
CA GLN E 289 33.24 27.05 7.06
C GLN E 289 33.20 25.79 7.93
N ALA E 290 32.39 24.80 7.53
CA ALA E 290 32.23 23.55 8.27
C ALA E 290 33.42 22.62 8.06
N HIS E 291 33.62 21.66 8.95
CA HIS E 291 34.87 20.91 8.93
C HIS E 291 34.85 19.72 9.89
N CYS E 292 36.03 19.07 10.01
CA CYS E 292 36.32 18.08 11.05
C CYS E 292 37.70 18.34 11.66
N ASN E 293 37.99 17.68 12.79
CA ASN E 293 39.26 17.89 13.50
C ASN E 293 39.83 16.57 14.01
N ILE E 294 41.13 16.35 13.77
CA ILE E 294 41.81 15.10 14.11
C ILE E 294 43.17 15.43 14.70
N SER E 295 43.64 14.57 15.61
CA SER E 295 44.89 14.80 16.33
C SER E 295 46.09 14.31 15.52
N GLU E 296 46.93 15.26 15.11
CA GLU E 296 48.07 15.00 14.23
C GLU E 296 49.08 14.01 14.85
N GLU E 297 49.36 14.15 16.15
CA GLU E 297 50.35 13.28 16.78
C GLU E 297 49.87 11.82 16.78
N LYS E 298 48.62 11.58 17.19
CA LYS E 298 48.13 10.21 17.32
C LYS E 298 47.88 9.56 15.97
N TRP E 299 47.34 10.29 15.00
CA TRP E 299 47.18 9.70 13.68
C TRP E 299 48.53 9.36 13.06
N ASN E 300 49.55 10.20 13.26
CA ASN E 300 50.86 9.80 12.75
C ASN E 300 51.39 8.56 13.47
N ASP E 301 51.21 8.50 14.80
CA ASP E 301 51.67 7.32 15.54
C ASP E 301 50.92 6.07 15.10
N THR E 302 49.63 6.21 14.79
CA THR E 302 48.81 5.09 14.35
C THR E 302 49.25 4.62 12.96
N LEU E 303 49.69 5.56 12.12
CA LEU E 303 50.31 5.19 10.84
C LEU E 303 51.59 4.39 11.07
N GLN E 304 52.37 4.83 12.07
CA GLN E 304 53.61 4.16 12.43
C GLN E 304 53.35 2.74 12.95
N LYS E 305 52.25 2.57 13.68
CA LYS E 305 51.89 1.24 14.19
C LYS E 305 51.25 0.36 13.10
N VAL E 306 50.57 0.97 12.12
CA VAL E 306 49.94 0.19 11.06
C VAL E 306 50.96 -0.32 10.05
N GLY E 307 52.04 0.44 9.80
CA GLY E 307 52.97 0.05 8.75
C GLY E 307 53.60 -1.32 8.97
N ILE E 308 53.85 -1.68 10.24
CA ILE E 308 54.43 -2.99 10.53
C ILE E 308 53.52 -4.13 10.14
N GLU E 309 52.19 -3.92 10.10
CA GLU E 309 51.26 -4.97 9.69
C GLU E 309 51.26 -5.23 8.19
N LEU E 310 51.25 -4.19 7.37
CA LEU E 310 51.35 -4.34 5.94
C LEU E 310 52.75 -4.75 5.50
N GLN E 311 53.80 -4.48 6.33
CA GLN E 311 55.13 -5.06 6.02
C GLN E 311 55.26 -6.52 6.47
N LYS E 312 54.25 -7.12 7.09
CA LYS E 312 54.25 -8.57 7.27
C LYS E 312 54.36 -9.28 5.93
N HIS E 313 53.67 -8.76 4.92
CA HIS E 313 53.62 -9.37 3.59
C HIS E 313 54.25 -8.52 2.50
N PHE E 314 54.72 -7.30 2.80
CA PHE E 314 55.39 -6.43 1.85
C PHE E 314 56.72 -5.94 2.41
N PRO E 315 57.70 -6.83 2.60
CA PRO E 315 59.03 -6.39 3.05
C PRO E 315 59.91 -5.86 1.93
N ASN E 316 59.56 -6.08 0.66
CA ASN E 316 60.40 -5.67 -0.47
C ASN E 316 60.10 -4.26 -0.97
N LYS E 317 59.08 -3.58 -0.43
CA LYS E 317 58.67 -2.28 -0.93
C LYS E 317 58.29 -1.38 0.24
N THR E 318 58.51 -0.07 0.06
CA THR E 318 58.29 0.90 1.13
C THR E 318 56.86 1.42 1.13
N ILE E 319 56.35 1.63 2.35
CA ILE E 319 54.98 2.08 2.55
C ILE E 319 54.92 3.59 2.40
N LYS E 320 53.94 4.05 1.62
CA LYS E 320 53.67 5.47 1.46
C LYS E 320 52.20 5.61 1.15
N TYR E 321 51.60 6.71 1.59
CA TYR E 321 50.18 6.95 1.42
C TYR E 321 49.98 8.02 0.35
N ASN E 322 48.85 7.96 -0.33
CA ASN E 322 48.61 8.81 -1.47
C ASN E 322 47.11 9.04 -1.63
N GLN E 323 46.76 9.98 -2.50
CA GLN E 323 45.41 10.53 -2.53
C GLN E 323 44.40 9.54 -3.11
N SER E 324 43.12 9.78 -2.83
CA SER E 324 42.03 8.97 -3.36
C SER E 324 42.03 9.00 -4.90
N ALA E 325 41.91 7.81 -5.48
CA ALA E 325 42.19 7.58 -6.89
C ALA E 325 41.11 8.11 -7.83
N GLY E 326 41.00 9.43 -7.94
CA GLY E 326 40.10 10.03 -8.92
C GLY E 326 38.64 9.75 -8.59
N GLY E 327 37.77 10.12 -9.53
CA GLY E 327 36.35 9.93 -9.34
C GLY E 327 35.60 11.16 -8.83
N ASP E 328 34.30 10.99 -8.64
CA ASP E 328 33.34 12.05 -8.40
C ASP E 328 33.12 12.24 -6.90
N MET E 329 32.05 12.96 -6.55
CA MET E 329 31.76 13.30 -5.16
C MET E 329 31.48 12.07 -4.30
N GLU E 330 30.94 10.99 -4.90
CA GLU E 330 30.42 9.90 -4.07
C GLU E 330 31.48 8.86 -3.71
N ILE E 331 32.73 8.99 -4.14
CA ILE E 331 33.73 7.96 -3.87
C ILE E 331 35.07 8.55 -3.41
N THR E 332 35.38 9.80 -3.76
CA THR E 332 36.71 10.34 -3.44
C THR E 332 36.82 10.85 -2.01
N THR E 333 35.71 11.10 -1.33
CA THR E 333 35.70 11.84 -0.07
C THR E 333 35.33 10.92 1.08
N HIS E 334 35.53 11.42 2.29
CA HIS E 334 34.98 10.76 3.46
C HIS E 334 33.54 11.27 3.63
N SER E 335 32.55 10.42 3.31
CA SER E 335 31.13 10.80 3.33
C SER E 335 30.36 9.84 4.24
N PHE E 336 29.87 10.35 5.36
CA PHE E 336 29.14 9.60 6.38
C PHE E 336 28.01 10.49 6.91
N ASN E 337 27.51 10.22 8.13
CA ASN E 337 26.59 11.16 8.76
C ASN E 337 26.64 11.15 10.27
N CYS E 338 26.06 12.20 10.84
CA CYS E 338 25.79 12.39 12.25
C CYS E 338 24.96 13.66 12.41
N GLY E 339 23.95 13.60 13.28
CA GLY E 339 23.25 14.80 13.69
C GLY E 339 22.30 15.41 12.68
N GLY E 340 21.63 14.59 11.87
CA GLY E 340 20.59 15.10 11.01
C GLY E 340 21.01 15.91 9.81
N GLU E 341 22.25 15.79 9.34
CA GLU E 341 22.69 16.49 8.15
C GLU E 341 23.95 15.80 7.61
N PHE E 342 24.24 15.98 6.31
CA PHE E 342 25.27 15.20 5.61
C PHE E 342 26.49 16.04 5.26
N PHE E 343 27.66 15.53 5.60
CA PHE E 343 28.91 16.25 5.42
C PHE E 343 29.61 15.60 4.22
N TYR E 344 30.52 16.31 3.56
CA TYR E 344 31.35 15.75 2.48
C TYR E 344 32.77 16.31 2.55
N CYS E 345 33.69 15.46 2.99
CA CYS E 345 34.97 15.87 3.51
C CYS E 345 36.09 15.02 2.91
N ASN E 346 37.13 15.70 2.41
CA ASN E 346 38.19 15.09 1.62
C ASN E 346 39.42 14.87 2.50
N THR E 347 39.83 13.60 2.69
CA THR E 347 40.80 13.21 3.71
C THR E 347 42.23 13.11 3.18
N SER E 348 42.57 13.88 2.15
CA SER E 348 43.93 13.88 1.63
C SER E 348 44.94 14.30 2.70
N ASN E 349 44.50 15.13 3.64
CA ASN E 349 45.33 15.52 4.77
C ASN E 349 45.20 14.53 5.92
N LEU E 350 45.05 13.24 5.58
CA LEU E 350 45.38 12.13 6.46
C LEU E 350 46.24 11.05 5.80
N PHE E 351 46.43 11.09 4.48
CA PHE E 351 46.95 9.92 3.75
C PHE E 351 48.08 10.29 2.81
N ASN E 352 49.11 10.96 3.31
CA ASN E 352 50.39 11.07 2.61
C ASN E 352 51.49 11.08 3.66
N GLY E 353 52.60 10.43 3.36
CA GLY E 353 53.65 10.27 4.35
C GLY E 353 54.65 9.24 3.89
N THR E 354 55.37 8.68 4.87
CA THR E 354 56.25 7.54 4.64
C THR E 354 56.61 6.88 5.96
N TYR E 355 56.50 5.55 5.96
CA TYR E 355 57.09 4.68 6.98
C TYR E 355 58.11 3.78 6.28
N ASN E 356 59.35 3.80 6.76
CA ASN E 356 60.44 3.05 6.18
C ASN E 356 61.24 2.36 7.29
N GLY E 357 60.52 1.74 8.23
CA GLY E 357 61.16 0.99 9.30
C GLY E 357 61.36 1.79 10.57
N THR E 358 61.96 2.97 10.46
CA THR E 358 62.31 3.79 11.62
C THR E 358 61.03 4.34 12.26
N TYR E 359 60.66 3.78 13.40
CA TYR E 359 59.57 4.32 14.22
C TYR E 359 60.18 5.28 15.24
N ILE E 360 59.86 6.56 15.10
CA ILE E 360 60.29 7.61 16.03
C ILE E 360 59.03 8.19 16.66
N SER E 361 58.88 7.96 17.97
CA SER E 361 57.65 8.26 18.66
C SER E 361 57.45 9.76 18.86
N THR E 362 56.19 10.14 19.09
CA THR E 362 55.89 11.52 19.44
C THR E 362 56.19 11.83 20.90
N ASN E 363 56.35 10.80 21.74
CA ASN E 363 56.55 11.02 23.17
C ASN E 363 58.01 11.40 23.46
N SER E 364 58.22 12.32 24.40
CA SER E 364 57.27 13.13 25.17
C SER E 364 56.66 14.19 24.28
N SER E 365 55.34 14.35 24.34
CA SER E 365 54.64 15.23 23.43
C SER E 365 54.98 16.69 23.72
N ALA E 366 55.38 17.41 22.66
CA ALA E 366 55.68 18.83 22.75
C ALA E 366 54.45 19.69 22.49
N ASN E 367 53.54 19.21 21.65
CA ASN E 367 52.31 19.92 21.30
C ASN E 367 51.19 18.87 21.22
N SER E 368 50.43 18.70 22.30
CA SER E 368 49.34 17.72 22.23
C SER E 368 48.19 18.21 21.36
N THR E 369 48.12 19.52 21.08
CA THR E 369 47.07 20.11 20.27
C THR E 369 47.35 20.01 18.78
N SER E 370 48.37 19.27 18.37
CA SER E 370 48.72 19.19 16.96
C SER E 370 47.62 18.49 16.18
N THR E 371 46.92 19.24 15.31
CA THR E 371 45.75 18.74 14.58
C THR E 371 45.88 19.06 13.09
N ILE E 372 45.14 18.30 12.29
CA ILE E 372 45.03 18.48 10.85
C ILE E 372 43.53 18.49 10.55
N THR E 373 43.03 19.51 9.84
CA THR E 373 41.59 19.80 9.75
C THR E 373 41.06 19.24 8.44
N LEU E 374 39.74 19.02 8.33
CA LEU E 374 39.12 18.60 7.09
C LEU E 374 37.96 19.51 6.70
N GLN E 375 38.12 20.21 5.58
CA GLN E 375 37.12 21.15 5.08
C GLN E 375 36.00 20.42 4.37
N CYS E 376 34.77 20.86 4.60
CA CYS E 376 33.59 20.12 4.17
C CYS E 376 32.56 20.99 3.46
N ARG E 377 31.86 20.35 2.52
CA ARG E 377 30.58 20.79 1.99
C ARG E 377 29.48 20.03 2.71
N ILE E 378 28.22 20.42 2.47
CA ILE E 378 27.08 19.84 3.19
C ILE E 378 25.87 19.83 2.24
N LYS E 379 25.03 18.79 2.36
CA LYS E 379 23.90 18.57 1.46
C LYS E 379 22.60 18.35 2.24
N GLN E 380 21.49 18.50 1.52
CA GLN E 380 20.15 18.13 1.98
C GLN E 380 19.58 16.96 1.18
N ILE E 381 19.57 17.08 -0.16
CA ILE E 381 19.16 15.99 -1.05
C ILE E 381 20.19 14.87 -0.95
N ILE E 382 19.72 13.62 -0.89
CA ILE E 382 20.63 12.48 -0.80
C ILE E 382 20.18 11.37 -1.74
N ASN E 383 21.15 10.78 -2.45
CA ASN E 383 20.99 9.48 -3.08
C ASN E 383 21.77 8.42 -2.29
N MET E 384 21.10 7.84 -1.29
CA MET E 384 21.84 7.06 -0.31
C MET E 384 22.31 5.72 -0.87
N TRP E 385 21.48 5.03 -1.66
CA TRP E 385 21.92 3.86 -2.41
C TRP E 385 21.15 3.75 -3.73
N GLN E 386 21.42 2.66 -4.44
CA GLN E 386 20.63 2.20 -5.57
C GLN E 386 19.72 1.06 -5.12
N GLY E 387 18.54 1.01 -5.70
CA GLY E 387 17.56 0.01 -5.30
C GLY E 387 17.14 0.15 -3.84
N VAL E 388 17.02 1.38 -3.35
CA VAL E 388 16.58 1.65 -1.98
C VAL E 388 15.52 2.73 -1.98
N GLY E 389 14.98 3.08 -3.15
CA GLY E 389 14.30 4.35 -3.21
C GLY E 389 15.29 5.46 -2.95
N ARG E 390 16.17 5.70 -3.92
CA ARG E 390 17.34 6.57 -3.82
C ARG E 390 17.10 7.99 -3.33
N CYS E 391 16.17 8.71 -3.95
CA CYS E 391 16.17 10.14 -3.75
C CYS E 391 15.44 10.52 -2.47
N MET E 392 16.13 11.28 -1.62
CA MET E 392 15.65 11.69 -0.32
C MET E 392 16.09 13.13 -0.11
N TYR E 393 15.43 13.82 0.84
CA TYR E 393 15.78 15.16 1.29
C TYR E 393 15.72 15.21 2.80
N ALA E 394 16.84 15.54 3.45
CA ALA E 394 16.84 15.72 4.89
C ALA E 394 16.58 17.19 5.22
N PRO E 395 15.54 17.54 5.99
CA PRO E 395 15.41 18.93 6.42
C PRO E 395 16.56 19.33 7.33
N PRO E 396 16.97 20.60 7.30
CA PRO E 396 18.19 20.99 8.03
C PRO E 396 17.91 21.10 9.52
N ILE E 397 18.90 20.71 10.33
CA ILE E 397 18.75 20.82 11.78
C ILE E 397 19.07 22.24 12.23
N ALA E 398 18.38 22.69 13.28
CA ALA E 398 18.57 24.04 13.79
C ALA E 398 19.79 24.11 14.69
N GLY E 399 20.50 25.24 14.64
CA GLY E 399 21.61 25.48 15.54
C GLY E 399 22.96 25.05 15.01
N ASN E 400 23.86 24.67 15.91
CA ASN E 400 25.20 24.19 15.60
C ASN E 400 25.47 22.90 16.38
N ILE E 401 26.32 22.03 15.82
CA ILE E 401 26.47 20.66 16.27
C ILE E 401 27.93 20.33 16.49
N THR E 402 28.18 19.30 17.30
CA THR E 402 29.50 18.70 17.44
C THR E 402 29.33 17.19 17.58
N CYS E 403 30.12 16.43 16.81
CA CYS E 403 29.92 14.97 16.70
C CYS E 403 31.23 14.24 16.97
N ARG E 404 31.84 14.51 18.13
CA ARG E 404 33.08 13.84 18.52
C ARG E 404 32.92 12.32 18.47
N SER E 405 33.82 11.68 17.73
CA SER E 405 33.74 10.27 17.42
C SER E 405 35.16 9.72 17.29
N ASN E 406 35.28 8.43 17.00
CA ASN E 406 36.54 7.70 17.01
C ASN E 406 36.71 6.90 15.72
N ILE E 407 37.91 6.87 15.16
CA ILE E 407 38.17 6.07 13.96
C ILE E 407 38.36 4.61 14.37
N THR E 408 37.26 3.83 14.29
CA THR E 408 37.32 2.42 14.63
C THR E 408 38.23 1.63 13.68
N GLY E 409 38.13 1.91 12.38
CA GLY E 409 38.95 1.26 11.38
C GLY E 409 38.97 2.02 10.06
N LEU E 410 39.87 1.64 9.15
CA LEU E 410 40.02 2.27 7.84
C LEU E 410 39.79 1.23 6.76
N LEU E 411 39.30 1.69 5.62
CA LEU E 411 39.23 0.88 4.40
C LEU E 411 40.20 1.49 3.39
N LEU E 412 41.15 0.68 2.90
CA LEU E 412 42.23 1.17 2.04
C LEU E 412 42.36 0.31 0.79
N THR E 413 43.21 0.76 -0.11
CA THR E 413 43.42 0.06 -1.37
C THR E 413 44.83 0.33 -1.89
N ARG E 414 45.48 -0.74 -2.36
CA ARG E 414 46.86 -0.72 -2.83
C ARG E 414 46.94 -0.21 -4.27
N ASP E 415 48.05 0.44 -4.58
CA ASP E 415 48.36 0.94 -5.92
C ASP E 415 49.52 0.13 -6.51
N GLY E 416 49.50 -0.03 -7.83
CA GLY E 416 50.33 -1.04 -8.47
C GLY E 416 51.81 -0.71 -8.47
N GLY E 417 52.59 -1.66 -9.00
CA GLY E 417 54.04 -1.51 -9.10
C GLY E 417 54.75 -2.83 -9.31
N THR E 418 55.80 -2.84 -10.14
CA THR E 418 56.53 -4.06 -10.45
C THR E 418 57.77 -3.73 -11.26
N ASN E 419 58.58 -4.75 -11.53
CA ASN E 419 59.77 -4.64 -12.36
C ASN E 419 60.74 -3.61 -11.81
N SER E 420 61.32 -3.90 -10.63
CA SER E 420 62.27 -3.01 -9.96
C SER E 420 61.58 -1.77 -9.40
N ASN E 421 60.40 -1.97 -8.81
CA ASN E 421 59.63 -0.91 -8.17
C ASN E 421 59.72 -1.07 -6.65
N GLU E 422 60.04 0.02 -5.96
CA GLU E 422 60.10 0.06 -4.51
C GLU E 422 59.07 1.01 -3.91
N THR E 423 58.12 1.49 -4.72
CA THR E 423 57.24 2.61 -4.36
C THR E 423 55.77 2.23 -4.47
N GLU E 424 55.39 1.04 -4.01
CA GLU E 424 53.98 0.77 -3.84
C GLU E 424 53.41 1.62 -2.71
N THR E 425 52.12 1.91 -2.80
CA THR E 425 51.48 2.90 -1.95
C THR E 425 50.08 2.44 -1.62
N PHE E 426 49.41 3.24 -0.80
CA PHE E 426 48.20 2.82 -0.08
C PHE E 426 47.25 4.00 0.07
N ARG E 427 46.03 3.80 -0.42
CA ARG E 427 45.06 4.85 -0.68
C ARG E 427 43.73 4.46 -0.07
N PRO E 428 42.76 5.39 -0.01
CA PRO E 428 41.46 5.04 0.57
C PRO E 428 40.72 3.97 -0.24
N ALA E 429 39.59 3.53 0.30
CA ALA E 429 38.70 2.60 -0.36
C ALA E 429 37.25 3.02 -0.17
N GLY E 430 36.49 2.98 -1.25
CA GLY E 430 35.06 3.18 -1.18
C GLY E 430 34.37 1.90 -0.80
N GLY E 431 34.55 1.46 0.44
CA GLY E 431 33.82 0.32 0.92
C GLY E 431 32.33 0.53 0.84
N ASP E 432 31.69 -0.41 0.14
CA ASP E 432 30.24 -0.56 0.11
C ASP E 432 29.72 -0.85 1.52
N MET E 433 28.41 -0.77 1.71
CA MET E 433 27.86 -1.18 2.99
C MET E 433 28.13 -2.66 3.29
N ARG E 434 28.23 -3.50 2.26
CA ARG E 434 28.71 -4.86 2.50
C ARG E 434 30.17 -4.86 2.93
N ASP E 435 30.94 -3.87 2.45
CA ASP E 435 32.29 -3.61 2.91
C ASP E 435 32.35 -2.54 4.00
N ASN E 436 31.21 -2.19 4.60
CA ASN E 436 31.16 -1.45 5.86
C ASN E 436 30.95 -2.41 7.03
N TRP E 437 29.86 -3.18 6.99
CA TRP E 437 29.41 -3.92 8.16
C TRP E 437 30.07 -5.29 8.31
N ARG E 438 30.81 -5.78 7.30
CA ARG E 438 31.50 -7.05 7.47
C ARG E 438 32.59 -6.94 8.52
N SER E 439 33.03 -5.72 8.85
CA SER E 439 33.90 -5.50 9.99
C SER E 439 33.24 -5.86 11.31
N GLU E 440 31.90 -5.84 11.37
CA GLU E 440 31.18 -5.96 12.63
C GLU E 440 30.28 -7.20 12.69
N LEU E 441 30.28 -8.03 11.65
CA LEU E 441 29.47 -9.23 11.57
C LEU E 441 30.31 -10.50 11.35
N TYR E 442 31.64 -10.37 11.14
CA TYR E 442 32.46 -11.51 10.73
C TYR E 442 32.58 -12.58 11.81
N LYS E 443 32.38 -12.20 13.07
CA LYS E 443 32.64 -13.12 14.18
C LYS E 443 31.76 -14.36 14.15
N TYR E 444 30.55 -14.24 13.59
CA TYR E 444 29.46 -15.16 13.87
C TYR E 444 29.07 -15.98 12.65
N LYS E 445 28.78 -17.26 12.88
CA LYS E 445 28.22 -18.14 11.86
C LYS E 445 27.07 -18.93 12.46
N VAL E 446 26.02 -19.08 11.67
CA VAL E 446 24.74 -19.63 12.11
C VAL E 446 24.62 -21.05 11.57
N VAL E 447 24.31 -22.01 12.46
CA VAL E 447 24.32 -23.43 12.11
C VAL E 447 22.95 -24.04 12.39
N LYS E 448 22.67 -25.15 11.69
CA LYS E 448 21.38 -25.82 11.72
C LYS E 448 21.54 -27.17 12.42
N ILE E 449 20.70 -27.41 13.43
CA ILE E 449 20.76 -28.64 14.22
C ILE E 449 19.81 -29.67 13.62
N GLU E 450 20.26 -30.92 13.55
CA GLU E 450 19.41 -32.07 13.21
C GLU E 450 19.63 -33.11 14.30
N PRO E 451 18.94 -33.00 15.45
CA PRO E 451 19.35 -33.77 16.64
C PRO E 451 19.01 -35.25 16.61
N LEU E 452 18.50 -35.76 15.49
CA LEU E 452 18.25 -37.19 15.32
C LEU E 452 19.53 -37.85 14.82
N GLY E 453 19.95 -38.92 15.50
CA GLY E 453 21.20 -39.59 15.19
C GLY E 453 21.10 -41.08 15.43
N VAL E 454 22.22 -41.77 15.20
CA VAL E 454 22.31 -43.22 15.30
C VAL E 454 23.63 -43.56 15.99
N ALA E 455 23.63 -44.62 16.80
CA ALA E 455 24.82 -45.05 17.52
C ALA E 455 24.65 -46.53 17.86
N PRO E 456 25.74 -47.23 18.17
CA PRO E 456 25.61 -48.64 18.58
C PRO E 456 25.08 -48.77 19.99
N THR E 457 24.46 -49.93 20.26
CA THR E 457 24.05 -50.32 21.61
C THR E 457 23.69 -51.80 21.58
N ARG E 458 23.84 -52.46 22.73
CA ARG E 458 23.62 -53.89 22.86
C ARG E 458 22.24 -54.24 23.41
N CYS E 459 21.22 -53.48 23.01
CA CYS E 459 19.87 -53.70 23.52
C CYS E 459 19.16 -54.82 22.76
N LYS E 460 18.45 -55.65 23.53
CA LYS E 460 17.59 -56.69 22.96
C LYS E 460 16.24 -56.71 23.69
N ARG E 461 15.59 -55.54 23.78
CA ARG E 461 14.20 -55.49 24.20
C ARG E 461 13.36 -56.42 23.33
N ARG E 462 12.24 -56.87 23.90
CA ARG E 462 11.51 -58.02 23.34
C ARG E 462 11.07 -57.75 21.91
N VAL E 463 11.01 -58.84 21.14
CA VAL E 463 10.82 -58.76 19.69
C VAL E 463 9.41 -58.26 19.38
N LEU F 9 24.22 -26.90 29.86
CA LEU F 9 24.94 -26.85 28.60
C LEU F 9 24.15 -26.20 27.46
N GLY F 10 22.84 -26.01 27.61
CA GLY F 10 22.12 -25.27 26.59
C GLY F 10 21.98 -26.03 25.29
N PHE F 11 21.98 -25.27 24.18
CA PHE F 11 21.68 -25.85 22.87
C PHE F 11 22.82 -26.69 22.32
N LEU F 12 24.08 -26.24 22.47
CA LEU F 12 25.23 -26.91 21.86
C LEU F 12 26.37 -27.20 22.84
N GLY F 13 26.20 -26.97 24.14
CA GLY F 13 27.28 -27.17 25.08
C GLY F 13 27.79 -28.58 25.17
N ALA F 14 26.91 -29.58 24.99
CA ALA F 14 27.32 -30.98 25.03
C ALA F 14 28.15 -31.39 23.82
N ALA F 15 28.25 -30.56 22.80
CA ALA F 15 29.04 -30.90 21.63
C ALA F 15 30.53 -30.97 21.99
N GLY F 16 31.30 -31.53 21.08
CA GLY F 16 32.74 -31.69 21.28
C GLY F 16 33.14 -32.88 22.12
N SER F 17 32.52 -33.06 23.28
CA SER F 17 32.81 -34.23 24.11
C SER F 17 32.38 -35.50 23.40
N THR F 18 32.94 -36.61 23.84
CA THR F 18 32.70 -37.90 23.20
C THR F 18 31.28 -38.39 23.45
N MET F 19 30.84 -39.35 22.64
CA MET F 19 29.52 -39.92 22.81
C MET F 19 29.42 -40.70 24.13
N GLY F 20 30.56 -41.08 24.70
CA GLY F 20 30.59 -41.62 26.05
C GLY F 20 30.07 -40.61 27.04
N ALA F 21 30.51 -39.35 26.92
CA ALA F 21 30.03 -38.25 27.73
C ALA F 21 28.79 -37.56 27.15
N ALA F 22 28.40 -37.83 25.91
CA ALA F 22 27.19 -37.23 25.32
C ALA F 22 26.05 -38.24 25.17
N SER F 23 26.20 -39.46 25.71
CA SER F 23 25.09 -40.40 25.80
C SER F 23 24.06 -39.98 26.84
N MET F 24 24.41 -39.01 27.70
CA MET F 24 23.49 -38.45 28.68
C MET F 24 23.42 -36.94 28.43
N THR F 25 22.50 -36.29 29.13
CA THR F 25 22.13 -34.90 28.91
C THR F 25 21.57 -34.67 27.50
N LEU F 26 20.89 -35.66 26.93
CA LEU F 26 20.32 -35.52 25.60
C LEU F 26 19.18 -34.50 25.59
N THR F 27 18.45 -34.40 26.69
CA THR F 27 17.21 -33.61 26.70
C THR F 27 17.48 -32.13 26.55
N VAL F 28 18.60 -31.62 27.07
CA VAL F 28 18.83 -30.18 27.01
C VAL F 28 19.01 -29.72 25.57
N GLN F 29 19.47 -30.59 24.69
CA GLN F 29 19.61 -30.23 23.28
C GLN F 29 18.28 -30.15 22.55
N ALA F 30 17.23 -30.79 23.08
CA ALA F 30 15.93 -30.89 22.41
C ALA F 30 14.78 -30.28 23.20
N ARG F 31 15.04 -29.56 24.29
CA ARG F 31 13.98 -29.10 25.17
C ARG F 31 13.43 -27.73 24.77
N ASN F 32 14.22 -26.93 24.03
CA ASN F 32 13.88 -25.55 23.70
C ASN F 32 13.74 -25.40 22.19
N LEU F 33 12.54 -25.06 21.73
CA LEU F 33 12.33 -24.71 20.32
C LEU F 33 11.32 -23.58 20.19
N LEU F 34 11.41 -22.57 21.05
CA LEU F 34 10.47 -21.46 20.98
C LEU F 34 10.97 -20.33 21.87
N SER F 35 10.96 -19.12 21.32
CA SER F 35 11.00 -17.89 22.11
C SER F 35 10.79 -16.73 21.15
N GLY F 36 10.43 -15.56 21.71
CA GLY F 36 10.42 -14.33 20.95
C GLY F 36 9.03 -13.77 20.64
N THR F 37 9.06 -12.72 19.81
CA THR F 37 7.89 -11.92 19.45
C THR F 37 7.41 -12.09 18.01
N VAL F 38 6.54 -11.18 17.59
CA VAL F 38 5.85 -11.20 16.29
C VAL F 38 6.41 -10.07 15.40
N TRP F 39 6.85 -10.39 14.18
CA TRP F 39 7.11 -9.37 13.11
C TRP F 39 6.55 -9.80 11.76
N GLY F 40 5.26 -10.06 11.70
CA GLY F 40 4.61 -10.20 10.42
C GLY F 40 4.99 -11.52 9.77
N ILE F 41 4.86 -11.55 8.44
CA ILE F 41 5.28 -12.73 7.68
C ILE F 41 6.79 -12.94 7.83
N LYS F 42 7.57 -11.86 7.76
CA LYS F 42 9.01 -11.96 7.58
C LYS F 42 9.68 -12.65 8.77
N GLN F 43 9.07 -12.55 9.96
CA GLN F 43 9.51 -13.27 11.15
C GLN F 43 8.63 -14.45 11.51
N LEU F 44 7.37 -14.44 11.06
CA LEU F 44 6.51 -15.60 11.26
C LEU F 44 7.00 -16.79 10.47
N GLN F 45 7.79 -16.55 9.42
CA GLN F 45 8.28 -17.66 8.59
C GLN F 45 9.39 -18.44 9.26
N ALA F 46 9.81 -18.05 10.48
CA ALA F 46 10.64 -18.91 11.31
C ALA F 46 9.77 -19.78 12.23
N ARG F 47 8.60 -19.27 12.64
CA ARG F 47 7.77 -19.99 13.62
C ARG F 47 7.35 -21.36 13.09
N VAL F 48 7.06 -21.46 11.80
CA VAL F 48 6.60 -22.71 11.20
C VAL F 48 7.77 -23.66 10.94
N LEU F 49 8.99 -23.29 11.40
CA LEU F 49 10.10 -24.22 11.40
C LEU F 49 9.78 -25.47 12.20
N ALA F 50 8.91 -25.35 13.21
CA ALA F 50 8.54 -26.51 14.02
C ALA F 50 7.90 -27.60 13.17
N VAL F 51 7.14 -27.21 12.15
CA VAL F 51 6.54 -28.21 11.26
C VAL F 51 7.61 -28.90 10.43
N GLU F 52 8.54 -28.12 9.88
CA GLU F 52 9.59 -28.63 8.99
C GLU F 52 10.62 -29.48 9.72
N ARG F 53 10.93 -29.14 10.98
CA ARG F 53 12.07 -29.72 11.70
C ARG F 53 11.62 -30.60 12.87
N TYR F 54 10.85 -30.05 13.81
CA TYR F 54 10.53 -30.79 15.03
C TYR F 54 9.53 -31.90 14.76
N LEU F 55 8.39 -31.55 14.18
CA LEU F 55 7.32 -32.53 14.03
C LEU F 55 7.72 -33.63 13.06
N ARG F 56 8.48 -33.26 12.00
CA ARG F 56 8.95 -34.28 11.07
C ARG F 56 9.85 -35.28 11.79
N ASP F 57 10.83 -34.77 12.55
CA ASP F 57 11.78 -35.65 13.26
C ASP F 57 11.07 -36.47 14.33
N GLN F 58 10.04 -35.91 14.96
CA GLN F 58 9.27 -36.69 15.92
C GLN F 58 8.50 -37.80 15.22
N GLN F 59 8.02 -37.57 14.00
CA GLN F 59 7.30 -38.60 13.28
C GLN F 59 8.26 -39.72 12.85
N LEU F 60 9.43 -39.34 12.33
CA LEU F 60 10.60 -40.23 12.18
C LEU F 60 10.80 -41.11 13.40
N LEU F 61 10.85 -40.51 14.59
CA LEU F 61 11.09 -41.28 15.81
C LEU F 61 9.89 -42.14 16.16
N GLY F 62 8.69 -41.70 15.78
CA GLY F 62 7.51 -42.47 16.11
C GLY F 62 7.32 -43.69 15.25
N ILE F 63 7.47 -43.54 13.95
CA ILE F 63 7.25 -44.71 13.11
C ILE F 63 8.37 -45.74 13.29
N TRP F 64 9.54 -45.33 13.84
CA TRP F 64 10.50 -46.33 14.33
C TRP F 64 10.08 -46.97 15.67
N GLY F 65 8.94 -46.59 16.24
CA GLY F 65 8.50 -47.14 17.50
C GLY F 65 9.25 -46.64 18.71
N CYS F 66 9.83 -45.45 18.64
CA CYS F 66 10.72 -44.92 19.65
C CYS F 66 10.13 -43.68 20.32
N SER F 67 8.83 -43.68 20.58
CA SER F 67 8.19 -42.57 21.26
C SER F 67 8.80 -42.39 22.65
N GLY F 68 8.92 -41.12 23.05
CA GLY F 68 9.69 -40.75 24.22
C GLY F 68 11.08 -40.31 23.82
N LYS F 69 11.40 -39.04 24.07
CA LYS F 69 12.63 -38.44 23.56
C LYS F 69 13.85 -38.87 24.36
N LEU F 70 14.15 -40.18 24.31
CA LEU F 70 15.31 -40.75 24.98
C LEU F 70 15.86 -41.85 24.09
N ILE F 71 16.82 -42.62 24.64
CA ILE F 71 17.44 -43.70 23.86
C ILE F 71 16.41 -44.80 23.62
N CYS F 72 16.43 -45.37 22.42
CA CYS F 72 15.48 -46.40 22.01
C CYS F 72 16.17 -47.45 21.18
N CYS F 73 15.63 -48.68 21.22
CA CYS F 73 16.23 -49.82 20.56
C CYS F 73 15.60 -50.07 19.20
N THR F 74 16.20 -51.01 18.45
CA THR F 74 15.65 -51.49 17.19
C THR F 74 15.99 -52.97 17.05
N ASN F 75 15.43 -53.60 16.03
CA ASN F 75 15.63 -55.02 15.76
C ASN F 75 16.58 -55.28 14.58
N VAL F 76 17.18 -54.24 14.00
CA VAL F 76 17.98 -54.36 12.78
C VAL F 76 19.45 -54.46 13.21
N PRO F 77 20.22 -55.41 12.68
CA PRO F 77 21.58 -55.61 13.21
C PRO F 77 22.59 -54.63 12.64
N TRP F 78 23.79 -54.68 13.21
CA TRP F 78 24.93 -53.90 12.76
C TRP F 78 25.54 -54.53 11.51
N ASN F 79 26.47 -53.80 10.89
CA ASN F 79 27.26 -54.29 9.77
C ASN F 79 28.69 -53.80 9.92
N SER F 80 29.64 -54.70 9.68
CA SER F 80 31.06 -54.36 9.89
C SER F 80 31.56 -53.42 8.79
N SER F 81 31.02 -53.54 7.58
CA SER F 81 31.51 -52.74 6.46
C SER F 81 31.28 -51.25 6.67
N TRP F 82 30.21 -50.88 7.39
CA TRP F 82 29.90 -49.47 7.59
C TRP F 82 30.97 -48.75 8.38
N SER F 83 31.36 -49.27 9.56
CA SER F 83 32.20 -48.53 10.49
C SER F 83 33.55 -49.21 10.72
N ASN F 84 33.53 -50.49 11.10
CA ASN F 84 34.69 -51.38 11.10
C ASN F 84 35.66 -51.16 12.27
N ARG F 85 35.47 -50.11 13.07
CA ARG F 85 36.40 -49.87 14.19
C ARG F 85 35.99 -50.68 15.43
N ASN F 86 36.94 -50.76 16.37
CA ASN F 86 36.69 -51.42 17.65
C ASN F 86 35.62 -50.66 18.44
N LEU F 87 34.98 -51.37 19.38
CA LEU F 87 33.87 -50.80 20.12
C LEU F 87 34.28 -49.56 20.91
N SER F 88 35.42 -49.64 21.62
CA SER F 88 35.81 -48.55 22.52
C SER F 88 36.06 -47.24 21.78
N GLU F 89 36.70 -47.31 20.61
CA GLU F 89 36.98 -46.13 19.79
C GLU F 89 35.71 -45.31 19.56
N ILE F 90 34.72 -45.90 18.88
CA ILE F 90 33.47 -45.22 18.61
C ILE F 90 32.75 -44.87 19.91
N TRP F 91 32.74 -45.82 20.85
CA TRP F 91 31.83 -45.74 21.98
C TRP F 91 32.24 -44.69 23.00
N ASP F 92 33.54 -44.40 23.13
CA ASP F 92 34.02 -43.53 24.20
C ASP F 92 35.02 -42.47 23.72
N ASN F 93 35.70 -42.69 22.60
CA ASN F 93 36.84 -41.84 22.24
C ASN F 93 36.49 -40.74 21.25
N MET F 94 35.64 -41.01 20.27
CA MET F 94 35.31 -40.03 19.23
C MET F 94 34.10 -39.22 19.65
N THR F 95 33.89 -38.10 18.94
CA THR F 95 32.76 -37.22 19.16
C THR F 95 31.73 -37.36 18.05
N TRP F 96 30.57 -36.74 18.28
CA TRP F 96 29.44 -36.87 17.36
C TRP F 96 29.72 -36.27 15.98
N LEU F 97 30.65 -35.33 15.88
CA LEU F 97 30.88 -34.59 14.63
C LEU F 97 31.32 -35.53 13.51
N GLN F 98 32.51 -36.13 13.64
CA GLN F 98 32.99 -37.04 12.61
C GLN F 98 32.14 -38.30 12.51
N TRP F 99 31.47 -38.68 13.59
CA TRP F 99 30.55 -39.81 13.52
C TRP F 99 29.40 -39.52 12.55
N ASP F 100 28.82 -38.32 12.63
CA ASP F 100 27.80 -37.93 11.68
C ASP F 100 28.38 -37.77 10.29
N LYS F 101 29.58 -37.21 10.19
CA LYS F 101 30.18 -36.95 8.89
C LYS F 101 30.46 -38.25 8.14
N GLU F 102 30.85 -39.31 8.86
CA GLU F 102 31.21 -40.56 8.21
C GLU F 102 29.97 -41.42 7.92
N ILE F 103 29.18 -41.70 8.95
CA ILE F 103 28.09 -42.66 8.82
C ILE F 103 26.91 -42.10 8.02
N SER F 104 26.89 -40.80 7.74
CA SER F 104 25.81 -40.21 6.96
C SER F 104 25.73 -40.76 5.54
N ASN F 105 26.80 -41.38 5.03
CA ASN F 105 26.78 -42.03 3.73
C ASN F 105 25.76 -43.17 3.66
N TYR F 106 25.55 -43.88 4.77
CA TYR F 106 24.68 -45.06 4.81
C TYR F 106 23.34 -44.82 5.52
N THR F 107 22.99 -43.55 5.79
CA THR F 107 21.75 -43.27 6.50
C THR F 107 20.52 -43.67 5.68
N GLN F 108 20.64 -43.65 4.36
CA GLN F 108 19.52 -44.08 3.52
C GLN F 108 19.16 -45.53 3.79
N ILE F 109 20.18 -46.39 3.93
CA ILE F 109 19.94 -47.80 4.17
C ILE F 109 19.34 -48.02 5.55
N ILE F 110 19.86 -47.30 6.55
CA ILE F 110 19.33 -47.42 7.91
C ILE F 110 17.86 -47.00 7.95
N TYR F 111 17.55 -45.87 7.31
CA TYR F 111 16.18 -45.38 7.30
C TYR F 111 15.26 -46.36 6.58
N GLY F 112 15.68 -46.87 5.43
CA GLY F 112 14.84 -47.80 4.69
C GLY F 112 14.59 -49.09 5.43
N LEU F 113 15.64 -49.64 6.06
CA LEU F 113 15.47 -50.89 6.79
C LEU F 113 14.62 -50.69 8.03
N LEU F 114 14.85 -49.61 8.78
CA LEU F 114 14.03 -49.35 9.95
C LEU F 114 12.59 -49.00 9.58
N GLU F 115 12.37 -48.52 8.36
CA GLU F 115 11.03 -48.22 7.88
C GLU F 115 10.28 -49.50 7.53
N GLU F 116 10.87 -50.31 6.63
CA GLU F 116 10.16 -51.48 6.12
C GLU F 116 10.11 -52.60 7.15
N SER F 117 11.14 -52.72 7.99
CA SER F 117 11.19 -53.82 8.96
C SER F 117 10.14 -53.68 10.05
N GLN F 118 9.58 -52.49 10.26
CA GLN F 118 8.55 -52.32 11.28
C GLN F 118 7.29 -53.11 10.93
N ASN F 119 7.06 -53.37 9.64
CA ASN F 119 5.93 -54.22 9.25
C ASN F 119 6.10 -55.63 9.80
N GLN F 120 7.33 -56.10 9.90
CA GLN F 120 7.63 -57.41 10.46
C GLN F 120 7.51 -57.40 11.98
N GLN F 121 7.48 -56.20 12.59
CA GLN F 121 7.35 -56.05 14.03
C GLN F 121 5.94 -55.71 14.49
N GLU F 122 4.99 -55.49 13.58
CA GLU F 122 3.59 -55.24 13.91
C GLU F 122 2.64 -56.09 13.06
N LYS F 123 3.13 -57.20 12.49
CA LYS F 123 2.38 -57.96 11.49
C LYS F 123 1.07 -58.52 12.03
N ASN F 124 1.14 -59.38 13.06
CA ASN F 124 -0.01 -60.16 13.50
C ASN F 124 -0.29 -59.95 14.98
N GLU F 125 -0.24 -58.70 15.43
CA GLU F 125 -0.48 -58.41 16.85
C GLU F 125 -1.93 -58.65 17.26
N GLN F 126 -2.88 -58.87 16.34
CA GLN F 126 -4.27 -59.09 16.75
C GLN F 126 -4.42 -60.46 17.42
N ASP F 127 -3.76 -61.49 16.87
CA ASP F 127 -3.90 -62.83 17.42
C ASP F 127 -2.86 -63.10 18.50
N LEU F 128 -1.72 -62.41 18.45
CA LEU F 128 -0.71 -62.54 19.48
C LEU F 128 -1.12 -61.90 20.80
N LEU F 129 -2.19 -61.11 20.82
CA LEU F 129 -2.68 -60.46 22.03
C LEU F 129 -4.12 -60.80 22.37
N ALA F 130 -4.84 -61.50 21.49
CA ALA F 130 -6.27 -61.74 21.71
C ALA F 130 -6.52 -62.64 22.92
N LEU F 131 -5.76 -63.72 23.06
CA LEU F 131 -6.04 -64.74 24.07
C LEU F 131 -5.36 -64.48 25.40
N ASP F 132 -4.59 -63.40 25.53
CA ASP F 132 -3.92 -63.11 26.79
C ASP F 132 -4.91 -62.57 27.81
N GLN G 1 52.76 49.19 19.47
CA GLN G 1 51.32 49.12 19.84
C GLN G 1 50.49 49.74 18.72
N VAL G 2 49.23 49.33 18.62
CA VAL G 2 48.34 49.71 17.52
C VAL G 2 48.14 51.22 17.51
N GLN G 3 48.13 51.80 16.32
CA GLN G 3 47.82 53.22 16.09
C GLN G 3 46.50 53.32 15.36
N LEU G 4 45.53 54.02 15.98
CA LEU G 4 44.16 54.10 15.49
C LEU G 4 43.72 55.55 15.46
N VAL G 5 43.01 55.93 14.40
CA VAL G 5 42.61 57.32 14.15
C VAL G 5 41.19 57.32 13.61
N GLN G 6 40.43 58.36 13.98
CA GLN G 6 39.08 58.58 13.49
C GLN G 6 38.99 59.92 12.77
N SER G 7 37.90 60.12 12.05
CA SER G 7 37.61 61.43 11.49
C SER G 7 37.14 62.39 12.57
N GLY G 8 37.24 63.69 12.30
CA GLY G 8 36.93 64.71 13.26
C GLY G 8 35.44 64.93 13.44
N ALA G 9 35.11 66.06 14.07
CA ALA G 9 33.72 66.38 14.37
C ALA G 9 32.93 66.63 13.09
N GLU G 10 31.61 66.69 13.24
CA GLU G 10 30.71 66.91 12.12
C GLU G 10 29.46 67.62 12.63
N VAL G 11 28.84 68.39 11.74
CA VAL G 11 27.70 69.25 12.09
C VAL G 11 26.56 68.99 11.11
N LYS G 12 25.36 68.80 11.65
CA LYS G 12 24.15 68.61 10.85
C LYS G 12 22.96 69.15 11.64
N ASN G 13 21.80 69.11 11.01
CA ASN G 13 20.54 69.27 11.72
C ASN G 13 20.10 67.91 12.28
N PRO G 14 19.21 67.89 13.28
CA PRO G 14 18.68 66.61 13.75
C PRO G 14 17.87 65.91 12.67
N GLY G 15 17.95 64.58 12.67
CA GLY G 15 17.32 63.77 11.64
C GLY G 15 18.14 63.60 10.37
N ALA G 16 19.34 64.19 10.32
CA ALA G 16 20.22 64.06 9.16
C ALA G 16 20.98 62.74 9.21
N SER G 17 22.04 62.62 8.40
CA SER G 17 22.92 61.47 8.43
C SER G 17 24.34 61.91 8.81
N VAL G 18 25.14 60.95 9.26
CA VAL G 18 26.53 61.16 9.63
C VAL G 18 27.36 60.03 9.02
N LYS G 19 28.64 60.30 8.80
CA LYS G 19 29.58 59.29 8.32
C LYS G 19 30.81 59.30 9.23
N VAL G 20 31.33 58.10 9.51
CA VAL G 20 32.52 57.91 10.34
C VAL G 20 33.50 57.02 9.58
N SER G 21 34.79 57.31 9.73
CA SER G 21 35.86 56.58 9.06
C SER G 21 36.91 56.16 10.07
N CYS G 22 37.61 55.07 9.76
CA CYS G 22 38.61 54.51 10.66
C CYS G 22 39.61 53.70 9.85
N ALA G 23 40.86 53.69 10.30
CA ALA G 23 41.93 52.95 9.64
C ALA G 23 43.01 52.58 10.66
N PRO G 24 43.30 51.29 10.89
CA PRO G 24 44.28 50.93 11.91
C PRO G 24 45.70 50.81 11.36
N SER G 25 46.63 50.60 12.28
CA SER G 25 48.01 50.28 11.94
C SER G 25 48.61 49.50 13.10
N GLY G 26 49.72 48.81 12.82
CA GLY G 26 50.34 47.90 13.77
C GLY G 26 49.97 46.44 13.57
N TYR G 27 48.88 46.16 12.85
CA TYR G 27 48.56 44.81 12.42
C TYR G 27 48.03 44.90 10.99
N THR G 28 48.15 43.80 10.26
CA THR G 28 47.63 43.71 8.90
C THR G 28 46.11 43.82 8.96
N PHE G 29 45.55 44.63 8.05
CA PHE G 29 44.16 45.06 8.17
C PHE G 29 43.17 43.89 8.11
N THR G 30 43.55 42.78 7.50
CA THR G 30 42.62 41.69 7.23
C THR G 30 42.46 40.69 8.41
N ASP G 31 42.98 40.94 9.61
CA ASP G 31 43.04 39.93 10.65
C ASP G 31 42.15 40.21 11.87
N PHE G 32 41.45 41.34 11.91
CA PHE G 32 40.68 41.71 13.10
C PHE G 32 39.34 42.31 12.70
N TYR G 33 38.35 42.12 13.57
CA TYR G 33 37.05 42.74 13.41
C TYR G 33 37.09 44.20 13.85
N ILE G 34 36.11 44.98 13.41
CA ILE G 34 35.97 46.38 13.76
C ILE G 34 34.55 46.62 14.25
N HIS G 35 34.42 47.38 15.33
CA HIS G 35 33.14 47.69 15.95
C HIS G 35 33.02 49.20 16.10
N TRP G 36 31.82 49.64 16.50
CA TRP G 36 31.56 51.04 16.84
C TRP G 36 30.68 51.10 18.08
N VAL G 37 30.82 52.17 18.85
CA VAL G 37 30.08 52.37 20.09
C VAL G 37 29.81 53.86 20.26
N ARG G 38 28.71 54.19 20.93
CA ARG G 38 28.29 55.56 21.21
C ARG G 38 28.38 55.79 22.71
N LEU G 39 29.04 56.88 23.11
CA LEU G 39 29.31 57.19 24.51
C LEU G 39 28.53 58.43 24.91
N ALA G 40 27.48 58.23 25.70
CA ALA G 40 26.59 59.30 26.11
C ALA G 40 27.22 60.11 27.25
N PRO G 41 26.53 61.14 27.74
CA PRO G 41 27.00 61.84 28.96
C PRO G 41 26.84 61.06 30.26
N GLY G 42 26.59 59.76 30.24
CA GLY G 42 26.42 58.99 31.46
C GLY G 42 25.40 57.87 31.34
N GLN G 43 24.53 57.96 30.33
CA GLN G 43 23.64 56.84 30.03
C GLN G 43 24.45 55.70 29.41
N GLY G 44 23.89 54.50 29.46
CA GLY G 44 24.56 53.31 28.95
C GLY G 44 24.93 53.42 27.49
N LEU G 45 26.16 53.01 27.15
CA LEU G 45 26.65 53.13 25.79
C LEU G 45 25.83 52.23 24.86
N GLU G 46 25.64 52.68 23.62
CA GLU G 46 24.94 51.92 22.60
C GLU G 46 25.97 51.31 21.66
N TRP G 47 25.93 49.99 21.53
CA TRP G 47 26.75 49.30 20.53
C TRP G 47 25.94 49.17 19.25
N LEU G 48 26.54 49.58 18.14
CA LEU G 48 25.79 49.78 16.90
C LEU G 48 25.94 48.63 15.90
N GLY G 49 27.16 48.22 15.58
CA GLY G 49 27.35 47.10 14.69
C GLY G 49 28.79 46.66 14.66
N TRP G 50 29.02 45.51 14.03
CA TRP G 50 30.35 44.95 13.84
C TRP G 50 30.65 44.86 12.34
N MET G 51 31.93 44.94 12.01
CA MET G 51 32.40 45.04 10.63
C MET G 51 33.48 44.00 10.38
N ASN G 52 33.44 43.41 9.18
CA ASN G 52 34.41 42.40 8.75
C ASN G 52 35.25 42.97 7.62
N PRO G 53 36.57 43.11 7.75
CA PRO G 53 37.35 43.63 6.59
C PRO G 53 37.34 42.70 5.39
N LYS G 54 37.06 41.41 5.58
CA LYS G 54 37.11 40.45 4.48
C LYS G 54 35.82 40.41 3.67
N THR G 55 34.66 40.41 4.33
CA THR G 55 33.39 40.14 3.68
C THR G 55 32.45 41.33 3.84
N GLY G 56 31.38 41.32 3.05
CA GLY G 56 30.36 42.35 3.12
C GLY G 56 29.22 42.00 4.06
N ARG G 57 29.44 41.01 4.93
CA ARG G 57 28.44 40.57 5.90
C ARG G 57 28.62 41.33 7.20
N THR G 58 27.54 41.99 7.63
CA THR G 58 27.55 42.76 8.88
C THR G 58 26.18 42.67 9.53
N ASN G 59 26.15 42.91 10.84
CA ASN G 59 24.93 42.95 11.61
C ASN G 59 24.97 44.16 12.54
N GLN G 60 23.78 44.62 12.93
CA GLN G 60 23.63 45.82 13.75
C GLN G 60 22.69 45.54 14.91
N GLY G 61 22.72 46.41 15.91
CA GLY G 61 21.92 46.22 17.10
C GLY G 61 20.44 46.32 16.81
N GLN G 62 19.65 45.88 17.78
CA GLN G 62 18.19 45.85 17.61
C GLN G 62 17.56 47.23 17.51
N ASN G 63 18.28 48.29 17.91
CA ASN G 63 17.81 49.65 17.70
C ASN G 63 18.01 50.13 16.28
N PHE G 64 19.03 49.63 15.58
CA PHE G 64 19.62 50.32 14.45
C PHE G 64 19.37 49.67 13.09
N GLN G 65 18.61 48.57 13.03
CA GLN G 65 18.32 47.95 11.73
C GLN G 65 17.53 48.91 10.85
N GLY G 66 17.97 49.05 9.61
CA GLY G 66 17.34 49.96 8.68
C GLY G 66 17.83 51.39 8.80
N ARG G 67 18.60 51.69 9.84
CA ARG G 67 19.09 53.05 10.10
C ARG G 67 20.58 53.19 9.80
N VAL G 68 21.37 52.17 10.12
CA VAL G 68 22.82 52.24 9.93
C VAL G 68 23.22 51.68 8.57
N THR G 69 24.41 52.04 8.11
CA THR G 69 24.95 51.55 6.84
C THR G 69 26.46 51.53 6.98
N MET G 70 27.10 50.57 6.28
CA MET G 70 28.52 50.37 6.46
C MET G 70 29.13 49.79 5.18
N THR G 71 30.35 50.24 4.88
CA THR G 71 31.12 49.75 3.75
C THR G 71 32.59 49.76 4.16
N ARG G 72 33.41 49.03 3.41
CA ARG G 72 34.84 48.96 3.69
C ARG G 72 35.58 48.64 2.39
N ASP G 73 36.88 48.92 2.41
CA ASP G 73 37.78 48.62 1.30
C ASP G 73 39.06 47.98 1.83
N THR G 74 39.70 47.17 1.00
CA THR G 74 40.85 46.36 1.43
C THR G 74 42.18 46.99 1.04
N SER G 75 42.32 47.45 -0.21
CA SER G 75 43.59 47.97 -0.70
C SER G 75 44.10 49.17 0.07
N ILE G 76 43.23 50.16 0.34
CA ILE G 76 43.63 51.30 1.16
C ILE G 76 43.55 50.97 2.64
N GLY G 77 42.69 50.02 3.03
CA GLY G 77 42.59 49.61 4.42
C GLY G 77 41.84 50.60 5.27
N THR G 78 40.56 50.82 4.95
CA THR G 78 39.72 51.77 5.65
C THR G 78 38.37 51.13 5.95
N ALA G 79 37.80 51.50 7.10
CA ALA G 79 36.45 51.10 7.48
C ALA G 79 35.55 52.33 7.51
N TYR G 80 34.33 52.17 7.01
CA TYR G 80 33.36 53.26 6.90
C TYR G 80 32.07 52.84 7.58
N MET G 81 31.28 53.82 8.01
CA MET G 81 29.96 53.62 8.57
C MET G 81 29.12 54.86 8.33
N GLU G 82 27.81 54.67 8.20
CA GLU G 82 26.87 55.76 7.99
C GLU G 82 25.58 55.45 8.73
N LEU G 83 25.16 56.39 9.58
CA LEU G 83 23.89 56.34 10.28
C LEU G 83 22.98 57.43 9.73
N ARG G 84 21.69 57.11 9.62
CA ARG G 84 20.67 58.04 9.15
C ARG G 84 19.67 58.30 10.27
N SER G 85 18.93 59.40 10.13
CA SER G 85 17.93 59.80 11.12
C SER G 85 18.57 60.04 12.48
N LEU G 86 19.50 61.00 12.56
CA LEU G 86 20.13 61.34 13.83
C LEU G 86 19.11 61.96 14.78
N THR G 87 19.52 62.18 16.03
CA THR G 87 18.65 62.75 17.05
C THR G 87 19.46 63.74 17.87
N SER G 88 18.77 64.49 18.71
CA SER G 88 19.48 65.32 19.68
C SER G 88 20.25 64.48 20.68
N ASP G 89 19.83 63.22 20.88
CA ASP G 89 20.51 62.34 21.83
C ASP G 89 21.91 61.97 21.35
N ASP G 90 22.07 61.73 20.04
CA ASP G 90 23.32 61.16 19.55
C ASP G 90 24.35 62.24 19.21
N THR G 91 24.26 63.40 19.88
CA THR G 91 25.42 64.27 20.03
C THR G 91 26.52 63.58 20.84
N ALA G 92 26.16 62.51 21.57
CA ALA G 92 27.12 61.58 22.13
C ALA G 92 28.22 61.23 21.13
N VAL G 93 29.42 61.03 21.64
CA VAL G 93 30.59 60.79 20.79
C VAL G 93 30.61 59.34 20.33
N TYR G 94 30.98 59.14 19.07
CA TYR G 94 31.15 57.82 18.48
C TYR G 94 32.63 57.44 18.53
N TYR G 95 32.90 56.18 18.86
CA TYR G 95 34.27 55.67 18.99
C TYR G 95 34.47 54.47 18.06
N CYS G 96 35.45 54.58 17.17
CA CYS G 96 35.97 53.41 16.48
C CYS G 96 36.76 52.57 17.45
N VAL G 97 36.79 51.25 17.22
CA VAL G 97 37.41 50.34 18.16
C VAL G 97 37.69 49.02 17.45
N THR G 98 38.76 48.35 17.86
CA THR G 98 39.22 47.12 17.23
C THR G 98 38.66 45.92 17.98
N GLY G 99 38.20 44.93 17.22
CA GLY G 99 37.54 43.76 17.78
C GLY G 99 38.48 42.59 17.98
N ALA G 100 37.88 41.39 18.05
CA ALA G 100 38.62 40.17 18.31
C ALA G 100 39.23 39.62 17.02
N TRP G 101 40.04 38.58 17.17
CA TRP G 101 40.70 37.96 16.04
C TRP G 101 39.70 37.19 15.17
N ILE G 102 40.00 37.14 13.87
CA ILE G 102 39.13 36.52 12.88
C ILE G 102 39.56 35.07 12.69
N SER G 103 38.57 34.19 12.66
CA SER G 103 38.78 32.77 12.41
C SER G 103 37.78 32.27 11.38
N ASP G 104 38.25 31.35 10.53
CA ASP G 104 37.41 30.76 9.49
C ASP G 104 36.68 29.52 9.98
N TYR G 105 37.29 28.80 10.93
CA TYR G 105 36.80 27.49 11.31
C TYR G 105 35.94 27.54 12.56
N TYR G 106 36.01 28.63 13.35
CA TYR G 106 35.04 28.87 14.42
C TYR G 106 34.69 30.36 14.43
N ASP G 107 33.50 30.66 14.91
CA ASP G 107 32.99 32.03 14.91
C ASP G 107 33.49 32.80 16.13
N SER G 108 33.92 34.05 15.90
CA SER G 108 34.38 34.93 16.96
C SER G 108 33.89 36.38 16.80
N SER G 109 32.91 36.62 15.93
CA SER G 109 32.46 37.99 15.70
C SER G 109 31.77 38.57 16.93
N TYR G 110 31.01 37.75 17.66
CA TYR G 110 30.19 38.23 18.76
C TYR G 110 30.98 38.34 20.08
N TYR G 111 32.28 38.15 20.06
CA TYR G 111 33.08 38.29 21.27
C TYR G 111 33.14 39.76 21.69
N PRO G 112 32.74 40.13 22.93
CA PRO G 112 32.73 41.56 23.29
C PRO G 112 34.05 42.03 23.86
N ASN G 113 35.14 41.84 23.12
CA ASN G 113 36.49 42.15 23.57
C ASN G 113 37.06 43.27 22.72
N PHE G 114 37.42 44.38 23.37
CA PHE G 114 37.94 45.58 22.71
C PHE G 114 39.30 45.89 23.34
N ASP G 115 40.38 45.78 22.55
CA ASP G 115 41.73 45.99 23.06
C ASP G 115 42.32 47.34 22.65
N HIS G 116 41.91 47.89 21.52
CA HIS G 116 42.42 49.16 21.00
C HIS G 116 41.27 50.09 20.68
N TRP G 117 41.38 51.34 21.11
CA TRP G 117 40.30 52.32 21.03
C TRP G 117 40.79 53.57 20.32
N GLY G 118 39.85 54.27 19.65
CA GLY G 118 40.17 55.53 19.03
C GLY G 118 40.00 56.70 20.00
N GLN G 119 40.10 57.91 19.45
CA GLN G 119 40.03 59.15 20.22
C GLN G 119 38.69 59.87 20.08
N GLY G 120 37.68 59.23 19.49
CA GLY G 120 36.33 59.79 19.48
C GLY G 120 35.97 60.60 18.26
N THR G 121 34.70 60.52 17.86
CA THR G 121 34.12 61.33 16.78
C THR G 121 32.86 61.98 17.32
N LEU G 122 32.83 63.32 17.29
CA LEU G 122 31.77 64.10 17.93
C LEU G 122 30.91 64.75 16.83
N VAL G 123 29.78 64.11 16.52
CA VAL G 123 28.79 64.71 15.64
C VAL G 123 27.94 65.69 16.43
N THR G 124 27.61 66.82 15.81
CA THR G 124 26.87 67.90 16.46
C THR G 124 25.56 68.12 15.73
N VAL G 125 24.46 68.19 16.49
CA VAL G 125 23.14 68.49 15.96
C VAL G 125 22.37 69.23 17.04
N SER G 126 21.67 70.29 16.63
CA SER G 126 20.87 71.08 17.57
C SER G 126 19.82 71.84 16.78
N SER G 127 18.80 72.30 17.49
CA SER G 127 17.71 73.05 16.88
C SER G 127 18.21 74.41 16.39
N LEU H 1 17.21 49.51 23.75
CA LEU H 1 17.88 48.19 23.97
C LEU H 1 17.73 47.79 25.43
N PRO H 2 17.84 46.49 25.74
CA PRO H 2 17.72 46.07 27.15
C PRO H 2 18.99 46.38 27.94
N VAL H 3 19.10 47.63 28.39
CA VAL H 3 20.27 48.04 29.16
C VAL H 3 20.33 47.28 30.47
N LEU H 4 21.51 46.77 30.81
CA LEU H 4 21.67 46.00 32.03
C LEU H 4 21.59 46.90 33.25
N THR H 5 21.30 46.28 34.40
CA THR H 5 21.33 47.00 35.66
C THR H 5 22.77 47.35 36.03
N GLN H 6 22.93 48.39 36.83
CA GLN H 6 24.24 48.76 37.37
C GLN H 6 24.01 49.73 38.54
N PRO H 7 24.64 49.52 39.69
CA PRO H 7 24.55 50.55 40.74
C PRO H 7 25.25 51.83 40.28
N ALA H 8 24.47 52.91 40.20
CA ALA H 8 24.90 54.08 39.45
C ALA H 8 26.11 54.78 40.08
N SER H 9 26.04 55.09 41.39
CA SER H 9 27.04 55.96 41.99
C SER H 9 27.44 55.56 43.42
N VAL H 10 27.31 54.31 43.82
CA VAL H 10 27.75 53.89 45.15
C VAL H 10 29.25 54.08 45.26
N SER H 11 29.73 54.42 46.45
CA SER H 11 31.14 54.71 46.65
C SER H 11 31.44 54.80 48.14
N GLY H 12 32.71 55.05 48.45
CA GLY H 12 33.17 55.25 49.81
C GLY H 12 34.45 56.04 49.87
N SER H 13 35.09 56.07 51.04
CA SER H 13 36.38 56.72 51.21
C SER H 13 37.48 55.80 50.66
N PRO H 14 38.74 56.23 50.66
CA PRO H 14 39.82 55.30 50.32
C PRO H 14 39.82 54.09 51.25
N GLY H 15 40.10 52.92 50.68
CA GLY H 15 40.07 51.68 51.42
C GLY H 15 38.71 51.05 51.57
N GLN H 16 37.66 51.59 50.94
CA GLN H 16 36.31 51.10 51.03
C GLN H 16 35.97 50.29 49.77
N SER H 17 34.70 49.89 49.66
CA SER H 17 34.29 48.85 48.73
C SER H 17 32.94 49.19 48.12
N ILE H 18 32.68 48.59 46.94
CA ILE H 18 31.36 48.60 46.32
C ILE H 18 31.10 47.21 45.74
N THR H 19 29.84 46.96 45.40
CA THR H 19 29.41 45.73 44.76
C THR H 19 28.59 46.06 43.52
N ILE H 20 28.69 45.20 42.51
CA ILE H 20 28.12 45.45 41.19
C ILE H 20 27.32 44.22 40.77
N SER H 21 26.20 44.47 40.07
CA SER H 21 25.40 43.42 39.46
C SER H 21 24.89 43.92 38.13
N CYS H 22 25.14 43.15 37.07
CA CYS H 22 24.77 43.50 35.70
C CYS H 22 23.73 42.50 35.20
N THR H 23 22.46 42.79 35.49
CA THR H 23 21.37 41.87 35.21
C THR H 23 20.73 42.21 33.87
N GLY H 24 20.58 41.19 33.02
CA GLY H 24 19.89 41.32 31.75
C GLY H 24 18.61 40.50 31.73
N THR H 25 18.64 39.39 31.00
CA THR H 25 17.52 38.44 30.97
C THR H 25 18.10 37.04 31.07
N ILE H 26 17.23 36.03 30.95
CA ILE H 26 17.69 34.65 31.00
C ILE H 26 18.37 34.21 29.70
N TYR H 27 18.33 35.04 28.66
CA TYR H 27 18.73 34.65 27.32
C TYR H 27 20.10 35.17 26.91
N ASP H 28 20.63 36.20 27.59
CA ASP H 28 21.77 36.97 27.07
C ASP H 28 23.05 36.85 27.89
N VAL H 29 23.00 37.18 29.17
CA VAL H 29 24.20 37.47 29.94
C VAL H 29 25.03 36.21 30.17
N GLY H 30 24.42 35.19 30.78
CA GLY H 30 25.15 34.02 31.22
C GLY H 30 25.30 32.91 30.21
N LYS H 31 24.92 33.14 28.96
CA LYS H 31 24.98 32.06 27.97
C LYS H 31 26.43 31.65 27.70
N PHE H 32 27.33 32.62 27.60
CA PHE H 32 28.76 32.37 27.42
C PHE H 32 29.56 33.14 28.45
N ASP H 33 30.75 32.62 28.78
CA ASP H 33 31.66 33.27 29.72
C ASP H 33 32.47 34.34 28.99
N LEU H 34 31.75 35.35 28.49
CA LEU H 34 32.33 36.44 27.69
C LEU H 34 31.72 37.75 28.20
N VAL H 35 32.40 38.37 29.17
CA VAL H 35 31.99 39.62 29.79
C VAL H 35 33.17 40.57 29.82
N SER H 36 32.91 41.83 29.48
CA SER H 36 33.94 42.87 29.44
C SER H 36 33.43 44.13 30.11
N TRP H 37 34.35 44.84 30.75
CA TRP H 37 34.09 46.14 31.37
C TRP H 37 34.96 47.18 30.68
N TYR H 38 34.51 48.44 30.71
CA TYR H 38 35.26 49.55 30.12
C TYR H 38 35.18 50.75 31.05
N GLN H 39 36.35 51.29 31.41
CA GLN H 39 36.45 52.38 32.38
C GLN H 39 36.55 53.70 31.63
N HIS H 40 35.46 54.46 31.62
CA HIS H 40 35.48 55.81 31.07
C HIS H 40 36.12 56.75 32.09
N HIS H 41 37.45 56.82 32.09
CA HIS H 41 38.15 57.75 32.97
C HIS H 41 37.80 59.17 32.57
N PRO H 42 37.57 60.09 33.52
CA PRO H 42 37.19 61.46 33.11
C PRO H 42 38.33 62.15 32.36
N GLY H 43 37.99 62.74 31.22
CA GLY H 43 38.94 63.47 30.41
C GLY H 43 39.66 62.66 29.36
N LYS H 44 39.34 61.36 29.21
CA LYS H 44 40.02 60.53 28.22
C LYS H 44 39.10 59.36 27.87
N ALA H 45 39.39 58.74 26.73
CA ALA H 45 38.51 57.70 26.19
C ALA H 45 38.51 56.47 27.09
N PRO H 46 37.53 55.57 26.93
CA PRO H 46 37.45 54.40 27.82
C PRO H 46 38.69 53.53 27.78
N LYS H 47 38.79 52.64 28.77
CA LYS H 47 39.95 51.78 29.00
C LYS H 47 39.50 50.37 29.33
N TYR H 48 40.31 49.38 28.95
CA TYR H 48 39.91 47.98 28.97
C TYR H 48 40.49 47.30 30.22
N LEU H 49 39.60 46.78 31.10
CA LEU H 49 40.08 46.18 32.34
C LEU H 49 39.33 44.94 32.85
N ILE H 50 38.42 44.34 32.07
CA ILE H 50 37.88 43.01 32.39
C ILE H 50 37.78 42.21 31.11
N TYR H 51 38.17 40.94 31.20
CA TYR H 51 38.17 40.05 30.05
C TYR H 51 37.85 38.63 30.50
N GLU H 52 37.03 37.94 29.72
CA GLU H 52 36.74 36.52 29.95
C GLU H 52 36.06 36.28 31.30
N VAL H 53 35.35 37.30 31.81
CA VAL H 53 34.64 37.27 33.09
C VAL H 53 35.60 37.35 34.28
N LYS H 54 36.68 36.55 34.28
CA LYS H 54 37.56 36.40 35.43
C LYS H 54 39.03 36.66 35.11
N LYS H 55 39.33 37.44 34.07
CA LYS H 55 40.69 37.76 33.69
C LYS H 55 40.81 39.25 33.39
N TRP H 56 41.99 39.81 33.65
CA TRP H 56 42.32 41.19 33.32
C TRP H 56 43.12 41.24 32.03
N PRO H 57 42.90 42.22 31.11
CA PRO H 57 43.65 42.21 29.84
C PRO H 57 45.16 42.36 30.02
N SER H 58 45.60 43.45 30.65
CA SER H 58 47.01 43.75 30.81
C SER H 58 47.40 43.58 32.28
N GLY H 59 48.67 43.82 32.58
CA GLY H 59 49.15 43.69 33.95
C GLY H 59 48.52 44.71 34.86
N VAL H 60 47.58 44.26 35.69
CA VAL H 60 46.88 45.10 36.67
C VAL H 60 46.48 44.19 37.82
N SER H 61 46.51 44.76 39.03
CA SER H 61 46.11 44.01 40.21
C SER H 61 44.66 43.56 40.09
N HIS H 62 44.40 42.30 40.41
CA HIS H 62 43.07 41.72 40.30
C HIS H 62 42.17 42.07 41.49
N ARG H 63 42.01 43.35 41.79
CA ARG H 63 41.19 43.75 42.93
C ARG H 63 39.71 43.51 42.64
N PHE H 64 39.27 43.85 41.42
CA PHE H 64 37.84 43.84 41.08
C PHE H 64 37.42 42.42 40.71
N SER H 65 37.24 41.59 41.74
CA SER H 65 37.06 40.15 41.58
C SER H 65 35.86 39.84 40.69
N GLY H 66 36.06 38.89 39.78
CA GLY H 66 35.04 38.46 38.85
C GLY H 66 34.31 37.22 39.31
N SER H 67 33.00 37.15 39.03
CA SER H 67 32.18 36.02 39.44
C SER H 67 31.05 35.81 38.43
N LYS H 68 30.69 34.55 38.22
CA LYS H 68 29.60 34.18 37.32
C LYS H 68 28.34 33.88 38.12
N SER H 69 27.23 34.51 37.72
CA SER H 69 25.96 34.34 38.41
C SER H 69 24.81 34.23 37.41
N GLY H 70 25.09 33.64 36.24
CA GLY H 70 24.04 33.33 35.29
C GLY H 70 23.38 34.52 34.66
N ASN H 71 22.11 34.76 35.02
CA ASN H 71 21.34 35.84 34.40
C ASN H 71 21.93 37.21 34.66
N THR H 72 22.71 37.38 35.73
CA THR H 72 23.35 38.65 36.06
C THR H 72 24.84 38.40 36.29
N ALA H 73 25.67 39.35 35.85
CA ALA H 73 27.11 39.30 36.10
C ALA H 73 27.44 40.16 37.30
N SER H 74 28.05 39.54 38.32
CA SER H 74 28.34 40.17 39.59
C SER H 74 29.85 40.22 39.80
N LEU H 75 30.33 41.34 40.33
CA LEU H 75 31.74 41.55 40.59
C LEU H 75 31.90 42.35 41.86
N THR H 76 32.93 42.01 42.65
CA THR H 76 33.18 42.62 43.95
C THR H 76 34.44 43.47 43.87
N ILE H 77 34.38 44.66 44.46
CA ILE H 77 35.49 45.62 44.47
C ILE H 77 35.88 45.86 45.91
N SER H 78 37.19 46.04 46.15
CA SER H 78 37.69 46.38 47.47
C SER H 78 39.10 46.95 47.33
N GLY H 79 39.57 47.58 48.41
CA GLY H 79 40.91 48.13 48.43
C GLY H 79 41.12 49.31 47.50
N LEU H 80 40.20 50.26 47.50
CA LEU H 80 40.27 51.41 46.59
C LEU H 80 41.03 52.57 47.24
N GLN H 81 41.36 53.55 46.39
CA GLN H 81 41.93 54.82 46.81
C GLN H 81 41.21 55.94 46.06
N VAL H 82 41.54 57.19 46.43
CA VAL H 82 40.84 58.33 45.85
C VAL H 82 41.13 58.45 44.36
N GLU H 83 42.29 57.99 43.90
CA GLU H 83 42.62 58.08 42.49
C GLU H 83 41.88 57.07 41.62
N ASP H 84 41.10 56.16 42.21
CA ASP H 84 40.31 55.21 41.43
C ASP H 84 39.03 55.79 40.88
N GLU H 85 38.79 57.09 41.03
CA GLU H 85 37.57 57.73 40.52
C GLU H 85 37.46 57.58 39.02
N ALA H 86 36.45 56.84 38.56
CA ALA H 86 36.21 56.66 37.13
C ALA H 86 34.84 56.01 36.96
N ASP H 87 34.35 56.05 35.72
CA ASP H 87 33.06 55.46 35.37
C ASP H 87 33.29 54.12 34.68
N TYR H 88 32.72 53.07 35.26
CA TYR H 88 32.97 51.69 34.85
C TYR H 88 31.71 51.14 34.19
N TYR H 89 31.82 50.77 32.92
CA TYR H 89 30.73 50.08 32.22
C TYR H 89 30.91 48.58 32.31
N CYS H 90 29.83 47.84 32.04
CA CYS H 90 29.87 46.40 31.90
C CYS H 90 29.11 46.00 30.63
N CYS H 91 29.67 45.04 29.89
CA CYS H 91 29.12 44.63 28.61
C CYS H 91 29.08 43.11 28.55
N SER H 92 28.15 42.58 27.77
CA SER H 92 27.94 41.15 27.69
C SER H 92 27.37 40.77 26.34
N PHE H 93 27.51 39.50 25.99
CA PHE H 93 26.94 38.96 24.76
C PHE H 93 25.42 38.94 24.85
N GLY H 94 24.76 39.33 23.76
CA GLY H 94 23.32 39.58 23.77
C GLY H 94 22.54 38.89 22.68
N GLY H 95 22.89 37.65 22.36
CA GLY H 95 22.12 36.89 21.40
C GLY H 95 22.31 37.40 19.97
N SER H 96 21.45 36.89 19.08
CA SER H 96 21.56 37.11 17.64
C SER H 96 21.49 38.58 17.25
N ALA H 97 22.57 39.19 16.75
CA ALA H 97 23.99 38.84 16.82
C ALA H 97 24.67 40.13 17.26
N ALA H 98 24.75 40.34 18.57
CA ALA H 98 25.02 41.66 19.11
C ALA H 98 25.44 41.53 20.56
N VAL H 99 25.73 42.68 21.16
CA VAL H 99 26.08 42.79 22.57
C VAL H 99 25.25 43.90 23.19
N VAL H 100 25.10 43.83 24.52
CA VAL H 100 24.41 44.88 25.29
C VAL H 100 25.24 45.18 26.53
N CYS H 101 25.03 46.38 27.08
CA CYS H 101 25.80 46.88 28.20
C CYS H 101 24.88 47.55 29.20
N GLY H 102 25.47 47.99 30.32
CA GLY H 102 24.73 48.62 31.39
C GLY H 102 24.82 50.13 31.35
N GLY H 103 24.30 50.75 32.40
CA GLY H 103 24.29 52.20 32.53
C GLY H 103 25.57 52.81 33.06
N GLY H 104 26.54 51.99 33.49
CA GLY H 104 27.80 52.50 33.99
C GLY H 104 27.76 52.86 35.46
N THR H 105 28.70 52.31 36.23
CA THR H 105 28.82 52.62 37.66
C THR H 105 30.05 53.51 37.85
N LYS H 106 29.83 54.68 38.47
CA LYS H 106 30.94 55.57 38.79
C LYS H 106 31.39 55.33 40.23
N VAL H 107 32.70 55.22 40.41
CA VAL H 107 33.29 55.19 41.75
C VAL H 107 33.45 56.64 42.20
N THR H 108 32.42 57.17 42.83
CA THR H 108 32.47 58.53 43.36
C THR H 108 33.20 58.52 44.70
N VAL H 109 34.48 58.14 44.68
CA VAL H 109 35.24 57.94 45.90
C VAL H 109 35.33 59.26 46.66
N LEU H 110 35.09 59.19 47.96
CA LEU H 110 34.93 60.38 48.79
C LEU H 110 36.25 60.76 49.45
N GLY H 111 36.21 61.84 50.22
CA GLY H 111 37.38 62.32 50.92
C GLY H 111 38.48 62.79 49.97
N GLU I 2 -18.36 -65.89 17.09
CA GLU I 2 -17.46 -65.36 18.17
C GLU I 2 -17.49 -63.83 18.18
N ASN I 3 -17.34 -63.25 19.37
CA ASN I 3 -17.29 -61.81 19.50
C ASN I 3 -15.97 -61.28 18.95
N LEU I 4 -16.01 -60.01 18.52
CA LEU I 4 -14.83 -59.34 18.01
C LEU I 4 -14.95 -57.86 18.39
N TRP I 5 -13.81 -57.17 18.41
CA TRP I 5 -13.66 -55.91 19.14
C TRP I 5 -13.15 -54.83 18.21
N VAL I 6 -13.48 -53.58 18.53
CA VAL I 6 -13.20 -52.46 17.64
C VAL I 6 -11.70 -52.24 17.54
N THR I 7 -11.26 -51.66 16.43
CA THR I 7 -9.84 -51.41 16.16
C THR I 7 -9.73 -50.17 15.28
N VAL I 8 -8.76 -49.31 15.61
CA VAL I 8 -8.56 -48.04 14.90
C VAL I 8 -7.35 -48.19 13.98
N TYR I 9 -7.53 -47.79 12.72
CA TYR I 9 -6.48 -47.80 11.71
C TYR I 9 -5.91 -46.39 11.52
N TYR I 10 -4.82 -46.30 10.78
CA TYR I 10 -4.25 -45.02 10.38
C TYR I 10 -3.53 -45.18 9.05
N GLY I 11 -3.32 -44.05 8.38
CA GLY I 11 -2.79 -44.09 7.03
C GLY I 11 -3.73 -44.72 6.02
N VAL I 12 -5.02 -44.69 6.30
CA VAL I 12 -6.01 -45.40 5.47
C VAL I 12 -6.20 -44.65 4.16
N PRO I 13 -6.41 -45.33 3.01
CA PRO I 13 -6.82 -44.61 1.80
C PRO I 13 -8.31 -44.30 1.79
N VAL I 14 -8.70 -43.23 2.48
CA VAL I 14 -10.07 -42.71 2.48
C VAL I 14 -9.98 -41.22 2.15
N TRP I 15 -10.79 -40.78 1.19
CA TRP I 15 -10.71 -39.41 0.69
C TRP I 15 -12.10 -38.90 0.33
N LYS I 16 -12.23 -37.57 0.40
CA LYS I 16 -13.38 -36.86 -0.14
C LYS I 16 -12.86 -35.76 -1.06
N GLU I 17 -13.57 -35.54 -2.17
CA GLU I 17 -13.26 -34.40 -3.03
C GLU I 17 -13.39 -33.11 -2.22
N ALA I 18 -12.36 -32.26 -2.30
CA ALA I 18 -12.17 -31.21 -1.31
C ALA I 18 -11.84 -29.87 -1.95
N LYS I 19 -12.65 -28.87 -1.62
CA LYS I 19 -12.29 -27.47 -1.80
C LYS I 19 -11.07 -27.15 -0.94
N THR I 20 -10.11 -26.41 -1.50
CA THR I 20 -8.89 -26.14 -0.77
C THR I 20 -8.01 -25.15 -1.53
N THR I 21 -7.19 -24.43 -0.77
CA THR I 21 -6.14 -23.58 -1.34
C THR I 21 -5.00 -24.49 -1.83
N LEU I 22 -4.11 -23.93 -2.68
CA LEU I 22 -3.20 -24.74 -3.48
C LEU I 22 -1.80 -24.13 -3.51
N PHE I 23 -0.87 -24.84 -4.17
CA PHE I 23 0.51 -24.40 -4.50
C PHE I 23 0.68 -24.18 -6.00
N CYS I 24 1.91 -23.82 -6.41
CA CYS I 24 2.30 -23.76 -7.82
C CYS I 24 3.67 -24.36 -8.06
N ALA I 25 3.88 -24.78 -9.31
CA ALA I 25 5.16 -25.17 -9.88
C ALA I 25 5.20 -24.69 -11.32
N SER I 26 6.40 -24.49 -11.89
CA SER I 26 6.56 -23.92 -13.24
C SER I 26 7.78 -24.52 -13.93
N ASP I 27 7.90 -24.30 -15.25
CA ASP I 27 9.14 -24.68 -15.91
C ASP I 27 10.31 -23.97 -15.25
N ALA I 28 11.48 -24.62 -15.30
CA ALA I 28 12.71 -24.02 -14.83
C ALA I 28 12.96 -22.68 -15.49
N ARG I 29 12.56 -22.54 -16.75
CA ARG I 29 12.65 -21.24 -17.41
C ARG I 29 11.69 -20.29 -16.72
N ALA I 30 12.15 -19.73 -15.62
CA ALA I 30 11.58 -18.48 -15.12
C ALA I 30 12.67 -17.55 -14.59
N TYR I 31 13.82 -18.11 -14.18
CA TYR I 31 14.72 -17.47 -13.22
C TYR I 31 15.92 -16.77 -13.87
N GLU I 32 15.93 -16.63 -15.20
CA GLU I 32 17.04 -15.97 -15.90
C GLU I 32 16.83 -14.46 -16.00
N LYS I 33 15.59 -13.98 -15.90
CA LYS I 33 15.23 -12.59 -16.15
C LYS I 33 14.86 -11.91 -14.83
N GLU I 34 14.40 -10.65 -14.94
CA GLU I 34 14.10 -9.80 -13.80
C GLU I 34 12.70 -10.13 -13.23
N VAL I 35 12.21 -9.25 -12.33
CA VAL I 35 10.90 -9.39 -11.68
C VAL I 35 9.77 -9.06 -12.63
N HIS I 36 8.61 -9.67 -12.39
CA HIS I 36 7.40 -9.52 -13.20
C HIS I 36 7.62 -9.81 -14.68
N ASN I 37 8.65 -10.59 -15.01
CA ASN I 37 8.85 -11.15 -16.34
C ASN I 37 9.51 -12.54 -16.21
N VAL I 38 8.72 -13.63 -16.09
CA VAL I 38 7.29 -13.87 -15.89
C VAL I 38 7.14 -14.10 -14.37
N TRP I 39 5.91 -14.05 -13.86
CA TRP I 39 5.67 -14.11 -12.41
C TRP I 39 6.08 -15.47 -11.82
N ALA I 40 6.19 -16.51 -12.66
CA ALA I 40 6.73 -17.79 -12.20
C ALA I 40 8.17 -17.68 -11.75
N THR I 41 8.89 -16.64 -12.16
CA THR I 41 10.27 -16.48 -11.72
C THR I 41 10.37 -16.33 -10.21
N HIS I 42 9.30 -15.82 -9.59
CA HIS I 42 9.17 -15.84 -8.13
C HIS I 42 8.20 -16.90 -7.66
N ALA I 43 7.05 -17.03 -8.33
CA ALA I 43 5.88 -17.64 -7.70
C ALA I 43 6.13 -19.06 -7.22
N CYS I 44 7.07 -19.77 -7.82
CA CYS I 44 7.16 -21.22 -7.69
C CYS I 44 8.57 -21.69 -7.37
N VAL I 45 8.68 -22.92 -6.87
CA VAL I 45 9.91 -23.72 -6.95
C VAL I 45 9.80 -24.65 -8.14
N PRO I 46 10.92 -24.98 -8.78
CA PRO I 46 10.84 -25.97 -9.86
C PRO I 46 10.24 -27.28 -9.36
N THR I 47 9.29 -27.80 -10.12
CA THR I 47 8.64 -29.03 -9.76
C THR I 47 9.59 -30.19 -9.93
N ASP I 48 9.17 -31.35 -9.45
CA ASP I 48 9.81 -32.65 -9.66
C ASP I 48 8.70 -33.69 -9.50
N PRO I 49 8.36 -34.48 -10.53
CA PRO I 49 7.13 -35.28 -10.44
C PRO I 49 7.05 -36.29 -9.30
N SER I 50 8.07 -36.45 -8.46
CA SER I 50 8.02 -37.45 -7.39
C SER I 50 6.93 -37.12 -6.37
N PRO I 51 6.12 -38.10 -5.90
CA PRO I 51 6.06 -39.53 -6.26
C PRO I 51 5.55 -39.67 -7.69
N GLN I 52 6.13 -40.58 -8.46
CA GLN I 52 5.93 -40.58 -9.91
C GLN I 52 4.46 -40.82 -10.24
N GLU I 53 4.06 -40.39 -11.44
CA GLU I 53 2.68 -40.57 -11.85
C GLU I 53 2.34 -42.05 -11.85
N LEU I 54 1.22 -42.37 -11.20
CA LEU I 54 0.87 -43.73 -10.83
C LEU I 54 -0.46 -44.08 -11.48
N VAL I 55 -0.52 -45.27 -12.07
CA VAL I 55 -1.80 -45.88 -12.41
C VAL I 55 -2.33 -46.58 -11.17
N LEU I 56 -3.55 -46.24 -10.77
CA LEU I 56 -4.12 -46.77 -9.54
C LEU I 56 -4.59 -48.22 -9.77
N GLY I 57 -4.94 -48.87 -8.67
CA GLY I 57 -5.49 -50.22 -8.73
C GLY I 57 -6.90 -50.24 -9.26
N ASN I 58 -7.72 -51.18 -8.77
CA ASN I 58 -9.09 -51.30 -9.24
C ASN I 58 -9.99 -50.27 -8.57
N VAL I 59 -9.72 -48.98 -8.84
CA VAL I 59 -10.47 -47.89 -8.22
C VAL I 59 -11.54 -47.38 -9.18
N THR I 60 -12.56 -46.74 -8.60
CA THR I 60 -13.61 -46.09 -9.38
C THR I 60 -14.08 -44.87 -8.60
N GLU I 61 -14.25 -43.76 -9.29
CA GLU I 61 -14.60 -42.49 -8.66
C GLU I 61 -15.38 -41.63 -9.63
N ASN I 62 -16.41 -40.96 -9.13
CA ASN I 62 -17.20 -40.04 -9.94
C ASN I 62 -16.45 -38.73 -10.15
N PHE I 63 -16.71 -38.09 -11.28
CA PHE I 63 -16.00 -36.89 -11.71
C PHE I 63 -16.99 -35.83 -12.17
N ASN I 64 -16.53 -34.58 -12.15
CA ASN I 64 -17.26 -33.47 -12.73
C ASN I 64 -16.25 -32.45 -13.24
N MET I 65 -16.69 -31.63 -14.19
CA MET I 65 -15.82 -30.68 -14.87
C MET I 65 -16.20 -29.24 -14.56
N TRP I 66 -17.49 -28.90 -14.68
CA TRP I 66 -17.96 -27.54 -14.52
C TRP I 66 -18.42 -27.22 -13.12
N LYS I 67 -18.67 -28.25 -12.29
CA LYS I 67 -18.79 -28.07 -10.85
C LYS I 67 -17.46 -28.22 -10.14
N ASN I 68 -16.42 -27.54 -10.64
CA ASN I 68 -15.08 -27.58 -10.06
C ASN I 68 -14.77 -26.19 -9.53
N ASP I 69 -14.49 -26.10 -8.24
CA ASP I 69 -14.07 -24.83 -7.67
C ASP I 69 -12.62 -24.48 -8.00
N MET I 70 -11.83 -25.42 -8.54
CA MET I 70 -10.42 -25.17 -8.78
C MET I 70 -10.23 -24.01 -9.73
N VAL I 71 -11.02 -23.95 -10.82
CA VAL I 71 -10.90 -22.88 -11.80
C VAL I 71 -11.21 -21.53 -11.14
N ASP I 72 -12.25 -21.50 -10.30
CA ASP I 72 -12.63 -20.29 -9.58
C ASP I 72 -11.52 -19.79 -8.67
N GLN I 73 -10.65 -20.67 -8.19
CA GLN I 73 -9.51 -20.29 -7.37
C GLN I 73 -8.41 -19.70 -8.23
N MET I 74 -8.22 -20.27 -9.41
CA MET I 74 -7.20 -19.74 -10.28
C MET I 74 -7.64 -18.41 -10.87
N HIS I 75 -8.96 -18.16 -10.97
CA HIS I 75 -9.41 -16.81 -11.29
C HIS I 75 -8.89 -15.79 -10.27
N GLU I 76 -9.03 -16.11 -8.98
CA GLU I 76 -8.59 -15.20 -7.94
C GLU I 76 -7.07 -15.03 -7.98
N ASP I 77 -6.33 -16.12 -8.20
CA ASP I 77 -4.88 -16.04 -8.38
C ASP I 77 -4.52 -15.07 -9.51
N ILE I 78 -5.07 -15.32 -10.70
CA ILE I 78 -4.68 -14.63 -11.93
C ILE I 78 -5.00 -13.12 -11.80
N ILE I 79 -6.19 -12.82 -11.30
CA ILE I 79 -6.60 -11.42 -11.14
C ILE I 79 -5.70 -10.72 -10.14
N SER I 80 -5.51 -11.33 -8.94
CA SER I 80 -4.83 -10.62 -7.86
C SER I 80 -3.35 -10.43 -8.16
N LEU I 81 -2.72 -11.39 -8.86
CA LEU I 81 -1.35 -11.16 -9.28
C LEU I 81 -1.27 -10.08 -10.35
N TRP I 82 -2.21 -10.08 -11.29
CA TRP I 82 -2.23 -9.06 -12.36
C TRP I 82 -2.39 -7.66 -11.80
N ASP I 83 -3.26 -7.49 -10.81
CA ASP I 83 -3.42 -6.20 -10.15
C ASP I 83 -2.11 -5.77 -9.49
N GLN I 84 -1.37 -6.74 -8.92
CA GLN I 84 -0.04 -6.44 -8.37
C GLN I 84 0.90 -5.92 -9.47
N SER I 85 0.65 -6.32 -10.73
CA SER I 85 1.54 -5.99 -11.85
C SER I 85 1.36 -4.59 -12.41
N LEU I 86 0.25 -3.92 -12.11
CA LEU I 86 0.08 -2.52 -12.44
C LEU I 86 0.21 -1.65 -11.21
N LYS I 87 0.71 -2.21 -10.10
CA LYS I 87 1.12 -1.37 -8.99
C LYS I 87 2.38 -0.56 -9.29
N PRO I 88 3.48 -1.15 -9.85
CA PRO I 88 4.70 -0.34 -10.07
C PRO I 88 4.72 0.56 -11.30
N CYS I 89 3.90 0.30 -12.32
CA CYS I 89 3.94 1.13 -13.52
C CYS I 89 3.23 2.47 -13.31
N VAL I 90 3.69 3.45 -14.10
CA VAL I 90 3.07 4.76 -14.14
C VAL I 90 1.60 4.63 -14.51
N LYS I 91 0.82 5.66 -14.20
CA LYS I 91 -0.64 5.62 -14.28
C LYS I 91 -1.21 6.59 -15.31
N LEU I 92 -0.37 7.18 -16.15
CA LEU I 92 -0.78 8.28 -17.03
C LEU I 92 -1.46 9.37 -16.21
N THR I 93 -2.45 10.09 -16.79
CA THR I 93 -3.23 11.24 -16.28
C THR I 93 -2.80 12.56 -16.92
N PRO I 94 -1.52 12.83 -17.22
CA PRO I 94 -1.19 14.06 -17.96
C PRO I 94 -1.74 14.09 -19.37
N LEU I 95 -1.93 12.92 -20.01
CA LEU I 95 -2.34 12.82 -21.41
C LEU I 95 -3.81 13.12 -21.64
N CYS I 96 -4.58 13.40 -20.60
CA CYS I 96 -5.96 13.81 -20.76
C CYS I 96 -5.99 15.27 -21.23
N VAL I 97 -5.66 15.46 -22.52
CA VAL I 97 -5.43 16.78 -23.13
C VAL I 97 -6.10 16.86 -24.49
N THR I 98 -6.11 18.08 -25.06
CA THR I 98 -6.74 18.34 -26.36
C THR I 98 -5.81 17.98 -27.50
N LEU I 99 -5.98 16.78 -28.07
CA LEU I 99 -5.12 16.33 -29.15
C LEU I 99 -5.58 16.99 -30.45
N ILE I 100 -4.71 17.80 -31.05
CA ILE I 100 -5.04 18.48 -32.30
C ILE I 100 -4.44 17.70 -33.47
N CYS I 101 -5.31 17.19 -34.33
CA CYS I 101 -4.99 16.14 -35.28
C CYS I 101 -4.90 16.80 -36.65
N SER I 102 -5.09 16.01 -37.71
CA SER I 102 -5.23 16.55 -39.06
C SER I 102 -5.79 15.44 -39.95
N ASN I 103 -5.54 15.55 -41.26
CA ASN I 103 -5.94 14.55 -42.26
C ASN I 103 -4.73 14.06 -43.05
N ALA I 104 -4.59 12.73 -43.14
CA ALA I 104 -3.63 12.07 -44.01
C ALA I 104 -4.21 10.80 -44.63
N THR I 105 -5.48 10.85 -45.06
CA THR I 105 -6.19 9.66 -45.48
C THR I 105 -6.11 9.47 -46.99
N VAL I 106 -6.04 8.20 -47.40
CA VAL I 106 -6.06 7.76 -48.79
C VAL I 106 -7.50 7.32 -49.06
N LYS I 107 -8.33 8.25 -49.57
CA LYS I 107 -9.78 8.02 -49.59
C LYS I 107 -10.16 6.78 -50.39
N ASN I 108 -9.49 6.53 -51.51
CA ASN I 108 -9.70 5.33 -52.30
C ASN I 108 -8.86 4.14 -51.83
N GLY I 109 -8.56 4.06 -50.53
CA GLY I 109 -7.84 2.94 -49.96
C GLY I 109 -8.72 1.99 -49.19
N THR I 110 -8.06 1.00 -48.58
CA THR I 110 -8.74 -0.10 -47.91
C THR I 110 -8.05 -0.50 -46.60
N VAL I 111 -7.12 0.33 -46.11
CA VAL I 111 -6.20 0.00 -45.02
C VAL I 111 -6.59 0.86 -43.83
N GLU I 112 -6.45 0.29 -42.63
CA GLU I 112 -6.89 0.98 -41.41
C GLU I 112 -5.73 1.68 -40.71
N GLU I 113 -5.28 2.82 -41.25
CA GLU I 113 -4.06 3.44 -40.76
C GLU I 113 -4.34 4.38 -39.59
N MET I 114 -3.27 4.66 -38.86
CA MET I 114 -3.33 5.35 -37.57
C MET I 114 -3.40 6.86 -37.75
N LYS I 115 -3.75 7.56 -36.67
CA LYS I 115 -4.08 8.98 -36.72
C LYS I 115 -3.03 9.79 -35.96
N ASN I 116 -2.44 10.76 -36.64
CA ASN I 116 -1.36 11.59 -36.11
C ASN I 116 -1.96 12.81 -35.44
N CYS I 117 -1.50 13.11 -34.23
CA CYS I 117 -2.06 14.19 -33.45
C CYS I 117 -0.96 14.81 -32.61
N SER I 118 -1.28 15.95 -31.98
CA SER I 118 -0.34 16.74 -31.21
C SER I 118 -1.04 17.24 -29.95
N PHE I 119 -0.26 17.67 -28.96
CA PHE I 119 -0.84 17.97 -27.65
C PHE I 119 0.19 18.71 -26.79
N ASN I 120 -0.23 19.06 -25.57
CA ASN I 120 0.56 19.86 -24.64
C ASN I 120 0.92 19.02 -23.41
N THR I 121 2.21 19.05 -23.01
CA THR I 121 2.77 18.14 -22.02
C THR I 121 3.68 18.85 -21.02
N THR I 122 3.65 18.38 -19.78
CA THR I 122 4.57 18.86 -18.77
C THR I 122 5.97 18.29 -19.01
N THR I 123 6.96 18.88 -18.34
CA THR I 123 8.36 18.43 -18.44
C THR I 123 8.99 18.52 -17.05
N GLU I 124 10.29 18.19 -16.96
CA GLU I 124 10.94 17.97 -15.67
C GLU I 124 11.10 19.27 -14.88
N ILE I 125 10.70 20.41 -15.45
CA ILE I 125 10.30 21.60 -14.70
C ILE I 125 8.79 21.78 -14.97
N ARG I 126 7.99 21.84 -13.90
CA ARG I 126 6.54 21.66 -14.09
C ARG I 126 5.87 22.87 -14.70
N ASP I 127 6.58 23.99 -14.82
CA ASP I 127 6.07 25.17 -15.53
C ASP I 127 7.02 25.63 -16.66
N LYS I 128 7.49 24.64 -17.44
CA LYS I 128 8.21 24.77 -18.71
C LYS I 128 7.53 23.96 -19.81
N GLU I 129 6.22 24.14 -20.01
CA GLU I 129 5.46 23.33 -20.97
C GLU I 129 5.95 23.52 -22.40
N LYS I 130 5.90 22.42 -23.17
CA LYS I 130 6.00 22.46 -24.62
C LYS I 130 5.21 21.29 -25.20
N LYS I 131 4.73 21.47 -26.43
CA LYS I 131 3.89 20.50 -27.09
C LYS I 131 4.68 19.24 -27.46
N GLU I 132 3.95 18.25 -27.98
CA GLU I 132 4.54 16.95 -28.31
C GLU I 132 3.67 16.27 -29.36
N TYR I 133 4.27 15.34 -30.11
CA TYR I 133 3.56 14.56 -31.13
C TYR I 133 3.90 13.08 -30.98
N ALA I 134 2.94 12.24 -31.36
CA ALA I 134 3.13 10.79 -31.46
C ALA I 134 1.85 10.20 -32.01
N LEU I 135 1.95 9.09 -32.74
CA LEU I 135 0.80 8.51 -33.42
C LEU I 135 0.08 7.51 -32.53
N PHE I 136 -1.15 7.16 -32.91
CA PHE I 136 -2.04 6.35 -32.09
C PHE I 136 -2.95 5.51 -33.00
N TYR I 137 -3.21 4.26 -32.62
CA TYR I 137 -4.20 3.46 -33.34
C TYR I 137 -5.61 4.03 -33.17
N LYS I 138 -6.38 4.08 -34.26
CA LYS I 138 -7.65 4.81 -34.26
C LYS I 138 -8.73 4.28 -33.32
N PRO I 139 -8.87 2.97 -33.07
CA PRO I 139 -9.85 2.52 -32.06
C PRO I 139 -9.44 2.83 -30.61
N ASP I 140 -8.34 3.54 -30.36
CA ASP I 140 -7.94 3.99 -29.01
C ASP I 140 -8.11 5.48 -28.78
N ILE I 141 -8.84 6.20 -29.64
CA ILE I 141 -9.15 7.62 -29.45
C ILE I 141 -10.60 7.90 -29.88
N VAL I 142 -11.30 8.66 -29.04
CA VAL I 142 -12.73 8.94 -29.16
C VAL I 142 -12.90 10.46 -29.33
N PRO I 143 -13.87 10.95 -30.11
CA PRO I 143 -14.00 12.42 -30.27
C PRO I 143 -14.68 13.11 -29.10
N LEU I 144 -14.29 14.38 -28.91
CA LEU I 144 -14.66 15.13 -27.70
C LEU I 144 -16.12 15.52 -27.72
N SER I 145 -16.64 15.88 -28.88
CA SER I 145 -17.94 16.51 -29.00
C SER I 145 -18.58 16.09 -30.30
N GLU I 146 -19.92 16.18 -30.34
CA GLU I 146 -20.67 16.02 -31.58
C GLU I 146 -20.78 17.33 -32.36
N THR I 147 -20.19 18.43 -31.87
CA THR I 147 -20.26 19.74 -32.50
C THR I 147 -19.31 19.83 -33.69
N ASN I 148 -19.23 21.04 -34.28
CA ASN I 148 -18.30 21.31 -35.38
C ASN I 148 -16.84 21.26 -34.96
N ASN I 149 -16.55 21.17 -33.66
CA ASN I 149 -15.18 21.18 -33.16
C ASN I 149 -14.63 19.75 -33.15
N THR I 150 -14.70 19.11 -34.33
CA THR I 150 -14.39 17.69 -34.51
C THR I 150 -12.90 17.37 -34.52
N SER I 151 -12.06 18.25 -35.07
CA SER I 151 -10.64 17.94 -35.27
C SER I 151 -9.97 17.55 -33.97
N GLU I 152 -10.43 18.12 -32.87
CA GLU I 152 -10.02 17.73 -31.53
C GLU I 152 -10.67 16.41 -31.11
N TYR I 153 -10.02 15.77 -30.15
CA TYR I 153 -10.14 14.36 -29.79
C TYR I 153 -9.50 14.17 -28.42
N ARG I 154 -9.55 12.95 -27.91
CA ARG I 154 -9.03 12.62 -26.60
C ARG I 154 -8.99 11.10 -26.47
N LEU I 155 -8.09 10.59 -25.62
CA LEU I 155 -8.05 9.16 -25.32
C LEU I 155 -9.41 8.66 -24.88
N ILE I 156 -9.67 7.37 -25.14
CA ILE I 156 -10.95 6.78 -24.75
C ILE I 156 -11.15 6.88 -23.25
N ASN I 157 -10.08 6.76 -22.50
CA ASN I 157 -10.16 6.84 -21.05
C ASN I 157 -9.97 8.30 -20.66
N CYS I 158 -9.85 8.57 -19.34
CA CYS I 158 -10.03 9.87 -18.70
C CYS I 158 -11.51 10.22 -18.52
N ASN I 159 -12.41 9.42 -19.10
CA ASN I 159 -13.84 9.51 -18.79
C ASN I 159 -14.31 8.32 -17.97
N THR I 160 -13.63 7.17 -18.05
CA THR I 160 -14.09 5.95 -17.40
C THR I 160 -13.27 5.61 -16.16
N SER I 161 -11.94 5.65 -16.26
CA SER I 161 -11.10 5.27 -15.12
C SER I 161 -9.71 5.87 -15.31
N ALA I 162 -8.80 5.49 -14.41
CA ALA I 162 -7.37 5.72 -14.59
C ALA I 162 -6.68 4.39 -14.94
N CYS I 163 -5.99 4.38 -16.08
CA CYS I 163 -5.39 3.21 -16.70
C CYS I 163 -3.98 3.01 -16.15
N THR I 164 -3.04 2.60 -17.02
CA THR I 164 -1.63 2.44 -16.70
C THR I 164 -0.89 1.95 -17.93
N GLN I 165 0.40 2.31 -18.04
CA GLN I 165 1.32 1.87 -19.10
C GLN I 165 1.98 0.54 -18.77
N ALA I 166 2.09 -0.33 -19.78
CA ALA I 166 2.70 -1.63 -19.60
C ALA I 166 4.22 -1.52 -19.70
N CYS I 167 4.90 -1.81 -18.60
CA CYS I 167 6.33 -1.59 -18.44
C CYS I 167 7.15 -2.58 -19.28
N PRO I 168 8.14 -2.13 -20.07
CA PRO I 168 8.77 -3.05 -21.04
C PRO I 168 9.64 -4.17 -20.43
N LYS I 169 9.85 -4.22 -19.11
CA LYS I 169 10.44 -5.42 -18.53
C LYS I 169 9.51 -6.60 -18.74
N VAL I 170 8.19 -6.38 -18.56
CA VAL I 170 7.22 -7.47 -18.44
C VAL I 170 6.79 -7.99 -19.81
N THR I 171 6.47 -9.29 -19.85
CA THR I 171 5.93 -9.95 -21.03
C THR I 171 4.53 -10.48 -20.72
N PHE I 172 3.77 -10.72 -21.79
CA PHE I 172 2.46 -11.35 -21.73
C PHE I 172 2.43 -12.71 -22.43
N GLU I 173 3.52 -13.13 -23.07
CA GLU I 173 3.60 -14.51 -23.55
C GLU I 173 3.58 -15.46 -22.35
N PRO I 174 2.70 -16.49 -22.35
CA PRO I 174 2.50 -17.29 -21.13
C PRO I 174 3.51 -18.41 -20.93
N ILE I 175 4.33 -18.29 -19.88
CA ILE I 175 5.22 -19.36 -19.40
C ILE I 175 4.38 -20.42 -18.68
N PRO I 176 4.61 -21.72 -18.89
CA PRO I 176 3.70 -22.73 -18.30
C PRO I 176 3.68 -22.70 -16.78
N ILE I 177 2.45 -22.76 -16.23
CA ILE I 177 2.18 -22.78 -14.80
C ILE I 177 1.57 -24.14 -14.44
N HIS I 178 2.11 -24.79 -13.41
CA HIS I 178 1.47 -25.96 -12.82
C HIS I 178 0.54 -25.45 -11.75
N TYR I 179 -0.31 -26.33 -11.22
CA TYR I 179 -1.03 -26.03 -9.99
C TYR I 179 -1.03 -27.24 -9.07
N CYS I 180 -0.57 -27.06 -7.83
CA CYS I 180 -0.08 -28.17 -7.04
C CYS I 180 -0.77 -28.16 -5.69
N ALA I 181 -0.99 -29.33 -5.15
CA ALA I 181 -1.76 -29.58 -3.94
C ALA I 181 -1.00 -29.07 -2.73
N PRO I 182 -1.68 -28.79 -1.61
CA PRO I 182 -0.96 -28.65 -0.34
C PRO I 182 -1.10 -29.93 0.47
N ALA I 183 -0.19 -30.10 1.42
CA ALA I 183 -0.10 -31.36 2.17
C ALA I 183 -1.40 -31.64 2.92
N GLY I 184 -1.77 -32.92 2.96
CA GLY I 184 -3.05 -33.36 3.49
C GLY I 184 -4.10 -33.65 2.44
N TYR I 185 -3.95 -33.09 1.24
CA TYR I 185 -4.85 -33.34 0.12
C TYR I 185 -4.09 -34.12 -0.96
N ALA I 186 -4.81 -34.56 -1.99
CA ALA I 186 -4.20 -35.28 -3.08
C ALA I 186 -5.02 -35.09 -4.35
N ILE I 187 -4.32 -35.00 -5.47
CA ILE I 187 -4.96 -34.75 -6.76
C ILE I 187 -5.28 -36.11 -7.38
N LEU I 188 -6.36 -36.16 -8.16
CA LEU I 188 -6.76 -37.37 -8.87
C LEU I 188 -6.97 -37.06 -10.35
N LYS I 189 -6.59 -38.03 -11.19
CA LYS I 189 -6.67 -37.91 -12.64
C LYS I 189 -7.25 -39.20 -13.21
N CYS I 190 -7.89 -39.10 -14.37
CA CYS I 190 -8.30 -40.26 -15.14
C CYS I 190 -8.03 -40.00 -16.62
N ASN I 191 -7.86 -41.10 -17.38
CA ASN I 191 -7.34 -41.03 -18.73
C ASN I 191 -8.34 -41.50 -19.78
N ASP I 192 -9.63 -41.54 -19.45
CA ASP I 192 -10.62 -41.97 -20.42
C ASP I 192 -10.73 -40.91 -21.51
N GLU I 193 -10.61 -41.31 -22.78
CA GLU I 193 -10.65 -40.32 -23.86
C GLU I 193 -12.06 -39.78 -24.05
N THR I 194 -13.04 -40.65 -24.28
CA THR I 194 -14.39 -40.24 -24.62
C THR I 194 -15.24 -39.89 -23.40
N PHE I 195 -14.61 -39.61 -22.26
CA PHE I 195 -15.34 -39.17 -21.08
C PHE I 195 -16.13 -37.90 -21.39
N ASN I 196 -17.40 -37.89 -21.02
CA ASN I 196 -18.33 -36.84 -21.39
C ASN I 196 -18.44 -35.73 -20.34
N GLY I 197 -17.59 -35.73 -19.32
CA GLY I 197 -17.59 -34.71 -18.30
C GLY I 197 -18.38 -35.06 -17.05
N THR I 198 -19.20 -36.11 -17.10
CA THR I 198 -19.94 -36.59 -15.94
C THR I 198 -19.91 -38.11 -15.93
N GLY I 199 -20.07 -38.67 -14.73
CA GLY I 199 -19.97 -40.10 -14.53
C GLY I 199 -18.59 -40.51 -14.10
N PRO I 200 -18.39 -41.80 -13.80
CA PRO I 200 -17.10 -42.26 -13.27
C PRO I 200 -16.11 -42.63 -14.35
N CYS I 201 -14.83 -42.42 -14.07
CA CYS I 201 -13.75 -42.91 -14.91
C CYS I 201 -13.35 -44.32 -14.47
N SER I 202 -12.76 -45.06 -15.41
CA SER I 202 -12.33 -46.43 -15.17
C SER I 202 -10.82 -46.60 -15.14
N ASN I 203 -10.05 -45.75 -15.83
CA ASN I 203 -8.59 -45.74 -15.76
C ASN I 203 -8.19 -44.47 -15.03
N VAL I 204 -7.75 -44.63 -13.77
CA VAL I 204 -7.57 -43.51 -12.86
C VAL I 204 -6.10 -43.45 -12.47
N SER I 205 -5.61 -42.22 -12.32
CA SER I 205 -4.20 -41.97 -12.05
C SER I 205 -4.08 -40.87 -11.00
N THR I 206 -3.07 -41.01 -10.15
CA THR I 206 -2.74 -40.00 -9.15
C THR I 206 -1.29 -39.59 -9.36
N VAL I 207 -1.07 -38.27 -9.25
CA VAL I 207 0.22 -37.67 -9.52
C VAL I 207 0.51 -36.77 -8.34
N GLN I 208 1.77 -36.38 -8.20
CA GLN I 208 2.09 -35.28 -7.29
C GLN I 208 1.34 -34.02 -7.77
N CYS I 209 1.79 -33.45 -8.90
CA CYS I 209 1.09 -32.32 -9.51
C CYS I 209 1.53 -32.11 -10.98
N THR I 210 0.76 -31.26 -11.68
CA THR I 210 0.13 -31.50 -13.00
C THR I 210 1.08 -31.53 -14.20
N HIS I 211 0.52 -31.45 -15.42
CA HIS I 211 1.31 -31.21 -16.63
C HIS I 211 1.17 -29.75 -17.06
N GLY I 212 1.84 -29.39 -18.17
CA GLY I 212 1.90 -28.02 -18.64
C GLY I 212 0.59 -27.33 -19.01
N ILE I 213 0.28 -26.22 -18.31
CA ILE I 213 -0.90 -25.39 -18.52
C ILE I 213 -0.48 -24.15 -19.30
N ARG I 214 -1.44 -23.50 -20.00
CA ARG I 214 -1.23 -22.25 -20.74
C ARG I 214 -2.31 -21.20 -20.43
N PRO I 215 -2.07 -20.26 -19.50
CA PRO I 215 -2.94 -19.07 -19.38
C PRO I 215 -2.60 -17.97 -20.39
N VAL I 216 -3.15 -18.09 -21.60
CA VAL I 216 -2.98 -17.07 -22.65
C VAL I 216 -4.25 -16.23 -22.69
N VAL I 217 -4.20 -15.10 -23.38
CA VAL I 217 -5.32 -14.16 -23.46
C VAL I 217 -5.83 -14.13 -24.90
N SER I 218 -7.04 -14.67 -25.11
CA SER I 218 -7.77 -14.56 -26.36
C SER I 218 -9.23 -14.84 -26.06
N THR I 219 -10.15 -14.41 -26.93
CA THR I 219 -11.59 -14.47 -26.64
C THR I 219 -12.20 -15.70 -27.28
N GLN I 220 -12.21 -15.82 -28.60
CA GLN I 220 -13.09 -16.78 -29.29
C GLN I 220 -12.49 -18.09 -29.49
N LEU I 221 -11.37 -18.16 -30.21
CA LEU I 221 -10.67 -19.41 -30.41
C LEU I 221 -9.81 -19.64 -29.19
N LEU I 222 -9.20 -20.82 -29.12
CA LEU I 222 -8.21 -21.12 -28.10
C LEU I 222 -6.86 -21.31 -28.76
N LEU I 223 -5.88 -20.56 -28.27
CA LEU I 223 -4.47 -20.71 -28.55
C LEU I 223 -3.84 -21.67 -27.52
N ASN I 224 -2.53 -21.54 -27.31
CA ASN I 224 -1.62 -22.58 -26.80
C ASN I 224 -2.19 -23.36 -25.61
N GLY I 225 -2.03 -24.69 -25.68
CA GLY I 225 -2.57 -25.62 -24.68
C GLY I 225 -2.15 -27.05 -24.98
N SER I 226 -2.98 -28.00 -24.50
CA SER I 226 -2.70 -29.43 -24.70
C SER I 226 -3.50 -29.97 -25.89
N LEU I 227 -3.06 -31.12 -26.40
CA LEU I 227 -3.71 -31.80 -27.52
C LEU I 227 -4.27 -33.16 -27.11
N ALA I 228 -5.50 -33.42 -27.55
CA ALA I 228 -6.17 -34.70 -27.36
C ALA I 228 -5.39 -35.82 -28.03
N GLU I 229 -5.81 -37.05 -27.75
CA GLU I 229 -5.03 -38.22 -28.12
C GLU I 229 -5.33 -38.69 -29.54
N LYS I 230 -6.59 -39.11 -29.82
CA LYS I 230 -6.88 -39.79 -31.09
C LYS I 230 -8.02 -39.14 -31.90
N GLU I 231 -8.97 -38.44 -31.27
CA GLU I 231 -10.01 -37.78 -32.05
C GLU I 231 -10.70 -36.70 -31.22
N ILE I 232 -11.52 -35.90 -31.92
CA ILE I 232 -12.20 -34.78 -31.28
C ILE I 232 -13.33 -35.29 -30.40
N VAL I 233 -13.60 -34.56 -29.31
CA VAL I 233 -14.70 -34.82 -28.40
C VAL I 233 -15.45 -33.52 -28.13
N ILE I 234 -16.69 -33.66 -27.64
CA ILE I 234 -17.56 -32.54 -27.29
C ILE I 234 -17.75 -32.53 -25.78
N ARG I 235 -17.68 -31.35 -25.18
CA ARG I 235 -17.77 -31.17 -23.74
C ARG I 235 -18.79 -30.08 -23.43
N SER I 236 -19.74 -30.37 -22.56
CA SER I 236 -20.72 -29.37 -22.12
C SER I 236 -21.55 -29.94 -20.98
N GLU I 237 -21.98 -29.05 -20.08
CA GLU I 237 -22.90 -29.47 -19.02
C GLU I 237 -24.20 -29.99 -19.59
N ASN I 238 -24.77 -29.28 -20.56
CA ASN I 238 -26.07 -29.62 -21.12
C ASN I 238 -26.13 -29.09 -22.54
N LEU I 239 -26.75 -29.89 -23.42
CA LEU I 239 -27.01 -29.50 -24.80
C LEU I 239 -28.46 -29.07 -25.03
N THR I 240 -29.34 -29.24 -24.04
CA THR I 240 -30.71 -28.76 -24.19
C THR I 240 -30.79 -27.24 -24.13
N ASN I 241 -29.94 -26.61 -23.33
CA ASN I 241 -29.91 -25.15 -23.24
C ASN I 241 -29.17 -24.61 -24.46
N ASN I 242 -29.88 -23.83 -25.28
CA ASN I 242 -29.32 -23.36 -26.53
C ASN I 242 -28.23 -22.31 -26.32
N ALA I 243 -28.39 -21.47 -25.29
CA ALA I 243 -27.49 -20.33 -25.11
C ALA I 243 -26.19 -20.69 -24.38
N LYS I 244 -26.15 -21.82 -23.68
CA LYS I 244 -24.97 -22.17 -22.91
C LYS I 244 -23.83 -22.62 -23.81
N ILE I 245 -22.60 -22.49 -23.31
CA ILE I 245 -21.43 -22.62 -24.17
C ILE I 245 -21.16 -24.10 -24.45
N ILE I 246 -20.73 -24.38 -25.67
CA ILE I 246 -20.22 -25.69 -26.06
C ILE I 246 -18.74 -25.54 -26.44
N ILE I 247 -17.90 -26.34 -25.81
CA ILE I 247 -16.45 -26.25 -25.92
C ILE I 247 -15.99 -27.30 -26.90
N VAL I 248 -15.29 -26.89 -27.96
CA VAL I 248 -14.82 -27.79 -28.99
C VAL I 248 -13.30 -27.73 -29.01
N HIS I 249 -12.67 -28.86 -29.30
CA HIS I 249 -11.23 -29.09 -29.17
C HIS I 249 -10.58 -29.20 -30.55
N LEU I 250 -9.28 -29.53 -30.55
CA LEU I 250 -8.55 -29.93 -31.74
C LEU I 250 -7.96 -31.33 -31.63
N HIS I 251 -7.87 -31.99 -32.79
CA HIS I 251 -7.05 -33.17 -33.05
C HIS I 251 -5.65 -32.63 -33.38
N THR I 252 -4.75 -33.45 -33.96
CA THR I 252 -3.49 -32.98 -34.53
C THR I 252 -3.65 -31.61 -35.20
N PRO I 253 -2.81 -30.62 -34.84
CA PRO I 253 -3.26 -29.22 -34.94
C PRO I 253 -3.29 -28.67 -36.36
N VAL I 254 -4.04 -27.57 -36.49
CA VAL I 254 -4.15 -26.76 -37.70
C VAL I 254 -3.42 -25.44 -37.46
N GLU I 255 -2.62 -25.00 -38.44
CA GLU I 255 -1.60 -23.99 -38.20
C GLU I 255 -2.12 -22.57 -38.45
N ILE I 256 -1.87 -21.69 -37.46
CA ILE I 256 -2.34 -20.30 -37.50
C ILE I 256 -1.19 -19.33 -37.21
N VAL I 257 -1.06 -18.33 -38.08
CA VAL I 257 0.04 -17.38 -38.06
C VAL I 257 -0.49 -16.02 -38.50
N CYS I 258 0.02 -14.96 -37.85
CA CYS I 258 -0.42 -13.58 -38.06
C CYS I 258 0.78 -12.67 -37.93
N THR I 259 0.70 -11.47 -38.53
CA THR I 259 1.87 -10.61 -38.52
C THR I 259 1.48 -9.14 -38.73
N ARG I 260 2.32 -8.23 -38.19
CA ARG I 260 2.14 -6.79 -38.27
C ARG I 260 3.21 -6.23 -39.23
N PRO I 261 2.93 -6.09 -40.53
CA PRO I 261 4.02 -5.88 -41.50
C PRO I 261 4.55 -4.44 -41.66
N ASN I 262 4.38 -3.54 -40.69
CA ASN I 262 4.73 -2.14 -40.94
C ASN I 262 6.21 -1.80 -40.78
N ASN I 263 6.91 -2.39 -39.82
CA ASN I 263 8.18 -1.91 -39.27
C ASN I 263 7.95 -0.62 -38.47
N ASN I 264 7.17 -0.74 -37.39
CA ASN I 264 6.91 0.40 -36.52
C ASN I 264 8.14 0.71 -35.68
N THR I 265 8.16 1.93 -35.10
CA THR I 265 9.33 2.46 -34.40
C THR I 265 8.92 3.16 -33.11
N ARG I 266 9.92 3.41 -32.25
CA ARG I 266 9.71 3.95 -30.91
C ARG I 266 10.30 5.34 -30.78
N LYS I 267 9.55 6.22 -30.10
CA LYS I 267 9.99 7.54 -29.71
C LYS I 267 9.66 7.73 -28.23
N SER I 268 10.55 8.45 -27.53
CA SER I 268 10.51 8.57 -26.09
C SER I 268 10.17 10.00 -25.69
N VAL I 269 9.20 10.15 -24.77
CA VAL I 269 8.83 11.42 -24.17
C VAL I 269 8.86 11.24 -22.66
N ARG I 270 9.52 12.17 -21.94
CA ARG I 270 9.44 12.17 -20.49
C ARG I 270 8.26 13.02 -20.05
N ILE I 271 7.43 12.47 -19.17
CA ILE I 271 6.25 13.10 -18.62
C ILE I 271 6.34 13.06 -17.11
N GLY I 272 6.19 14.21 -16.45
CA GLY I 272 6.23 14.25 -15.01
C GLY I 272 7.66 14.09 -14.51
N PRO I 273 7.84 13.56 -13.30
CA PRO I 273 9.22 13.32 -12.81
C PRO I 273 9.81 12.04 -13.39
N GLY I 274 10.85 12.20 -14.21
CA GLY I 274 11.75 11.13 -14.58
C GLY I 274 11.11 9.88 -15.15
N GLN I 275 9.82 9.88 -15.46
CA GLN I 275 9.10 8.70 -15.91
C GLN I 275 8.65 8.92 -17.34
N THR I 276 8.94 7.92 -18.17
CA THR I 276 8.99 8.07 -19.62
C THR I 276 7.70 7.55 -20.22
N PHE I 277 7.11 8.36 -21.09
CA PHE I 277 6.00 7.91 -21.91
C PHE I 277 6.51 7.52 -23.29
N TYR I 278 6.13 6.33 -23.73
CA TYR I 278 6.55 5.78 -25.02
C TYR I 278 5.39 5.89 -25.99
N ALA I 279 5.70 6.12 -27.27
CA ALA I 279 4.66 6.16 -28.28
C ALA I 279 5.29 5.98 -29.65
N THR I 280 4.45 5.57 -30.61
CA THR I 280 4.90 5.25 -31.96
C THR I 280 5.50 6.46 -32.65
N GLY I 281 6.53 6.20 -33.45
CA GLY I 281 7.04 7.18 -34.39
C GLY I 281 6.49 6.93 -35.77
N ASP I 282 6.94 7.77 -36.72
CA ASP I 282 6.49 7.67 -38.10
C ASP I 282 6.88 6.32 -38.69
N ILE I 283 5.94 5.70 -39.42
CA ILE I 283 6.18 4.37 -39.95
C ILE I 283 7.24 4.45 -41.04
N ILE I 284 8.26 3.60 -40.93
CA ILE I 284 9.32 3.57 -41.94
C ILE I 284 8.83 2.78 -43.15
N GLY I 285 8.94 3.39 -44.33
CA GLY I 285 8.50 2.74 -45.54
C GLY I 285 6.99 2.81 -45.69
N ASP I 286 6.47 1.95 -46.57
CA ASP I 286 5.07 1.98 -46.93
C ASP I 286 4.20 1.64 -45.72
N ILE I 287 2.94 2.06 -45.78
CA ILE I 287 1.94 1.71 -44.79
C ILE I 287 1.11 0.56 -45.33
N LYS I 288 0.99 -0.50 -44.52
CA LYS I 288 0.33 -1.74 -44.92
C LYS I 288 -0.63 -2.16 -43.80
N GLN I 289 -1.24 -3.33 -43.97
CA GLN I 289 -2.36 -3.79 -43.16
C GLN I 289 -1.91 -4.94 -42.27
N ALA I 290 -2.66 -5.20 -41.20
CA ALA I 290 -2.43 -6.35 -40.31
C ALA I 290 -3.49 -7.43 -40.52
N HIS I 291 -3.11 -8.70 -40.30
CA HIS I 291 -3.94 -9.83 -40.71
C HIS I 291 -3.43 -11.12 -40.09
N CYS I 292 -4.13 -12.25 -40.39
CA CYS I 292 -3.72 -13.62 -40.03
C CYS I 292 -3.64 -14.54 -41.25
N ASN I 293 -3.08 -15.75 -41.10
CA ASN I 293 -3.03 -16.73 -42.18
C ASN I 293 -3.34 -18.15 -41.72
N ILE I 294 -4.19 -18.86 -42.48
CA ILE I 294 -4.67 -20.21 -42.17
C ILE I 294 -4.82 -21.01 -43.47
N SER I 295 -4.32 -22.24 -43.49
CA SER I 295 -4.47 -23.11 -44.65
C SER I 295 -5.95 -23.49 -44.84
N GLU I 296 -6.44 -23.46 -46.09
CA GLU I 296 -7.84 -23.85 -46.31
C GLU I 296 -8.07 -25.31 -45.96
N GLU I 297 -7.16 -26.18 -46.40
CA GLU I 297 -7.39 -27.63 -46.32
C GLU I 297 -7.55 -28.08 -44.87
N LYS I 298 -6.70 -27.58 -43.98
CA LYS I 298 -6.74 -28.04 -42.58
C LYS I 298 -7.97 -27.52 -41.85
N TRP I 299 -8.32 -26.26 -42.06
CA TRP I 299 -9.57 -25.74 -41.48
C TRP I 299 -10.79 -26.51 -41.97
N ASN I 300 -10.84 -26.84 -43.27
CA ASN I 300 -12.03 -27.54 -43.75
C ASN I 300 -12.09 -28.98 -43.23
N ASP I 301 -10.93 -29.63 -43.13
CA ASP I 301 -10.88 -30.95 -42.50
C ASP I 301 -11.41 -30.90 -41.08
N THR I 302 -10.96 -29.93 -40.29
CA THR I 302 -11.42 -29.85 -38.91
C THR I 302 -12.91 -29.52 -38.86
N LEU I 303 -13.41 -28.73 -39.81
CA LEU I 303 -14.82 -28.32 -39.74
C LEU I 303 -15.77 -29.42 -40.20
N GLN I 304 -15.30 -30.36 -41.02
CA GLN I 304 -16.10 -31.53 -41.35
C GLN I 304 -15.94 -32.63 -40.29
N LYS I 305 -14.77 -32.70 -39.65
CA LYS I 305 -14.64 -33.55 -38.47
C LYS I 305 -15.56 -33.10 -37.35
N VAL I 306 -15.70 -31.77 -37.18
CA VAL I 306 -16.64 -31.24 -36.18
C VAL I 306 -18.06 -31.67 -36.52
N GLY I 307 -18.41 -31.74 -37.81
CA GLY I 307 -19.74 -32.21 -38.19
C GLY I 307 -19.98 -33.66 -37.81
N ILE I 308 -19.05 -34.54 -38.18
CA ILE I 308 -19.24 -35.95 -37.86
C ILE I 308 -19.26 -36.17 -36.36
N GLU I 309 -18.45 -35.43 -35.60
CA GLU I 309 -18.55 -35.44 -34.15
C GLU I 309 -19.85 -34.86 -33.63
N LEU I 310 -20.39 -33.80 -34.25
CA LEU I 310 -21.65 -33.25 -33.76
C LEU I 310 -22.77 -34.27 -33.88
N GLN I 311 -22.69 -35.13 -34.90
CA GLN I 311 -23.78 -36.12 -35.10
C GLN I 311 -23.81 -37.29 -34.04
N LYS I 312 -23.09 -37.27 -32.90
CA LYS I 312 -23.13 -38.38 -31.95
C LYS I 312 -24.22 -38.21 -30.89
N HIS I 313 -24.38 -37.00 -30.36
CA HIS I 313 -25.61 -36.62 -29.68
C HIS I 313 -26.68 -36.05 -30.60
N PHE I 314 -26.33 -35.66 -31.83
CA PHE I 314 -27.28 -35.06 -32.75
C PHE I 314 -27.39 -35.85 -34.06
N PRO I 315 -27.77 -37.13 -34.02
CA PRO I 315 -28.04 -37.86 -35.27
C PRO I 315 -29.31 -37.41 -35.97
N ASN I 316 -30.18 -36.65 -35.28
CA ASN I 316 -31.45 -36.22 -35.87
C ASN I 316 -31.32 -34.91 -36.66
N LYS I 317 -30.13 -34.33 -36.72
CA LYS I 317 -29.94 -32.99 -37.25
C LYS I 317 -28.67 -32.93 -38.08
N THR I 318 -28.58 -31.90 -38.93
CA THR I 318 -27.43 -31.65 -39.78
C THR I 318 -26.71 -30.40 -39.28
N ILE I 319 -25.76 -29.90 -40.07
CA ILE I 319 -24.80 -28.89 -39.63
C ILE I 319 -24.79 -27.73 -40.62
N LYS I 320 -24.78 -26.49 -40.08
CA LYS I 320 -24.07 -25.36 -40.69
C LYS I 320 -23.97 -24.25 -39.64
N TYR I 321 -22.99 -23.37 -39.85
CA TYR I 321 -22.70 -22.25 -38.96
C TYR I 321 -23.15 -20.94 -39.58
N ASN I 322 -22.80 -19.85 -38.90
CA ASN I 322 -23.14 -18.49 -39.31
C ASN I 322 -22.07 -17.58 -38.74
N GLN I 323 -22.02 -16.36 -39.23
CA GLN I 323 -21.14 -15.38 -38.63
C GLN I 323 -21.56 -15.11 -37.18
N SER I 324 -20.59 -14.75 -36.34
CA SER I 324 -20.89 -14.27 -35.00
C SER I 324 -21.64 -12.93 -35.06
N ALA I 325 -22.68 -12.82 -34.22
CA ALA I 325 -23.64 -11.74 -34.32
C ALA I 325 -23.30 -10.60 -33.36
N GLY I 326 -23.12 -9.39 -33.91
CA GLY I 326 -23.05 -8.13 -33.17
C GLY I 326 -22.02 -8.10 -32.03
N GLY I 327 -22.07 -6.99 -31.28
CA GLY I 327 -21.25 -6.83 -30.10
C GLY I 327 -20.20 -5.75 -30.26
N ASP I 328 -19.67 -5.31 -29.11
CA ASP I 328 -18.66 -4.26 -29.08
C ASP I 328 -17.39 -4.74 -29.74
N MET I 329 -16.41 -3.84 -29.83
CA MET I 329 -15.10 -4.17 -30.37
C MET I 329 -14.37 -5.21 -29.51
N GLU I 330 -14.86 -5.46 -28.27
CA GLU I 330 -14.34 -6.54 -27.41
C GLU I 330 -15.34 -7.75 -27.21
N ILE I 331 -16.31 -7.99 -28.09
CA ILE I 331 -17.23 -9.11 -28.00
C ILE I 331 -17.38 -9.85 -29.33
N THR I 332 -17.40 -9.09 -30.44
CA THR I 332 -17.63 -9.66 -31.77
C THR I 332 -16.40 -10.29 -32.40
N THR I 333 -15.21 -9.84 -32.03
CA THR I 333 -14.00 -10.12 -32.78
C THR I 333 -13.24 -11.30 -32.17
N HIS I 334 -12.36 -11.89 -32.97
CA HIS I 334 -11.35 -12.76 -32.40
C HIS I 334 -10.18 -11.87 -32.00
N SER I 335 -9.69 -12.03 -30.77
CA SER I 335 -8.50 -11.34 -30.34
C SER I 335 -7.68 -12.32 -29.51
N PHE I 336 -6.38 -12.07 -29.44
CA PHE I 336 -5.42 -12.95 -28.80
C PHE I 336 -4.22 -12.11 -28.39
N ASN I 337 -3.10 -12.77 -28.09
CA ASN I 337 -1.91 -12.00 -27.72
C ASN I 337 -0.72 -12.45 -28.57
N CYS I 338 -0.07 -11.45 -29.15
CA CYS I 338 1.09 -11.64 -30.02
C CYS I 338 2.10 -10.55 -29.72
N GLY I 339 3.04 -10.84 -28.81
CA GLY I 339 4.18 -9.98 -28.51
C GLY I 339 3.91 -8.81 -27.60
N GLY I 340 2.87 -8.87 -26.76
CA GLY I 340 2.48 -7.69 -26.03
C GLY I 340 1.91 -6.58 -26.88
N GLU I 341 1.00 -6.90 -27.80
CA GLU I 341 0.31 -5.94 -28.66
C GLU I 341 -1.02 -6.61 -29.03
N PHE I 342 -2.14 -5.94 -28.76
CA PHE I 342 -3.43 -6.62 -28.81
C PHE I 342 -4.09 -6.45 -30.17
N PHE I 343 -3.90 -7.43 -31.03
CA PHE I 343 -4.64 -7.52 -32.28
C PHE I 343 -6.12 -7.74 -31.97
N TYR I 344 -6.97 -7.14 -32.81
CA TYR I 344 -8.40 -7.42 -32.86
C TYR I 344 -8.79 -7.62 -34.32
N CYS I 345 -9.72 -8.53 -34.56
CA CYS I 345 -9.86 -9.14 -35.87
C CYS I 345 -11.32 -9.53 -36.13
N ASN I 346 -11.83 -9.17 -37.32
CA ASN I 346 -13.17 -9.57 -37.74
C ASN I 346 -13.18 -11.05 -38.12
N THR I 347 -13.82 -11.88 -37.27
CA THR I 347 -13.64 -13.34 -37.35
C THR I 347 -14.59 -14.01 -38.34
N SER I 348 -15.53 -13.27 -38.94
CA SER I 348 -16.60 -13.90 -39.71
C SER I 348 -16.09 -14.58 -40.99
N ASN I 349 -14.78 -14.45 -41.27
CA ASN I 349 -14.10 -15.09 -42.39
C ASN I 349 -13.33 -16.36 -42.01
N LEU I 350 -13.92 -17.25 -41.19
CA LEU I 350 -13.46 -18.62 -41.07
C LEU I 350 -14.60 -19.64 -40.99
N PHE I 351 -15.86 -19.24 -41.22
CA PHE I 351 -17.02 -20.12 -41.04
C PHE I 351 -18.02 -19.99 -42.18
N ASN I 352 -17.56 -19.71 -43.39
CA ASN I 352 -18.48 -19.68 -44.54
C ASN I 352 -18.96 -21.09 -44.92
N GLY I 353 -18.36 -22.13 -44.32
CA GLY I 353 -18.54 -23.49 -44.80
C GLY I 353 -19.60 -24.27 -44.05
N THR I 354 -19.86 -25.47 -44.56
CA THR I 354 -21.01 -26.26 -44.19
C THR I 354 -20.76 -27.72 -44.51
N TYR I 355 -21.78 -28.54 -44.24
CA TYR I 355 -21.68 -29.99 -44.36
C TYR I 355 -23.07 -30.57 -44.13
N ASN I 356 -23.44 -31.58 -44.91
CA ASN I 356 -24.67 -32.34 -44.70
C ASN I 356 -24.46 -33.85 -44.74
N GLY I 357 -23.23 -34.31 -44.92
CA GLY I 357 -22.95 -35.74 -44.92
C GLY I 357 -21.86 -36.17 -45.89
N THR I 358 -21.52 -35.32 -46.85
CA THR I 358 -20.55 -35.68 -47.89
C THR I 358 -19.14 -35.34 -47.40
N TYR I 359 -18.56 -36.27 -46.65
CA TYR I 359 -17.18 -36.12 -46.19
C TYR I 359 -16.21 -36.41 -47.33
N ILE I 360 -15.23 -35.53 -47.52
CA ILE I 360 -14.23 -35.65 -48.58
C ILE I 360 -12.86 -35.39 -47.97
N SER I 361 -11.90 -36.26 -48.28
CA SER I 361 -10.54 -36.06 -47.82
C SER I 361 -9.84 -35.00 -48.66
N THR I 362 -8.73 -34.49 -48.13
CA THR I 362 -8.04 -33.38 -48.78
C THR I 362 -7.43 -33.79 -50.12
N ASN I 363 -6.83 -34.97 -50.19
CA ASN I 363 -6.12 -35.40 -51.39
C ASN I 363 -7.11 -35.97 -52.41
N SER I 364 -6.82 -35.78 -53.70
CA SER I 364 -5.72 -35.04 -54.32
C SER I 364 -5.96 -33.54 -54.19
N SER I 365 -4.95 -32.85 -53.67
CA SER I 365 -5.13 -31.47 -53.21
C SER I 365 -5.32 -30.52 -54.39
N ALA I 366 -6.40 -29.73 -54.33
CA ALA I 366 -6.61 -28.68 -55.31
C ALA I 366 -5.59 -27.55 -55.15
N ASN I 367 -5.39 -27.10 -53.90
CA ASN I 367 -4.34 -26.14 -53.61
C ASN I 367 -4.06 -26.17 -52.12
N SER I 368 -2.85 -26.60 -51.75
CA SER I 368 -2.46 -26.62 -50.34
C SER I 368 -2.13 -25.23 -49.82
N THR I 369 -1.63 -24.35 -50.68
CA THR I 369 -1.33 -22.99 -50.29
C THR I 369 -2.58 -22.12 -50.15
N SER I 370 -3.74 -22.60 -50.61
CA SER I 370 -4.97 -21.82 -50.58
C SER I 370 -5.39 -21.50 -49.14
N THR I 371 -5.43 -20.21 -48.83
CA THR I 371 -5.44 -19.67 -47.47
C THR I 371 -6.61 -18.70 -47.30
N ILE I 372 -7.11 -18.57 -46.06
CA ILE I 372 -8.23 -17.69 -45.71
C ILE I 372 -7.76 -16.77 -44.56
N THR I 373 -7.79 -15.45 -44.77
CA THR I 373 -7.08 -14.46 -43.93
C THR I 373 -8.02 -13.48 -43.26
N LEU I 374 -7.64 -12.98 -42.07
CA LEU I 374 -8.52 -12.18 -41.22
C LEU I 374 -8.01 -10.75 -41.05
N GLN I 375 -8.82 -9.78 -41.50
CA GLN I 375 -8.46 -8.36 -41.47
C GLN I 375 -8.42 -7.82 -40.05
N CYS I 376 -7.23 -7.45 -39.56
CA CYS I 376 -7.05 -7.14 -38.13
C CYS I 376 -6.62 -5.70 -37.90
N ARG I 377 -7.32 -5.07 -36.95
CA ARG I 377 -6.97 -3.79 -36.38
C ARG I 377 -5.92 -4.02 -35.30
N ILE I 378 -5.51 -2.96 -34.60
CA ILE I 378 -4.55 -3.06 -33.50
C ILE I 378 -4.90 -2.01 -32.43
N LYS I 379 -4.83 -2.43 -31.17
CA LYS I 379 -5.10 -1.58 -30.02
C LYS I 379 -3.91 -1.61 -29.07
N GLN I 380 -3.75 -0.52 -28.32
CA GLN I 380 -2.77 -0.41 -27.25
C GLN I 380 -3.38 -0.11 -25.88
N ILE I 381 -4.61 0.44 -25.82
CA ILE I 381 -5.39 0.55 -24.56
C ILE I 381 -6.30 -0.66 -24.49
N ILE I 382 -6.48 -1.21 -23.29
CA ILE I 382 -7.25 -2.43 -23.11
C ILE I 382 -8.13 -2.35 -21.87
N ASN I 383 -9.39 -2.78 -22.02
CA ASN I 383 -10.34 -2.99 -20.94
C ASN I 383 -10.43 -4.45 -20.51
N MET I 384 -10.63 -5.37 -21.47
CA MET I 384 -10.59 -6.82 -21.33
C MET I 384 -11.43 -7.38 -20.16
N TRP I 385 -11.01 -7.18 -18.92
CA TRP I 385 -11.52 -7.95 -17.80
C TRP I 385 -12.22 -6.99 -16.84
N GLN I 386 -12.71 -7.53 -15.73
CA GLN I 386 -13.49 -6.82 -14.73
C GLN I 386 -12.95 -7.16 -13.35
N GLY I 387 -13.13 -6.22 -12.41
CA GLY I 387 -12.66 -6.44 -11.05
C GLY I 387 -11.18 -6.72 -10.97
N VAL I 388 -10.39 -6.05 -11.80
CA VAL I 388 -8.95 -6.25 -11.89
C VAL I 388 -8.19 -4.94 -11.90
N GLY I 389 -8.91 -3.82 -12.06
CA GLY I 389 -8.29 -2.55 -12.41
C GLY I 389 -8.11 -2.44 -13.91
N ARG I 390 -9.24 -2.38 -14.62
CA ARG I 390 -9.32 -2.83 -16.01
C ARG I 390 -8.36 -2.11 -16.95
N CYS I 391 -8.35 -0.79 -16.94
CA CYS I 391 -7.71 -0.09 -18.05
C CYS I 391 -6.19 -0.11 -17.94
N MET I 392 -5.53 -0.29 -19.10
CA MET I 392 -4.09 -0.17 -19.17
C MET I 392 -3.70 0.35 -20.55
N TYR I 393 -2.39 0.48 -20.76
CA TYR I 393 -1.78 0.91 -22.02
C TYR I 393 -0.60 0.02 -22.38
N ALA I 394 -0.49 -0.34 -23.65
CA ALA I 394 0.61 -1.17 -24.14
C ALA I 394 1.59 -0.35 -24.95
N PRO I 395 2.88 -0.27 -24.59
CA PRO I 395 3.82 0.49 -25.43
C PRO I 395 4.06 -0.23 -26.75
N PRO I 396 4.30 0.50 -27.85
CA PRO I 396 4.41 -0.17 -29.15
C PRO I 396 5.82 -0.71 -29.37
N ILE I 397 5.89 -2.01 -29.63
CA ILE I 397 7.16 -2.67 -29.93
C ILE I 397 7.58 -2.31 -31.35
N ALA I 398 8.85 -1.92 -31.51
CA ALA I 398 9.38 -1.53 -32.80
C ALA I 398 9.51 -2.73 -33.74
N GLY I 399 9.98 -2.46 -34.95
CA GLY I 399 10.18 -3.52 -35.93
C GLY I 399 8.90 -4.16 -36.40
N ASN I 400 8.96 -5.45 -36.72
CA ASN I 400 7.82 -6.24 -37.15
C ASN I 400 7.92 -7.62 -36.50
N ILE I 401 6.77 -8.30 -36.40
CA ILE I 401 6.66 -9.62 -35.76
C ILE I 401 5.86 -10.57 -36.64
N THR I 402 5.97 -11.86 -36.31
CA THR I 402 5.13 -12.93 -36.86
C THR I 402 4.72 -13.84 -35.69
N CYS I 403 3.46 -14.30 -35.66
CA CYS I 403 2.85 -14.77 -34.40
C CYS I 403 2.52 -16.25 -34.41
N ARG I 404 3.48 -17.10 -34.82
CA ARG I 404 3.20 -18.52 -35.09
C ARG I 404 2.56 -19.24 -33.91
N SER I 405 1.40 -19.85 -34.15
CA SER I 405 0.59 -20.48 -33.12
C SER I 405 -0.29 -21.57 -33.73
N ASN I 406 -0.79 -22.46 -32.86
CA ASN I 406 -1.62 -23.59 -33.29
C ASN I 406 -2.95 -23.58 -32.55
N ILE I 407 -4.01 -23.93 -33.29
CA ILE I 407 -5.37 -23.89 -32.77
C ILE I 407 -5.60 -25.11 -31.89
N THR I 408 -6.27 -24.90 -30.76
CA THR I 408 -6.36 -25.89 -29.69
C THR I 408 -7.77 -26.11 -29.18
N GLY I 409 -8.72 -25.25 -29.55
CA GLY I 409 -10.09 -25.41 -29.10
C GLY I 409 -10.95 -24.27 -29.56
N LEU I 410 -12.20 -24.57 -29.85
CA LEU I 410 -13.20 -23.64 -30.34
C LEU I 410 -14.35 -23.53 -29.36
N LEU I 411 -14.88 -22.31 -29.19
CA LEU I 411 -16.06 -22.05 -28.36
C LEU I 411 -17.15 -21.50 -29.25
N LEU I 412 -18.24 -22.26 -29.38
CA LEU I 412 -19.37 -21.91 -30.24
C LEU I 412 -20.61 -21.74 -29.40
N THR I 413 -21.68 -21.26 -30.03
CA THR I 413 -22.97 -21.12 -29.38
C THR I 413 -24.06 -21.62 -30.31
N ARG I 414 -24.96 -22.43 -29.73
CA ARG I 414 -25.98 -23.18 -30.46
C ARG I 414 -27.31 -22.45 -30.45
N ASP I 415 -27.44 -21.40 -31.25
CA ASP I 415 -28.72 -20.73 -31.39
C ASP I 415 -29.70 -21.65 -32.09
N GLY I 416 -30.91 -21.76 -31.56
CA GLY I 416 -31.81 -22.82 -31.93
C GLY I 416 -32.68 -22.50 -33.14
N GLY I 417 -33.41 -23.52 -33.56
CA GLY I 417 -34.35 -23.43 -34.66
C GLY I 417 -35.44 -24.46 -34.50
N THR I 418 -36.60 -24.22 -35.11
CA THR I 418 -37.78 -25.06 -34.88
C THR I 418 -38.60 -25.13 -36.16
N ASN I 419 -39.81 -25.65 -36.04
CA ASN I 419 -40.73 -25.84 -37.17
C ASN I 419 -40.10 -26.75 -38.23
N SER I 420 -39.73 -27.95 -37.80
CA SER I 420 -39.15 -28.99 -38.65
C SER I 420 -37.81 -28.59 -39.24
N ASN I 421 -37.13 -27.60 -38.67
CA ASN I 421 -35.82 -27.19 -39.19
C ASN I 421 -34.78 -28.23 -38.83
N GLU I 422 -34.05 -28.71 -39.84
CA GLU I 422 -33.01 -29.72 -39.66
C GLU I 422 -31.71 -29.14 -39.13
N THR I 423 -31.53 -27.81 -39.21
CA THR I 423 -30.27 -27.14 -38.92
C THR I 423 -30.44 -26.09 -37.82
N GLU I 424 -30.06 -26.45 -36.60
CA GLU I 424 -29.89 -25.46 -35.55
C GLU I 424 -28.48 -24.89 -35.61
N THR I 425 -28.40 -23.59 -35.88
CA THR I 425 -27.17 -22.95 -36.33
C THR I 425 -26.17 -22.93 -35.18
N PHE I 426 -24.99 -23.48 -35.44
CA PHE I 426 -23.87 -23.35 -34.51
C PHE I 426 -23.10 -22.08 -34.84
N ARG I 427 -23.15 -21.11 -33.95
CA ARG I 427 -22.47 -19.84 -34.17
C ARG I 427 -21.07 -19.89 -33.55
N PRO I 428 -20.09 -19.12 -34.02
CA PRO I 428 -18.91 -18.86 -33.19
C PRO I 428 -19.25 -17.79 -32.16
N ALA I 429 -19.01 -18.10 -30.89
CA ALA I 429 -19.24 -17.15 -29.81
C ALA I 429 -18.00 -17.08 -28.93
N GLY I 430 -17.91 -16.01 -28.16
CA GLY I 430 -16.78 -15.81 -27.28
C GLY I 430 -16.82 -16.74 -26.08
N GLY I 431 -16.36 -16.18 -24.99
CA GLY I 431 -16.25 -16.92 -23.75
C GLY I 431 -15.43 -16.11 -22.78
N ASP I 432 -15.74 -16.31 -21.51
CA ASP I 432 -14.90 -15.75 -20.46
C ASP I 432 -13.56 -16.46 -20.51
N MET I 433 -12.60 -15.97 -19.75
CA MET I 433 -11.36 -16.72 -19.58
C MET I 433 -11.59 -17.94 -18.68
N ARG I 434 -12.75 -18.07 -18.05
CA ARG I 434 -13.10 -19.33 -17.40
C ARG I 434 -13.19 -20.44 -18.44
N ASP I 435 -13.79 -20.15 -19.59
CA ASP I 435 -13.79 -21.11 -20.70
C ASP I 435 -12.38 -21.33 -21.21
N ASN I 436 -11.54 -20.29 -21.17
CA ASN I 436 -10.16 -20.43 -21.61
C ASN I 436 -9.44 -21.45 -20.74
N TRP I 437 -9.51 -21.28 -19.43
CA TRP I 437 -8.74 -22.15 -18.54
C TRP I 437 -9.38 -23.53 -18.41
N ARG I 438 -10.71 -23.58 -18.34
CA ARG I 438 -11.39 -24.82 -18.02
C ARG I 438 -11.22 -25.85 -19.14
N SER I 439 -10.84 -25.40 -20.34
CA SER I 439 -10.58 -26.34 -21.44
C SER I 439 -9.39 -27.25 -21.13
N GLU I 440 -8.41 -26.75 -20.38
CA GLU I 440 -7.13 -27.43 -20.18
C GLU I 440 -6.97 -28.18 -18.85
N LEU I 441 -7.71 -27.82 -17.81
CA LEU I 441 -7.41 -28.28 -16.46
C LEU I 441 -8.30 -29.42 -15.98
N TYR I 442 -9.25 -29.85 -16.83
CA TYR I 442 -10.34 -30.74 -16.43
C TYR I 442 -9.86 -32.10 -15.93
N LYS I 443 -8.62 -32.47 -16.21
CA LYS I 443 -8.11 -33.80 -15.90
C LYS I 443 -7.68 -33.96 -14.43
N TYR I 444 -8.04 -33.02 -13.54
CA TYR I 444 -7.53 -33.00 -12.17
C TYR I 444 -8.65 -32.76 -11.17
N LYS I 445 -8.58 -33.47 -10.04
CA LYS I 445 -9.48 -33.27 -8.91
C LYS I 445 -8.71 -33.52 -7.62
N VAL I 446 -8.83 -32.58 -6.67
CA VAL I 446 -8.05 -32.58 -5.43
C VAL I 446 -8.93 -33.08 -4.29
N VAL I 447 -8.44 -34.09 -3.57
CA VAL I 447 -9.23 -34.82 -2.58
C VAL I 447 -8.50 -34.80 -1.24
N LYS I 448 -9.26 -34.44 -0.19
CA LYS I 448 -8.73 -34.40 1.17
C LYS I 448 -8.76 -35.81 1.74
N ILE I 449 -7.58 -36.31 2.10
CA ILE I 449 -7.48 -37.63 2.70
C ILE I 449 -7.82 -37.53 4.18
N GLU I 450 -8.79 -38.33 4.63
CA GLU I 450 -9.13 -38.46 6.04
C GLU I 450 -8.44 -39.72 6.56
N PRO I 451 -7.22 -39.62 7.10
CA PRO I 451 -6.44 -40.85 7.34
C PRO I 451 -7.01 -41.77 8.41
N LEU I 452 -7.75 -41.26 9.38
CA LEU I 452 -8.24 -42.09 10.47
C LEU I 452 -9.34 -43.03 9.99
N GLY I 453 -9.37 -44.23 10.56
CA GLY I 453 -10.38 -45.21 10.21
C GLY I 453 -10.56 -46.22 11.33
N VAL I 454 -11.68 -46.95 11.26
CA VAL I 454 -12.06 -47.94 12.26
C VAL I 454 -12.52 -49.19 11.52
N ALA I 455 -12.17 -50.35 12.06
CA ALA I 455 -12.50 -51.63 11.42
C ALA I 455 -12.56 -52.72 12.49
N PRO I 456 -13.20 -53.85 12.19
CA PRO I 456 -13.30 -54.93 13.18
C PRO I 456 -12.20 -55.97 13.08
N THR I 457 -11.91 -56.62 14.21
CA THR I 457 -11.04 -57.78 14.30
C THR I 457 -11.08 -58.35 15.72
N ARG I 458 -10.39 -59.47 15.91
CA ARG I 458 -10.50 -60.26 17.14
C ARG I 458 -9.42 -59.93 18.16
N CYS I 459 -8.94 -58.70 18.21
CA CYS I 459 -7.95 -58.29 19.20
C CYS I 459 -8.51 -58.37 20.62
N LYS I 460 -7.66 -58.13 21.61
CA LYS I 460 -8.12 -57.73 22.93
C LYS I 460 -6.99 -57.03 23.66
N ARG I 461 -7.18 -55.74 23.91
CA ARG I 461 -6.23 -54.96 24.69
C ARG I 461 -6.21 -55.48 26.12
N ARG I 462 -5.04 -55.42 26.75
CA ARG I 462 -4.96 -55.73 28.17
C ARG I 462 -5.69 -54.64 28.95
N VAL I 463 -6.79 -55.00 29.58
CA VAL I 463 -7.66 -54.02 30.22
C VAL I 463 -6.92 -53.38 31.40
N LEU J 9 4.87 -47.42 -4.48
CA LEU J 9 3.66 -46.86 -5.07
C LEU J 9 3.26 -45.52 -4.46
N GLY J 10 4.11 -44.91 -3.64
CA GLY J 10 3.95 -43.51 -3.31
C GLY J 10 2.89 -43.18 -2.27
N PHE J 11 2.48 -41.91 -2.30
CA PHE J 11 1.58 -41.36 -1.28
C PHE J 11 0.19 -42.00 -1.32
N LEU J 12 -0.24 -42.51 -2.48
CA LEU J 12 -1.54 -43.16 -2.63
C LEU J 12 -1.40 -44.51 -3.32
N GLY J 13 -0.50 -45.36 -2.83
CA GLY J 13 -0.31 -46.65 -3.46
C GLY J 13 -1.47 -47.61 -3.28
N ALA J 14 -2.06 -47.64 -2.08
CA ALA J 14 -3.02 -48.66 -1.70
C ALA J 14 -4.47 -48.26 -1.91
N ALA J 15 -4.75 -47.25 -2.74
CA ALA J 15 -6.12 -46.85 -3.00
C ALA J 15 -6.86 -47.94 -3.78
N GLY J 16 -8.11 -48.20 -3.35
CA GLY J 16 -8.96 -49.17 -4.00
C GLY J 16 -8.65 -50.62 -3.68
N SER J 17 -7.59 -50.90 -2.91
CA SER J 17 -7.20 -52.27 -2.62
C SER J 17 -7.85 -52.73 -1.31
N THR J 18 -7.64 -54.01 -1.00
CA THR J 18 -8.32 -54.65 0.12
C THR J 18 -7.59 -54.35 1.44
N MET J 19 -8.23 -54.75 2.54
CA MET J 19 -7.57 -54.66 3.84
C MET J 19 -6.39 -55.61 3.93
N GLY J 20 -6.37 -56.67 3.12
CA GLY J 20 -5.16 -57.46 2.94
C GLY J 20 -4.04 -56.74 2.24
N ALA J 21 -4.33 -55.59 1.61
CA ALA J 21 -3.32 -54.70 1.06
C ALA J 21 -3.33 -53.32 1.71
N ALA J 22 -4.13 -53.12 2.77
CA ALA J 22 -4.21 -51.85 3.48
C ALA J 22 -4.04 -52.01 4.98
N SER J 23 -3.57 -53.19 5.43
CA SER J 23 -3.09 -53.37 6.79
C SER J 23 -1.56 -53.37 6.85
N MET J 24 -0.89 -53.00 5.75
CA MET J 24 0.55 -52.97 5.69
C MET J 24 0.96 -51.94 4.65
N THR J 25 2.20 -51.44 4.78
CA THR J 25 2.67 -50.31 3.99
C THR J 25 1.81 -49.08 4.25
N LEU J 26 1.26 -48.97 5.47
CA LEU J 26 0.44 -47.81 5.81
C LEU J 26 1.28 -46.59 6.15
N THR J 27 2.57 -46.77 6.46
CA THR J 27 3.42 -45.65 6.83
C THR J 27 3.61 -44.68 5.66
N VAL J 28 3.72 -45.22 4.44
CA VAL J 28 3.94 -44.36 3.28
C VAL J 28 2.75 -43.43 3.04
N GLN J 29 1.55 -43.85 3.44
CA GLN J 29 0.36 -43.01 3.36
C GLN J 29 0.30 -41.94 4.44
N ALA J 30 1.13 -42.07 5.48
CA ALA J 30 1.30 -41.06 6.51
C ALA J 30 2.76 -40.70 6.71
N ARG J 31 3.63 -41.01 5.74
CA ARG J 31 5.02 -40.60 5.79
C ARG J 31 5.22 -39.11 5.94
N ASN J 32 4.61 -38.31 5.07
CA ASN J 32 4.89 -36.86 4.99
C ASN J 32 3.58 -36.08 5.12
N LEU J 33 3.65 -34.92 5.79
CA LEU J 33 2.50 -34.00 5.88
C LEU J 33 2.98 -32.54 5.83
N LEU J 34 3.90 -32.28 4.92
CA LEU J 34 4.42 -30.94 4.66
C LEU J 34 4.82 -30.94 3.20
N SER J 35 4.72 -29.78 2.56
CA SER J 35 5.18 -29.76 1.19
C SER J 35 5.46 -28.34 0.74
N GLY J 36 6.19 -28.22 -0.36
CA GLY J 36 6.41 -27.00 -1.09
C GLY J 36 7.02 -25.89 -0.23
N THR J 37 6.51 -24.68 -0.44
CA THR J 37 7.18 -23.47 -0.02
C THR J 37 6.15 -22.47 0.47
N VAL J 38 6.50 -21.16 0.37
CA VAL J 38 5.77 -20.04 0.95
C VAL J 38 5.27 -19.10 -0.15
N TRP J 39 4.05 -18.58 0.02
CA TRP J 39 3.67 -17.28 -0.58
C TRP J 39 2.73 -16.60 0.41
N GLY J 40 3.32 -15.79 1.29
CA GLY J 40 2.66 -14.82 2.14
C GLY J 40 1.40 -15.35 2.78
N ILE J 41 0.47 -14.44 3.06
CA ILE J 41 -0.84 -14.86 3.53
C ILE J 41 -1.60 -15.57 2.41
N LYS J 42 -1.20 -15.35 1.14
CA LYS J 42 -1.92 -15.93 0.01
C LYS J 42 -1.81 -17.44 -0.03
N GLN J 43 -0.94 -18.03 0.79
CA GLN J 43 -0.83 -19.47 0.89
C GLN J 43 -0.51 -19.98 2.29
N LEU J 44 -0.26 -19.10 3.26
CA LEU J 44 0.19 -19.58 4.55
C LEU J 44 -0.93 -20.22 5.37
N GLN J 45 -2.19 -20.19 4.90
CA GLN J 45 -3.26 -20.80 5.67
C GLN J 45 -3.18 -22.31 5.64
N ALA J 46 -2.79 -22.89 4.50
CA ALA J 46 -2.51 -24.32 4.46
C ALA J 46 -1.14 -24.68 5.02
N ARG J 47 -0.19 -23.74 5.06
CA ARG J 47 1.15 -24.03 5.56
C ARG J 47 1.17 -24.22 7.08
N VAL J 48 0.40 -23.43 7.83
CA VAL J 48 0.26 -23.70 9.27
C VAL J 48 -0.70 -24.85 9.52
N LEU J 49 -1.50 -25.25 8.51
CA LEU J 49 -2.56 -26.24 8.71
C LEU J 49 -2.02 -27.61 9.04
N ALA J 50 -0.72 -27.86 8.81
CA ALA J 50 -0.10 -29.08 9.32
C ALA J 50 -0.07 -29.12 10.85
N VAL J 51 -0.25 -27.98 11.51
CA VAL J 51 -0.39 -27.94 12.97
C VAL J 51 -1.86 -28.08 13.34
N GLU J 52 -2.72 -27.33 12.65
CA GLU J 52 -4.14 -27.29 13.02
C GLU J 52 -4.82 -28.63 12.75
N ARG J 53 -4.35 -29.39 11.76
CA ARG J 53 -5.01 -30.64 11.36
C ARG J 53 -4.36 -31.85 12.03
N TYR J 54 -3.07 -32.06 11.77
CA TYR J 54 -2.43 -33.32 12.15
C TYR J 54 -2.34 -33.49 13.66
N LEU J 55 -2.03 -32.41 14.38
CA LEU J 55 -1.94 -32.50 15.84
C LEU J 55 -3.30 -32.80 16.46
N ARG J 56 -4.38 -32.26 15.89
CA ARG J 56 -5.71 -32.54 16.43
C ARG J 56 -6.05 -34.01 16.29
N ASP J 57 -5.82 -34.58 15.11
CA ASP J 57 -6.07 -36.01 14.91
C ASP J 57 -5.16 -36.85 15.79
N GLN J 58 -3.91 -36.45 15.94
CA GLN J 58 -3.00 -37.19 16.80
C GLN J 58 -3.44 -37.15 18.25
N GLN J 59 -3.98 -36.00 18.70
CA GLN J 59 -4.51 -35.90 20.05
C GLN J 59 -5.71 -36.82 20.22
N LEU J 60 -6.62 -36.82 19.23
CA LEU J 60 -7.79 -37.69 19.31
C LEU J 60 -7.37 -39.17 19.35
N LEU J 61 -6.34 -39.53 18.59
CA LEU J 61 -5.87 -40.92 18.60
C LEU J 61 -5.20 -41.25 19.93
N GLY J 62 -4.34 -40.36 20.43
CA GLY J 62 -3.59 -40.66 21.63
C GLY J 62 -4.43 -40.63 22.89
N ILE J 63 -5.58 -39.96 22.85
CA ILE J 63 -6.49 -40.02 23.98
C ILE J 63 -6.97 -41.45 24.21
N TRP J 64 -7.15 -42.22 23.13
CA TRP J 64 -7.61 -43.59 23.21
C TRP J 64 -6.52 -44.58 23.62
N GLY J 65 -5.34 -44.11 24.03
CA GLY J 65 -4.26 -44.97 24.47
C GLY J 65 -3.40 -45.56 23.36
N CYS J 66 -3.68 -45.23 22.10
CA CYS J 66 -2.93 -45.78 20.97
C CYS J 66 -1.81 -44.81 20.57
N SER J 67 -0.78 -44.79 21.39
CA SER J 67 0.42 -44.03 21.07
C SER J 67 1.14 -44.68 19.91
N GLY J 68 1.53 -43.88 18.92
CA GLY J 68 2.12 -44.40 17.70
C GLY J 68 1.06 -44.81 16.71
N LYS J 69 1.26 -44.42 15.44
CA LYS J 69 0.24 -44.63 14.40
C LYS J 69 0.35 -46.00 13.73
N LEU J 70 0.31 -47.07 14.52
CA LEU J 70 0.21 -48.43 14.01
C LEU J 70 -1.23 -48.92 14.13
N ILE J 71 -1.45 -50.19 13.83
CA ILE J 71 -2.75 -50.80 14.09
C ILE J 71 -2.88 -51.06 15.58
N CYS J 72 -3.89 -50.42 16.20
CA CYS J 72 -4.10 -50.47 17.63
C CYS J 72 -5.55 -50.83 17.90
N CYS J 73 -5.75 -51.84 18.75
CA CYS J 73 -7.09 -52.33 19.07
C CYS J 73 -7.48 -51.93 20.48
N THR J 74 -8.78 -51.75 20.70
CA THR J 74 -9.32 -51.36 21.99
C THR J 74 -10.49 -52.27 22.34
N ASN J 75 -11.01 -52.09 23.55
CA ASN J 75 -11.99 -53.01 24.14
C ASN J 75 -13.40 -52.40 24.14
N VAL J 76 -14.07 -52.54 22.99
CA VAL J 76 -15.49 -52.21 22.85
C VAL J 76 -16.10 -53.27 21.95
N PRO J 77 -17.24 -53.89 22.29
CA PRO J 77 -17.75 -54.97 21.46
C PRO J 77 -18.35 -54.48 20.14
N TRP J 78 -18.35 -55.38 19.17
CA TRP J 78 -19.00 -55.12 17.89
C TRP J 78 -20.50 -55.39 18.01
N ASN J 79 -21.28 -54.72 17.17
CA ASN J 79 -22.71 -54.91 17.09
C ASN J 79 -23.09 -55.25 15.66
N SER J 80 -24.16 -56.04 15.51
CA SER J 80 -24.53 -56.56 14.20
C SER J 80 -24.88 -55.47 13.20
N SER J 81 -25.42 -54.34 13.66
CA SER J 81 -25.82 -53.28 12.75
C SER J 81 -24.64 -52.69 12.00
N TRP J 82 -23.43 -52.78 12.54
CA TRP J 82 -22.27 -52.16 11.91
C TRP J 82 -21.79 -52.89 10.66
N SER J 83 -21.62 -54.22 10.72
CA SER J 83 -21.21 -54.98 9.53
C SER J 83 -22.25 -56.01 9.10
N ASN J 84 -22.61 -56.93 10.01
CA ASN J 84 -23.63 -57.97 9.81
C ASN J 84 -23.17 -59.07 8.85
N ARG J 85 -21.98 -58.95 8.25
CA ARG J 85 -21.57 -59.83 7.18
C ARG J 85 -20.38 -60.70 7.61
N ASN J 86 -20.14 -61.74 6.83
CA ASN J 86 -19.05 -62.66 7.13
C ASN J 86 -17.71 -61.95 6.93
N LEU J 87 -16.67 -62.54 7.55
CA LEU J 87 -15.38 -61.86 7.67
C LEU J 87 -14.80 -61.48 6.32
N SER J 88 -14.94 -62.36 5.32
CA SER J 88 -14.39 -62.10 4.01
C SER J 88 -14.99 -60.86 3.36
N GLU J 89 -16.32 -60.70 3.43
CA GLU J 89 -16.99 -59.58 2.78
C GLU J 89 -16.64 -58.23 3.39
N ILE J 90 -16.16 -58.20 4.63
CA ILE J 90 -15.64 -56.97 5.22
C ILE J 90 -14.16 -56.79 4.95
N TRP J 91 -13.40 -57.90 4.93
CA TRP J 91 -11.94 -57.82 4.94
C TRP J 91 -11.34 -57.80 3.53
N ASP J 92 -11.61 -58.84 2.73
CA ASP J 92 -10.95 -59.04 1.45
C ASP J 92 -11.80 -58.61 0.27
N ASN J 93 -13.04 -59.08 0.18
CA ASN J 93 -13.94 -58.66 -0.89
C ASN J 93 -14.53 -57.29 -0.56
N MET J 94 -13.65 -56.29 -0.43
CA MET J 94 -14.02 -54.99 0.10
C MET J 94 -12.79 -54.09 0.03
N THR J 95 -13.02 -52.79 0.03
CA THR J 95 -11.95 -51.82 0.23
C THR J 95 -12.50 -50.70 1.10
N TRP J 96 -11.60 -49.86 1.61
CA TRP J 96 -11.96 -48.89 2.64
C TRP J 96 -12.96 -47.86 2.14
N LEU J 97 -13.06 -47.65 0.82
CA LEU J 97 -13.93 -46.60 0.30
C LEU J 97 -15.39 -46.93 0.55
N GLN J 98 -15.83 -48.15 0.18
CA GLN J 98 -17.21 -48.53 0.45
C GLN J 98 -17.48 -48.65 1.94
N TRP J 99 -16.46 -49.03 2.72
CA TRP J 99 -16.61 -49.10 4.17
C TRP J 99 -16.90 -47.72 4.73
N ASP J 100 -16.18 -46.69 4.27
CA ASP J 100 -16.45 -45.33 4.69
C ASP J 100 -17.80 -44.84 4.20
N LYS J 101 -18.16 -45.22 2.97
CA LYS J 101 -19.44 -44.78 2.40
C LYS J 101 -20.61 -45.34 3.18
N GLU J 102 -20.51 -46.60 3.63
CA GLU J 102 -21.64 -47.28 4.27
C GLU J 102 -21.61 -47.17 5.80
N ILE J 103 -20.42 -47.19 6.41
CA ILE J 103 -20.29 -47.35 7.85
C ILE J 103 -19.91 -46.05 8.56
N SER J 104 -19.80 -44.93 7.84
CA SER J 104 -19.36 -43.69 8.47
C SER J 104 -20.38 -43.10 9.42
N ASN J 105 -21.61 -43.62 9.45
CA ASN J 105 -22.67 -43.09 10.30
C ASN J 105 -22.31 -43.12 11.79
N TYR J 106 -21.50 -44.11 12.19
CA TYR J 106 -21.27 -44.42 13.60
C TYR J 106 -19.98 -43.83 14.16
N THR J 107 -19.30 -42.95 13.41
CA THR J 107 -17.99 -42.48 13.85
C THR J 107 -18.08 -41.69 15.15
N GLN J 108 -19.08 -40.81 15.26
CA GLN J 108 -19.25 -40.04 16.49
C GLN J 108 -19.57 -40.96 17.67
N ILE J 109 -20.45 -41.93 17.44
CA ILE J 109 -20.82 -42.88 18.49
C ILE J 109 -19.60 -43.70 18.91
N ILE J 110 -18.81 -44.14 17.92
CA ILE J 110 -17.63 -44.94 18.21
C ILE J 110 -16.62 -44.14 19.03
N TYR J 111 -16.41 -42.87 18.65
CA TYR J 111 -15.48 -42.03 19.42
C TYR J 111 -15.98 -41.80 20.84
N GLY J 112 -17.28 -41.56 21.02
CA GLY J 112 -17.82 -41.40 22.35
C GLY J 112 -17.63 -42.63 23.20
N LEU J 113 -17.95 -43.80 22.62
CA LEU J 113 -17.80 -45.06 23.33
C LEU J 113 -16.33 -45.33 23.67
N LEU J 114 -15.42 -44.95 22.78
CA LEU J 114 -13.99 -45.13 23.01
C LEU J 114 -13.50 -44.26 24.16
N GLU J 115 -13.84 -42.97 24.12
CA GLU J 115 -13.27 -42.04 25.09
C GLU J 115 -13.96 -42.12 26.45
N GLU J 116 -15.20 -42.60 26.52
CA GLU J 116 -15.85 -42.77 27.82
C GLU J 116 -15.32 -44.00 28.55
N SER J 117 -15.02 -45.08 27.81
CA SER J 117 -14.56 -46.31 28.42
C SER J 117 -13.04 -46.35 28.61
N GLN J 118 -12.30 -45.37 28.06
CA GLN J 118 -10.86 -45.39 28.20
C GLN J 118 -10.43 -45.14 29.65
N ASN J 119 -11.25 -44.38 30.39
CA ASN J 119 -10.88 -44.02 31.76
C ASN J 119 -10.82 -45.25 32.66
N GLN J 120 -11.74 -46.21 32.47
CA GLN J 120 -11.74 -47.40 33.30
C GLN J 120 -10.48 -48.24 33.11
N GLN J 121 -9.87 -48.16 31.93
CA GLN J 121 -8.67 -48.94 31.63
C GLN J 121 -7.41 -48.36 32.27
N GLU J 122 -7.47 -47.16 32.83
CA GLU J 122 -6.29 -46.49 33.38
C GLU J 122 -6.53 -46.08 34.83
N LYS J 123 -7.74 -45.67 35.17
CA LYS J 123 -8.03 -45.25 36.54
C LYS J 123 -7.94 -46.40 37.52
N ASN J 124 -8.30 -47.61 37.09
CA ASN J 124 -8.26 -48.79 37.94
C ASN J 124 -6.90 -49.48 37.95
N GLU J 125 -5.93 -48.98 37.17
CA GLU J 125 -4.59 -49.58 37.11
C GLU J 125 -3.52 -48.78 37.86
N GLN J 126 -3.75 -47.50 38.13
CA GLN J 126 -2.76 -46.70 38.83
C GLN J 126 -2.73 -46.98 40.33
N ASP J 127 -3.82 -47.49 40.91
CA ASP J 127 -3.92 -47.57 42.36
C ASP J 127 -3.04 -48.68 42.94
N LEU J 128 -3.08 -49.87 42.34
CA LEU J 128 -2.32 -51.01 42.88
C LEU J 128 -0.87 -51.02 42.43
N LEU J 129 -0.46 -50.08 41.56
CA LEU J 129 0.93 -50.04 41.11
C LEU J 129 1.89 -49.62 42.21
N ALA J 130 1.40 -49.12 43.35
CA ALA J 130 2.26 -48.75 44.46
C ALA J 130 2.89 -49.95 45.15
N LEU J 131 2.21 -51.10 45.15
CA LEU J 131 2.60 -52.20 46.03
C LEU J 131 3.91 -52.86 45.63
N ASP J 132 4.15 -53.02 44.33
CA ASP J 132 5.37 -53.68 43.87
C ASP J 132 6.60 -52.84 44.20
N GLN K 1 2.61 -4.48 -75.63
CA GLN K 1 3.98 -4.05 -75.23
C GLN K 1 3.93 -3.14 -74.01
N VAL K 2 4.81 -3.39 -73.05
CA VAL K 2 4.90 -2.58 -71.85
C VAL K 2 5.64 -1.29 -72.20
N GLN K 3 5.09 -0.16 -71.77
CA GLN K 3 5.58 1.16 -72.15
C GLN K 3 5.76 2.01 -70.89
N LEU K 4 6.90 2.72 -70.85
CA LEU K 4 7.20 3.61 -69.74
C LEU K 4 7.88 4.88 -70.25
N VAL K 5 7.50 5.35 -71.44
CA VAL K 5 8.24 6.40 -72.14
C VAL K 5 8.15 7.71 -71.36
N GLN K 6 9.27 8.42 -71.29
CA GLN K 6 9.38 9.72 -70.64
C GLN K 6 9.37 10.82 -71.69
N SER K 7 9.62 12.05 -71.25
CA SER K 7 9.74 13.17 -72.17
C SER K 7 11.14 13.19 -72.81
N GLY K 8 11.28 14.04 -73.83
CA GLY K 8 12.56 14.15 -74.51
C GLY K 8 13.55 15.01 -73.75
N ALA K 9 14.78 15.04 -74.25
CA ALA K 9 15.83 15.82 -73.63
C ALA K 9 15.61 17.31 -73.86
N GLU K 10 16.00 18.11 -72.86
CA GLU K 10 15.81 19.56 -72.90
C GLU K 10 16.95 20.25 -72.17
N VAL K 11 17.35 21.42 -72.67
CA VAL K 11 18.33 22.25 -71.99
C VAL K 11 17.63 23.09 -70.93
N LYS K 12 18.27 23.19 -69.76
CA LYS K 12 17.69 23.90 -68.61
C LYS K 12 18.73 24.84 -68.03
N ASN K 13 18.28 25.68 -67.09
CA ASN K 13 19.17 26.63 -66.43
C ASN K 13 19.86 25.97 -65.24
N PRO K 14 21.01 26.50 -64.81
CA PRO K 14 21.62 25.98 -63.58
C PRO K 14 20.87 26.48 -62.35
N GLY K 15 20.70 25.58 -61.38
CA GLY K 15 19.96 25.93 -60.18
C GLY K 15 18.46 25.96 -60.36
N ALA K 16 17.94 25.45 -61.48
CA ALA K 16 16.52 25.54 -61.75
C ALA K 16 15.77 24.40 -61.06
N SER K 17 14.44 24.51 -61.10
CA SER K 17 13.55 23.43 -60.73
C SER K 17 13.07 22.75 -62.01
N VAL K 18 13.24 21.44 -62.06
CA VAL K 18 13.11 20.65 -63.28
C VAL K 18 11.79 19.89 -63.22
N LYS K 19 11.30 19.47 -64.38
CA LYS K 19 10.15 18.58 -64.48
C LYS K 19 10.40 17.53 -65.55
N VAL K 20 10.09 16.28 -65.22
CA VAL K 20 10.23 15.13 -66.10
C VAL K 20 8.95 14.30 -66.01
N SER K 21 8.50 13.77 -67.13
CA SER K 21 7.24 13.03 -67.21
C SER K 21 7.49 11.53 -67.31
N CYS K 22 6.43 10.77 -67.05
CA CYS K 22 6.46 9.33 -67.32
C CYS K 22 5.02 8.85 -67.31
N ALA K 23 4.59 8.16 -68.37
CA ALA K 23 3.18 7.77 -68.56
C ALA K 23 3.10 6.27 -68.81
N PRO K 24 3.07 5.45 -67.77
CA PRO K 24 3.07 4.00 -67.98
C PRO K 24 1.81 3.50 -68.68
N SER K 25 1.99 2.41 -69.42
CA SER K 25 0.87 1.70 -70.02
C SER K 25 1.34 0.29 -70.33
N GLY K 26 0.42 -0.52 -70.85
CA GLY K 26 0.67 -1.95 -71.02
C GLY K 26 0.24 -2.69 -69.77
N TYR K 27 0.77 -2.26 -68.62
CA TYR K 27 0.28 -2.68 -67.32
C TYR K 27 -0.47 -1.52 -66.69
N THR K 28 -1.59 -1.81 -66.02
CA THR K 28 -2.40 -0.76 -65.43
C THR K 28 -1.61 -0.02 -64.36
N PHE K 29 -1.99 1.25 -64.14
CA PHE K 29 -1.11 2.16 -63.42
C PHE K 29 -0.93 1.75 -61.96
N THR K 30 -1.97 1.20 -61.35
CA THR K 30 -1.96 0.85 -59.94
C THR K 30 -1.42 -0.56 -59.68
N ASP K 31 -0.59 -1.08 -60.58
CA ASP K 31 -0.21 -2.47 -60.58
C ASP K 31 1.21 -2.72 -60.06
N PHE K 32 2.09 -1.72 -60.13
CA PHE K 32 3.49 -1.88 -59.79
C PHE K 32 4.00 -0.61 -59.11
N TYR K 33 5.06 -0.77 -58.31
CA TYR K 33 5.74 0.37 -57.72
C TYR K 33 6.50 1.12 -58.81
N ILE K 34 6.91 2.33 -58.47
CA ILE K 34 7.64 3.22 -59.37
C ILE K 34 8.89 3.74 -58.68
N HIS K 35 10.03 3.61 -59.37
CA HIS K 35 11.31 4.12 -58.90
C HIS K 35 11.92 5.08 -59.92
N TRP K 36 12.91 5.84 -59.47
CA TRP K 36 13.56 6.90 -60.26
C TRP K 36 15.06 6.97 -59.97
N VAL K 37 15.88 6.78 -61.01
CA VAL K 37 17.33 6.71 -60.84
C VAL K 37 18.01 7.71 -61.77
N ARG K 38 18.98 8.44 -61.26
CA ARG K 38 19.83 9.34 -62.03
C ARG K 38 21.21 8.71 -62.18
N LEU K 39 21.70 8.69 -63.43
CA LEU K 39 22.99 8.09 -63.73
C LEU K 39 24.05 9.18 -63.76
N ALA K 40 24.90 9.22 -62.73
CA ALA K 40 26.10 10.05 -62.81
C ALA K 40 26.95 9.44 -63.91
N PRO K 41 27.12 10.12 -65.07
CA PRO K 41 27.61 9.42 -66.25
C PRO K 41 29.07 8.99 -66.13
N GLY K 42 29.31 7.91 -65.39
CA GLY K 42 30.63 7.38 -65.15
C GLY K 42 30.87 7.09 -63.68
N GLN K 43 30.27 7.91 -62.81
CA GLN K 43 30.40 7.74 -61.37
C GLN K 43 29.27 6.86 -60.85
N GLY K 44 29.20 6.73 -59.53
CA GLY K 44 28.12 5.98 -58.93
C GLY K 44 26.77 6.64 -59.17
N LEU K 45 25.79 5.83 -59.54
CA LEU K 45 24.46 6.35 -59.84
C LEU K 45 23.82 6.88 -58.56
N GLU K 46 23.01 7.93 -58.72
CA GLU K 46 22.36 8.61 -57.61
C GLU K 46 20.85 8.44 -57.74
N TRP K 47 20.20 8.10 -56.63
CA TRP K 47 18.82 7.64 -56.61
C TRP K 47 17.91 8.70 -55.98
N LEU K 48 16.75 8.93 -56.60
CA LEU K 48 15.93 10.12 -56.34
C LEU K 48 14.62 9.83 -55.61
N GLY K 49 14.37 8.59 -55.16
CA GLY K 49 13.16 8.25 -54.45
C GLY K 49 12.25 7.34 -55.25
N TRP K 50 11.24 6.79 -54.56
CA TRP K 50 10.24 5.92 -55.16
C TRP K 50 8.85 6.39 -54.80
N MET K 51 7.88 5.97 -55.62
CA MET K 51 6.48 6.34 -55.49
C MET K 51 5.66 5.06 -55.35
N ASN K 52 4.63 5.12 -54.51
CA ASN K 52 3.61 4.09 -54.43
C ASN K 52 2.37 4.60 -55.15
N PRO K 53 1.91 4.02 -56.27
CA PRO K 53 0.73 4.58 -56.94
C PRO K 53 -0.56 4.38 -56.16
N LYS K 54 -0.55 3.59 -55.07
CA LYS K 54 -1.75 3.42 -54.26
C LYS K 54 -1.92 4.48 -53.19
N THR K 55 -0.90 5.29 -52.90
CA THR K 55 -0.96 6.25 -51.81
C THR K 55 -0.28 7.56 -52.22
N GLY K 56 -0.22 8.48 -51.26
CA GLY K 56 0.50 9.73 -51.36
C GLY K 56 1.82 9.76 -50.60
N ARG K 57 2.33 8.60 -50.19
CA ARG K 57 3.56 8.53 -49.44
C ARG K 57 4.77 8.47 -50.36
N THR K 58 5.89 9.03 -49.89
CA THR K 58 7.14 9.01 -50.62
C THR K 58 8.29 8.81 -49.62
N ASN K 59 9.42 8.34 -50.14
CA ASN K 59 10.58 7.99 -49.31
C ASN K 59 11.85 8.66 -49.82
N GLN K 60 11.79 9.98 -50.04
CA GLN K 60 12.97 10.74 -50.47
C GLN K 60 14.12 10.53 -49.49
N GLY K 61 15.32 10.34 -50.04
CA GLY K 61 16.46 9.89 -49.25
C GLY K 61 17.18 11.02 -48.54
N GLN K 62 18.28 10.64 -47.88
CA GLN K 62 19.07 11.61 -47.11
C GLN K 62 19.78 12.60 -48.02
N ASN K 63 20.21 12.18 -49.21
CA ASN K 63 20.72 13.14 -50.19
C ASN K 63 19.66 14.14 -50.60
N PHE K 64 18.39 13.72 -50.64
CA PHE K 64 17.29 14.54 -51.14
C PHE K 64 16.24 14.77 -50.06
N GLN K 65 16.66 14.85 -48.80
CA GLN K 65 15.76 15.09 -47.69
C GLN K 65 15.04 16.42 -47.87
N GLY K 66 13.71 16.37 -47.99
CA GLY K 66 12.93 17.57 -48.21
C GLY K 66 13.34 18.37 -49.42
N ARG K 67 13.89 17.71 -50.45
CA ARG K 67 14.51 18.36 -51.59
C ARG K 67 14.08 17.80 -52.93
N VAL K 68 13.41 16.65 -52.97
CA VAL K 68 12.76 16.13 -54.16
C VAL K 68 11.30 15.86 -53.83
N THR K 69 10.44 15.94 -54.85
CA THR K 69 9.01 15.71 -54.69
C THR K 69 8.47 15.09 -55.98
N MET K 70 7.35 14.40 -55.87
CA MET K 70 6.79 13.67 -57.00
C MET K 70 5.28 13.60 -56.83
N THR K 71 4.57 13.68 -57.95
CA THR K 71 3.12 13.82 -57.96
C THR K 71 2.54 12.83 -58.97
N ARG K 72 1.29 12.44 -58.75
CA ARG K 72 0.66 11.38 -59.52
C ARG K 72 -0.78 11.76 -59.81
N ASP K 73 -1.28 11.29 -60.96
CA ASP K 73 -2.70 11.35 -61.30
C ASP K 73 -3.17 9.93 -61.61
N THR K 74 -4.16 9.45 -60.85
CA THR K 74 -4.53 8.04 -60.92
C THR K 74 -5.19 7.70 -62.24
N SER K 75 -6.19 8.49 -62.65
CA SER K 75 -7.00 8.10 -63.80
C SER K 75 -6.28 8.32 -65.13
N ILE K 76 -5.52 9.42 -65.24
CA ILE K 76 -4.91 9.77 -66.52
C ILE K 76 -3.65 8.96 -66.79
N GLY K 77 -2.96 8.49 -65.75
CA GLY K 77 -1.83 7.59 -65.95
C GLY K 77 -0.51 8.29 -66.19
N THR K 78 -0.06 9.09 -65.23
CA THR K 78 1.19 9.82 -65.36
C THR K 78 1.84 9.97 -63.99
N ALA K 79 3.17 10.10 -64.00
CA ALA K 79 3.91 10.43 -62.80
C ALA K 79 4.96 11.49 -63.11
N TYR K 80 5.30 12.31 -62.10
CA TYR K 80 6.21 13.44 -62.31
C TYR K 80 7.30 13.48 -61.25
N MET K 81 8.43 14.12 -61.59
CA MET K 81 9.45 14.60 -60.63
C MET K 81 9.63 16.11 -60.52
N GLU K 82 10.38 16.51 -59.48
CA GLU K 82 10.92 17.86 -59.28
C GLU K 82 12.20 17.79 -58.45
N LEU K 83 13.30 18.41 -58.94
CA LEU K 83 14.53 18.53 -58.15
C LEU K 83 14.92 19.99 -58.03
N ARG K 84 15.00 20.46 -56.79
CA ARG K 84 15.23 21.88 -56.53
C ARG K 84 16.72 22.17 -56.58
N SER K 85 17.08 23.27 -57.23
CA SER K 85 18.46 23.74 -57.30
C SER K 85 19.39 22.74 -57.97
N LEU K 86 19.20 22.54 -59.29
CA LEU K 86 20.14 21.73 -60.07
C LEU K 86 21.56 22.23 -59.88
N THR K 87 22.51 21.28 -59.93
CA THR K 87 23.92 21.58 -59.79
C THR K 87 24.67 20.90 -60.94
N SER K 88 25.98 21.16 -61.00
CA SER K 88 26.78 20.75 -62.16
C SER K 88 26.82 19.23 -62.31
N ASP K 89 27.03 18.51 -61.22
CA ASP K 89 27.22 17.07 -61.30
C ASP K 89 25.96 16.31 -61.71
N ASP K 90 24.78 16.88 -61.46
CA ASP K 90 23.52 16.21 -61.79
C ASP K 90 22.96 16.62 -63.14
N THR K 91 23.72 17.35 -63.96
CA THR K 91 23.35 17.61 -65.35
C THR K 91 23.61 16.35 -66.19
N ALA K 92 22.77 15.34 -65.96
CA ALA K 92 22.96 14.01 -66.52
C ALA K 92 21.63 13.42 -66.96
N VAL K 93 21.61 12.11 -67.23
CA VAL K 93 20.42 11.43 -67.77
C VAL K 93 19.58 10.94 -66.59
N TYR K 94 18.25 11.10 -66.72
CA TYR K 94 17.29 10.69 -65.71
C TYR K 94 16.40 9.60 -66.29
N TYR K 95 16.03 8.60 -65.47
CA TYR K 95 15.31 7.43 -65.94
C TYR K 95 14.06 7.15 -65.11
N CYS K 96 13.07 6.55 -65.76
CA CYS K 96 11.83 6.09 -65.15
C CYS K 96 11.94 4.58 -64.99
N VAL K 97 11.34 4.02 -63.92
CA VAL K 97 11.53 2.62 -63.54
C VAL K 97 10.19 1.99 -63.20
N THR K 98 10.04 0.70 -63.52
CA THR K 98 8.93 -0.11 -63.04
C THR K 98 9.39 -0.92 -61.82
N GLY K 99 8.59 -0.90 -60.77
CA GLY K 99 8.90 -1.59 -59.53
C GLY K 99 8.29 -2.98 -59.46
N ALA K 100 8.29 -3.53 -58.25
CA ALA K 100 7.71 -4.84 -58.00
C ALA K 100 6.20 -4.72 -57.81
N TRP K 101 5.54 -5.87 -57.78
CA TRP K 101 4.09 -5.90 -57.65
C TRP K 101 3.68 -5.56 -56.23
N ILE K 102 2.51 -4.94 -56.09
CA ILE K 102 2.04 -4.38 -54.82
C ILE K 102 1.13 -5.40 -54.16
N SER K 103 1.68 -6.12 -53.17
CA SER K 103 0.86 -6.96 -52.30
C SER K 103 0.54 -6.20 -51.02
N ASP K 104 -0.76 -6.18 -50.67
CA ASP K 104 -1.24 -5.40 -49.55
C ASP K 104 -1.25 -6.19 -48.24
N TYR K 105 -0.40 -7.22 -48.15
CA TYR K 105 -0.15 -7.95 -46.91
C TYR K 105 1.28 -7.75 -46.41
N TYR K 106 2.17 -7.22 -47.24
CA TYR K 106 3.54 -6.91 -46.82
C TYR K 106 4.10 -5.83 -47.73
N ASP K 107 5.18 -5.21 -47.27
CA ASP K 107 5.86 -4.18 -48.05
C ASP K 107 6.80 -4.79 -49.07
N SER K 108 6.77 -4.24 -50.30
CA SER K 108 7.67 -4.68 -51.36
C SER K 108 8.21 -3.51 -52.17
N SER K 109 8.17 -2.29 -51.63
CA SER K 109 8.71 -1.14 -52.36
C SER K 109 10.23 -1.13 -52.36
N TYR K 110 10.87 -1.81 -51.42
CA TYR K 110 12.31 -1.72 -51.24
C TYR K 110 13.09 -2.78 -52.02
N TYR K 111 12.43 -3.59 -52.84
CA TYR K 111 13.15 -4.56 -53.66
C TYR K 111 13.89 -3.84 -54.78
N PRO K 112 15.23 -4.06 -54.95
CA PRO K 112 15.92 -3.45 -56.10
C PRO K 112 15.84 -4.30 -57.35
N ASN K 113 14.64 -4.75 -57.71
CA ASN K 113 14.41 -5.62 -58.86
C ASN K 113 13.41 -4.95 -59.79
N PHE K 114 13.82 -4.74 -61.03
CA PHE K 114 13.07 -3.99 -62.02
C PHE K 114 13.01 -4.79 -63.32
N ASP K 115 12.03 -4.47 -64.16
CA ASP K 115 11.84 -5.18 -65.42
C ASP K 115 11.55 -4.29 -66.62
N HIS K 116 11.22 -3.01 -66.43
CA HIS K 116 10.97 -2.11 -67.56
C HIS K 116 11.46 -0.72 -67.18
N TRP K 117 11.82 0.05 -68.21
CA TRP K 117 12.50 1.34 -68.03
C TRP K 117 11.93 2.37 -69.00
N GLY K 118 12.04 3.63 -68.61
CA GLY K 118 11.93 4.71 -69.57
C GLY K 118 13.19 4.82 -70.41
N GLN K 119 13.07 5.50 -71.55
CA GLN K 119 14.20 5.58 -72.47
C GLN K 119 15.37 6.39 -71.90
N GLY K 120 15.12 7.29 -70.95
CA GLY K 120 16.17 8.11 -70.35
C GLY K 120 16.17 9.53 -70.87
N THR K 121 15.89 10.48 -69.97
CA THR K 121 15.81 11.89 -70.34
C THR K 121 17.09 12.62 -69.96
N LEU K 122 17.70 13.28 -70.94
CA LEU K 122 18.94 14.02 -70.74
C LEU K 122 18.64 15.50 -70.52
N VAL K 123 19.40 16.11 -69.59
CA VAL K 123 19.30 17.54 -69.32
C VAL K 123 20.72 18.11 -69.28
N THR K 124 20.85 19.34 -69.76
CA THR K 124 22.14 20.02 -69.85
C THR K 124 21.92 21.50 -69.55
N VAL K 125 22.98 22.16 -69.10
CA VAL K 125 22.96 23.57 -68.74
C VAL K 125 24.11 24.27 -69.43
N SER K 126 23.85 25.48 -69.94
CA SER K 126 24.88 26.31 -70.55
C SER K 126 24.43 27.75 -70.50
N SER K 127 25.39 28.66 -70.64
CA SER K 127 25.10 30.09 -70.61
C SER K 127 24.31 30.51 -71.84
N LEU L 1 26.40 9.43 -48.41
CA LEU L 1 25.69 8.15 -48.09
C LEU L 1 26.58 6.96 -48.43
N PRO L 2 26.35 5.79 -47.78
CA PRO L 2 27.26 4.65 -48.03
C PRO L 2 27.06 4.01 -49.39
N VAL L 3 27.65 4.61 -50.43
CA VAL L 3 27.66 3.99 -51.74
C VAL L 3 28.48 2.71 -51.67
N LEU L 4 28.01 1.68 -52.37
CA LEU L 4 28.71 0.39 -52.35
C LEU L 4 30.09 0.53 -52.98
N THR L 5 31.07 -0.15 -52.38
CA THR L 5 32.47 -0.02 -52.79
C THR L 5 32.81 -0.99 -53.93
N GLN L 6 32.38 -0.62 -55.13
CA GLN L 6 32.68 -1.44 -56.30
C GLN L 6 34.15 -1.28 -56.70
N PRO L 7 34.82 -2.36 -57.16
CA PRO L 7 36.12 -2.18 -57.82
C PRO L 7 35.95 -1.66 -59.24
N ALA L 8 35.91 -0.34 -59.39
CA ALA L 8 35.44 0.34 -60.60
C ALA L 8 36.22 -0.05 -61.89
N SER L 9 37.26 -0.87 -61.90
CA SER L 9 37.89 -1.32 -63.14
C SER L 9 38.37 -2.75 -62.98
N VAL L 10 37.96 -3.61 -63.91
CA VAL L 10 38.34 -5.02 -63.91
C VAL L 10 38.71 -5.39 -65.34
N SER L 11 39.50 -6.45 -65.48
CA SER L 11 40.03 -6.84 -66.78
C SER L 11 40.51 -8.29 -66.72
N GLY L 12 41.13 -8.71 -67.81
CA GLY L 12 41.67 -10.05 -67.95
C GLY L 12 42.29 -10.20 -69.32
N SER L 13 42.84 -11.39 -69.56
CA SER L 13 43.32 -11.78 -70.89
C SER L 13 42.11 -12.19 -71.71
N PRO L 14 42.25 -12.48 -73.05
CA PRO L 14 41.08 -12.59 -73.93
C PRO L 14 39.97 -13.51 -73.46
N GLY L 15 38.80 -12.92 -73.22
CA GLY L 15 37.61 -13.67 -72.81
C GLY L 15 37.71 -14.39 -71.49
N GLN L 16 38.32 -13.76 -70.49
CA GLN L 16 38.51 -14.37 -69.18
C GLN L 16 37.42 -13.93 -68.21
N SER L 17 37.44 -14.56 -67.03
CA SER L 17 36.52 -14.26 -65.95
C SER L 17 36.93 -12.97 -65.24
N ILE L 18 35.99 -12.44 -64.44
CA ILE L 18 36.27 -11.39 -63.47
C ILE L 18 35.55 -11.75 -62.17
N THR L 19 36.06 -11.22 -61.05
CA THR L 19 35.55 -11.51 -59.71
C THR L 19 35.28 -10.19 -58.99
N ILE L 20 34.03 -9.72 -59.09
CA ILE L 20 33.63 -8.46 -58.47
C ILE L 20 33.16 -8.73 -57.06
N SER L 21 33.34 -7.76 -56.16
CA SER L 21 32.80 -7.83 -54.81
C SER L 21 32.69 -6.42 -54.24
N CYS L 22 31.46 -5.94 -54.10
CA CYS L 22 31.20 -4.61 -53.55
C CYS L 22 30.64 -4.76 -52.15
N THR L 23 31.25 -4.03 -51.21
CA THR L 23 31.09 -4.27 -49.78
C THR L 23 30.17 -3.23 -49.16
N GLY L 24 29.48 -3.64 -48.10
CA GLY L 24 28.60 -2.76 -47.35
C GLY L 24 28.82 -2.87 -45.85
N THR L 25 27.77 -3.20 -45.12
CA THR L 25 27.76 -3.29 -43.67
C THR L 25 26.92 -4.48 -43.25
N ILE L 26 26.89 -4.73 -41.94
CA ILE L 26 26.06 -5.80 -41.39
C ILE L 26 24.56 -5.52 -41.58
N TYR L 27 24.17 -4.24 -41.65
CA TYR L 27 22.75 -3.90 -41.70
C TYR L 27 22.15 -4.19 -43.07
N ASP L 28 22.89 -3.89 -44.13
CA ASP L 28 22.47 -4.08 -45.51
C ASP L 28 22.64 -5.54 -45.91
N VAL L 29 22.87 -5.82 -47.21
CA VAL L 29 22.38 -6.97 -47.98
C VAL L 29 22.28 -8.26 -47.18
N GLY L 30 23.27 -8.56 -46.35
CA GLY L 30 23.34 -9.84 -45.64
C GLY L 30 22.08 -10.28 -44.90
N LYS L 31 21.20 -9.33 -44.57
CA LYS L 31 19.94 -9.66 -43.90
C LYS L 31 18.87 -10.22 -44.84
N PHE L 32 18.99 -9.99 -46.16
CA PHE L 32 18.01 -10.44 -47.13
C PHE L 32 18.72 -11.01 -48.35
N ASP L 33 17.92 -11.52 -49.29
CA ASP L 33 18.39 -11.97 -50.59
C ASP L 33 18.21 -10.92 -51.68
N LEU L 34 18.06 -9.65 -51.30
CA LEU L 34 17.73 -8.58 -52.25
C LEU L 34 19.01 -8.00 -52.84
N VAL L 35 19.40 -8.56 -53.98
CA VAL L 35 20.58 -8.15 -54.73
C VAL L 35 20.23 -8.12 -56.20
N SER L 36 20.77 -7.14 -56.93
CA SER L 36 20.58 -7.05 -58.37
C SER L 36 21.75 -6.30 -58.97
N TRP L 37 22.06 -6.64 -60.23
CA TRP L 37 23.16 -6.05 -60.97
C TRP L 37 22.63 -5.58 -62.32
N TYR L 38 23.15 -4.45 -62.79
CA TYR L 38 22.69 -3.83 -64.03
C TYR L 38 23.89 -3.46 -64.88
N GLN L 39 23.74 -3.61 -66.19
CA GLN L 39 24.79 -3.24 -67.14
C GLN L 39 24.51 -1.87 -67.71
N HIS L 40 25.52 -1.02 -67.71
CA HIS L 40 25.44 0.33 -68.23
C HIS L 40 26.15 0.42 -69.58
N HIS L 41 25.45 0.95 -70.57
CA HIS L 41 26.01 1.24 -71.89
C HIS L 41 25.43 2.57 -72.36
N PRO L 42 26.17 3.38 -73.11
CA PRO L 42 25.57 4.60 -73.67
C PRO L 42 24.46 4.26 -74.65
N GLY L 43 23.42 5.10 -74.66
CA GLY L 43 22.34 4.96 -75.63
C GLY L 43 21.23 4.01 -75.25
N LYS L 44 21.29 3.38 -74.08
CA LYS L 44 20.21 2.50 -73.64
C LYS L 44 20.18 2.46 -72.13
N ALA L 45 19.03 2.05 -71.59
CA ALA L 45 18.79 2.04 -70.17
C ALA L 45 19.62 0.95 -69.50
N PRO L 46 19.80 1.01 -68.16
CA PRO L 46 20.53 -0.08 -67.47
C PRO L 46 19.87 -1.43 -67.70
N LYS L 47 20.68 -2.43 -68.04
CA LYS L 47 20.17 -3.71 -68.54
C LYS L 47 20.05 -4.70 -67.38
N TYR L 48 18.83 -5.11 -67.10
CA TYR L 48 18.52 -6.02 -66.01
C TYR L 48 19.07 -7.41 -66.29
N LEU L 49 20.07 -7.83 -65.51
CA LEU L 49 20.80 -9.07 -65.78
C LEU L 49 21.04 -10.00 -64.58
N ILE L 50 20.80 -9.56 -63.34
CA ILE L 50 20.87 -10.46 -62.18
C ILE L 50 19.87 -9.95 -61.15
N TYR L 51 19.20 -10.88 -60.47
CA TYR L 51 18.35 -10.52 -59.35
C TYR L 51 18.31 -11.68 -58.36
N GLU L 52 17.97 -11.35 -57.12
CA GLU L 52 17.77 -12.30 -56.03
C GLU L 52 18.96 -13.24 -55.85
N VAL L 53 20.17 -12.70 -56.01
CA VAL L 53 21.40 -13.46 -55.81
C VAL L 53 21.45 -14.58 -56.85
N LYS L 54 21.06 -15.80 -56.47
CA LYS L 54 21.24 -16.99 -57.31
C LYS L 54 20.07 -17.23 -58.27
N LYS L 55 19.76 -16.24 -59.11
CA LYS L 55 18.71 -16.40 -60.11
C LYS L 55 19.00 -15.43 -61.25
N TRP L 56 18.42 -15.73 -62.43
CA TRP L 56 18.75 -15.05 -63.66
C TRP L 56 17.48 -14.50 -64.33
N PRO L 57 17.53 -13.30 -64.92
CA PRO L 57 16.46 -12.89 -65.83
C PRO L 57 16.44 -13.72 -67.10
N SER L 58 15.47 -13.38 -67.98
CA SER L 58 15.30 -14.14 -69.22
C SER L 58 16.41 -13.84 -70.22
N GLY L 59 16.75 -12.56 -70.41
CA GLY L 59 17.73 -12.18 -71.40
C GLY L 59 19.16 -12.27 -70.87
N VAL L 60 19.52 -13.44 -70.35
CA VAL L 60 20.80 -13.62 -69.67
C VAL L 60 21.31 -15.03 -69.96
N SER L 61 22.63 -15.14 -70.08
CA SER L 61 23.32 -16.42 -70.13
C SER L 61 23.86 -16.71 -68.73
N HIS L 62 23.89 -17.99 -68.37
CA HIS L 62 24.31 -18.39 -67.02
C HIS L 62 25.82 -18.21 -66.76
N ARG L 63 26.58 -17.62 -67.69
CA ARG L 63 27.91 -17.14 -67.35
C ARG L 63 27.86 -16.14 -66.19
N PHE L 64 26.81 -15.33 -66.14
CA PHE L 64 26.54 -14.45 -65.01
C PHE L 64 25.78 -15.23 -63.95
N SER L 65 26.12 -15.00 -62.69
CA SER L 65 25.42 -15.64 -61.57
C SER L 65 25.75 -14.91 -60.28
N GLY L 66 24.73 -14.50 -59.55
CA GLY L 66 24.95 -13.84 -58.28
C GLY L 66 25.33 -14.82 -57.18
N SER L 67 25.90 -14.28 -56.11
CA SER L 67 26.31 -15.09 -54.97
C SER L 67 26.29 -14.23 -53.72
N LYS L 68 25.70 -14.77 -52.65
CA LYS L 68 25.60 -14.06 -51.38
C LYS L 68 26.86 -14.28 -50.55
N SER L 69 27.36 -13.18 -49.96
CA SER L 69 28.50 -13.26 -49.04
C SER L 69 28.30 -12.35 -47.83
N GLY L 70 27.06 -12.15 -47.41
CA GLY L 70 26.78 -11.37 -46.21
C GLY L 70 27.03 -9.88 -46.39
N ASN L 71 28.12 -9.39 -45.78
CA ASN L 71 28.43 -7.97 -45.81
C ASN L 71 28.75 -7.44 -47.19
N THR L 72 29.04 -8.31 -48.16
CA THR L 72 29.38 -7.90 -49.52
C THR L 72 28.68 -8.82 -50.51
N ALA L 73 28.41 -8.27 -51.69
CA ALA L 73 27.79 -8.99 -52.80
C ALA L 73 28.79 -9.12 -53.93
N SER L 74 28.82 -10.29 -54.57
CA SER L 74 29.88 -10.65 -55.50
C SER L 74 29.31 -11.31 -56.75
N LEU L 75 30.07 -11.23 -57.85
CA LEU L 75 29.82 -11.97 -59.07
C LEU L 75 31.04 -12.82 -59.39
N THR L 76 30.83 -13.91 -60.13
CA THR L 76 31.90 -14.74 -60.66
C THR L 76 31.54 -15.07 -62.11
N ILE L 77 31.90 -14.17 -63.02
CA ILE L 77 31.60 -14.32 -64.44
C ILE L 77 32.59 -15.32 -65.02
N SER L 78 32.22 -15.95 -66.15
CA SER L 78 33.10 -16.86 -66.86
C SER L 78 32.87 -16.73 -68.36
N GLY L 79 33.96 -16.49 -69.10
CA GLY L 79 33.90 -16.44 -70.54
C GLY L 79 33.27 -15.17 -71.11
N LEU L 80 33.92 -14.03 -70.91
CA LEU L 80 33.38 -12.77 -71.40
C LEU L 80 33.50 -12.68 -72.91
N GLN L 81 32.67 -11.80 -73.50
CA GLN L 81 32.67 -11.51 -74.93
C GLN L 81 32.46 -10.01 -75.12
N VAL L 82 32.43 -9.58 -76.37
CA VAL L 82 32.39 -8.15 -76.68
C VAL L 82 31.12 -7.50 -76.13
N GLU L 83 29.98 -8.17 -76.25
CA GLU L 83 28.75 -7.64 -75.69
C GLU L 83 28.78 -7.54 -74.17
N ASP L 84 29.62 -8.35 -73.51
CA ASP L 84 29.78 -8.32 -72.06
C ASP L 84 31.00 -7.51 -71.63
N GLU L 85 31.56 -6.67 -72.51
CA GLU L 85 32.72 -5.86 -72.18
C GLU L 85 32.34 -4.50 -71.60
N ALA L 86 31.07 -4.32 -71.25
CA ALA L 86 30.58 -3.02 -70.80
C ALA L 86 30.67 -2.89 -69.28
N ASP L 87 30.08 -1.82 -68.73
CA ASP L 87 30.10 -1.54 -67.30
C ASP L 87 28.98 -2.31 -66.63
N TYR L 88 29.20 -2.67 -65.36
CA TYR L 88 28.21 -3.37 -64.53
C TYR L 88 28.11 -2.69 -63.18
N TYR L 89 26.88 -2.48 -62.70
CA TYR L 89 26.64 -1.97 -61.36
C TYR L 89 26.24 -3.10 -60.43
N CYS L 90 26.38 -2.87 -59.12
CA CYS L 90 25.78 -3.72 -58.10
C CYS L 90 24.76 -2.90 -57.32
N CYS L 91 23.54 -3.42 -57.23
CA CYS L 91 22.45 -2.74 -56.54
C CYS L 91 22.02 -3.60 -55.36
N SER L 92 21.37 -2.95 -54.38
CA SER L 92 21.15 -3.57 -53.09
C SER L 92 19.94 -2.97 -52.40
N PHE L 93 19.41 -3.71 -51.42
CA PHE L 93 18.53 -3.13 -50.43
C PHE L 93 19.37 -2.40 -49.38
N GLY L 94 19.30 -1.08 -49.37
CA GLY L 94 20.19 -0.25 -48.60
C GLY L 94 19.85 -0.09 -47.14
N GLY L 95 19.09 -1.00 -46.55
CA GLY L 95 18.69 -0.83 -45.16
C GLY L 95 17.71 0.32 -45.06
N SER L 96 17.94 1.22 -44.10
CA SER L 96 17.11 2.39 -43.92
C SER L 96 17.15 3.29 -45.14
N ALA L 97 16.07 3.39 -45.93
CA ALA L 97 14.79 2.67 -45.92
C ALA L 97 14.40 2.33 -47.36
N ALA L 98 15.41 2.16 -48.21
CA ALA L 98 15.17 1.96 -49.64
C ALA L 98 16.48 1.52 -50.30
N VAL L 99 16.47 1.53 -51.63
CA VAL L 99 17.57 0.95 -52.39
C VAL L 99 18.81 1.84 -52.37
N VAL L 100 19.97 1.22 -52.60
CA VAL L 100 21.23 1.91 -52.88
C VAL L 100 22.00 1.05 -53.89
N CYS L 101 22.90 1.70 -54.63
CA CYS L 101 23.64 1.04 -55.70
C CYS L 101 25.08 1.55 -55.70
N GLY L 102 25.94 0.79 -56.38
CA GLY L 102 27.37 0.99 -56.32
C GLY L 102 27.92 1.90 -57.39
N GLY L 103 29.25 1.88 -57.53
CA GLY L 103 30.00 2.76 -58.39
C GLY L 103 30.27 2.26 -59.79
N GLY L 104 29.66 1.15 -60.20
CA GLY L 104 29.94 0.56 -61.49
C GLY L 104 31.28 -0.15 -61.51
N THR L 105 31.57 -0.80 -62.63
CA THR L 105 32.91 -1.31 -62.90
C THR L 105 33.05 -1.57 -64.39
N LYS L 106 33.98 -0.86 -65.02
CA LYS L 106 34.23 -1.02 -66.45
C LYS L 106 35.06 -2.29 -66.67
N VAL L 107 34.55 -3.19 -67.50
CA VAL L 107 35.21 -4.46 -67.79
C VAL L 107 36.02 -4.28 -69.08
N THR L 108 37.34 -4.11 -68.93
CA THR L 108 38.23 -3.86 -70.06
C THR L 108 38.97 -5.13 -70.47
N VAL L 109 38.31 -6.28 -70.37
CA VAL L 109 38.93 -7.53 -70.75
C VAL L 109 39.31 -7.51 -72.24
N LEU L 110 40.41 -8.19 -72.56
CA LEU L 110 40.86 -8.26 -73.94
C LEU L 110 39.90 -9.13 -74.76
N GLY L 111 40.10 -9.11 -76.08
CA GLY L 111 39.29 -9.89 -76.99
C GLY L 111 37.94 -9.27 -77.25
#